data_6N51
#
_entry.id   6N51
#
_cell.length_a   1
_cell.length_b   1
_cell.length_c   1
_cell.angle_alpha   90
_cell.angle_beta   90
_cell.angle_gamma   90
#
_symmetry.space_group_name_H-M   'P 1'
#
loop_
_entity.id
_entity.type
_entity.pdbx_description
1 polymer 'Metabotropic glutamate receptor 5'
2 polymer 'Nanobody 43'
3 non-polymer 2-acetamido-2-deoxy-beta-D-glucopyranose
4 non-polymer '(S)-2-AMINO-3-(3,5-DIOXO-[1,2,4]OXADIAZOLIDIN-2-YL)-PROPIONIC ACID'
#
loop_
_entity_poly.entity_id
_entity_poly.type
_entity_poly.pdbx_seq_one_letter_code
_entity_poly.pdbx_strand_id
1 'polypeptide(L)'
;SERRVVAHMPGDIIIGALFSVHHQPTVDKVHERKCGAVREQYGIQRVEAMLHTLERINSDPTLLPNITLGCEIRDSCWHS
AVALEQSIEFIRDSLISSEEEEGLVRCVDGSSSSFRSKKPIVGVIGPGSSSVAIQVQNLLQLFNIPQIAYSATSMDLSDK
TLFKYFMRVVPSDAQQARAMVDIVKRYNWTYVSAVHTEGNYGESGMEAFKDMSAKEGICIAHSYKIYSNAGEQSFDKLLK
KLTSHLPKARVVACFCEGMTVRGLLMAMRRLGLAGEFLLLGSDGWADRYDVTDGYQREAVGGITIKLQSPDVKWFDDYYL
KLRPETNHRNPWFQEFWQHRFQCRLEGFPQENSKYNKTCNSSLTLKTHHVQDSKMGFVINAIYSMAYGLHNMQMSLCPGY
AGLCDAMKPIDGRKLLESLMKTNFTGVSGDTILFDENGDSPGRYEIMNFKEMGKDYFDYINVGSWDNGELKMDDDEVWSK
KSNIIRSVCSEPCEKGQIKVIRKGEVSCCWTCTPCKENEYVFDEYTCKACQLGSWPTDDLTGCDLIPVQYLRWGDPEPIA
AVVFACLGLLATLFVTVVFIIYRDTPVVKSSSRELCYIILAGICLGYLCTFCLIAKPKQIYCYLQRIGIGLSPAMSYSAL
VTKTNRIARILAGSKKKICTKKPRFMSACAQLVIAFILICIQLGIIVALFIMEPPDIMHDYPSIREVYLICNTTNLGVVT
PLGYNGLLILSCTFYAFKTRNVPANFNEAKYIAFTMYTTCIIWLAFVPIYFGSNYKIITMCFSVSLSATVALGCMFVPKV
YIIL
;
B,A
2 'polypeptide(L)'
;QVQLVESGGGLVQAGGSLRLSCAASGRTFTSYAMGWFRQAPGKERESVAAISSSGGSTHYADSVKGRFTISRDNSKNTVY
LQMNSLKPEDTAVYYCAAAMYGSRWPDWEYDYWGQGTQVTVSS
;
C,D
#
loop_
_chem_comp.id
_chem_comp.type
_chem_comp.name
_chem_comp.formula
NAG D-saccharide, beta linking 2-acetamido-2-deoxy-beta-D-glucopyranose 'C8 H15 N O6'
QUS non-polymer '(S)-2-AMINO-3-(3,5-DIOXO-[1,2,4]OXADIAZOLIDIN-2-YL)-PROPIONIC ACID' 'C5 H7 N3 O5'
#
# COMPACT_ATOMS: atom_id res chain seq x y z
N SER A 1 -27.45 32.51 25.66
CA SER A 1 -28.79 32.15 26.14
C SER A 1 -29.77 32.03 24.98
N GLU A 2 -29.39 31.27 23.96
CA GLU A 2 -30.19 31.11 22.77
C GLU A 2 -31.12 29.91 22.92
N ARG A 3 -32.33 30.04 22.38
CA ARG A 3 -33.30 28.96 22.37
C ARG A 3 -33.87 28.75 20.98
N ARG A 4 -34.08 27.50 20.62
CA ARG A 4 -34.63 27.17 19.31
C ARG A 4 -36.15 27.25 19.37
N VAL A 5 -36.81 26.87 18.27
CA VAL A 5 -38.25 26.92 18.17
C VAL A 5 -38.76 25.54 17.77
N VAL A 6 -39.53 24.92 18.64
CA VAL A 6 -40.11 23.63 18.34
C VAL A 6 -41.31 23.82 17.41
N ALA A 7 -41.52 22.87 16.52
CA ALA A 7 -42.69 22.86 15.65
C ALA A 7 -43.57 21.71 16.13
N HIS A 8 -44.40 22.00 17.12
CA HIS A 8 -45.17 20.95 17.79
C HIS A 8 -46.58 20.89 17.23
N MET A 9 -47.15 19.69 17.28
CA MET A 9 -48.56 19.46 17.04
C MET A 9 -49.07 18.61 18.20
N PRO A 10 -50.18 18.99 18.83
CA PRO A 10 -50.67 18.22 19.98
C PRO A 10 -51.28 16.90 19.56
N GLY A 11 -51.31 15.98 20.50
CA GLY A 11 -51.90 14.67 20.27
C GLY A 11 -51.75 13.81 21.50
N ASP A 12 -52.24 12.58 21.38
CA ASP A 12 -52.14 11.65 22.48
C ASP A 12 -50.80 10.94 22.52
N ILE A 13 -50.16 10.76 21.37
CA ILE A 13 -48.88 10.07 21.27
C ILE A 13 -47.93 10.97 20.50
N ILE A 14 -46.80 11.31 21.11
CA ILE A 14 -45.85 12.26 20.57
C ILE A 14 -44.75 11.52 19.83
N ILE A 15 -44.43 11.97 18.62
CA ILE A 15 -43.34 11.42 17.82
C ILE A 15 -42.39 12.54 17.46
N GLY A 16 -41.15 12.45 17.92
CA GLY A 16 -40.18 13.48 17.65
C GLY A 16 -39.64 13.42 16.23
N ALA A 17 -38.85 14.43 15.89
CA ALA A 17 -38.21 14.48 14.58
C ALA A 17 -36.99 15.38 14.65
N LEU A 18 -36.03 15.10 13.76
CA LEU A 18 -34.87 15.95 13.55
C LEU A 18 -34.73 16.25 12.08
N PHE A 19 -35.03 17.47 11.69
CA PHE A 19 -34.96 17.88 10.29
C PHE A 19 -33.95 19.00 10.15
N SER A 20 -33.11 18.89 9.14
CA SER A 20 -32.08 19.88 8.90
C SER A 20 -32.69 21.14 8.31
N VAL A 21 -33.23 22.01 9.16
CA VAL A 21 -33.89 23.22 8.68
C VAL A 21 -32.86 24.22 8.17
N HIS A 22 -31.83 24.49 8.95
CA HIS A 22 -30.84 25.48 8.59
C HIS A 22 -29.55 24.81 8.14
N HIS A 23 -28.68 25.60 7.52
CA HIS A 23 -27.34 25.14 7.19
C HIS A 23 -26.52 24.97 8.46
N GLN A 24 -25.49 24.13 8.35
CA GLN A 24 -24.62 23.91 9.49
C GLN A 24 -23.79 25.16 9.75
N PRO A 25 -23.39 25.40 11.00
CA PRO A 25 -22.66 26.63 11.31
C PRO A 25 -21.26 26.61 10.74
N THR A 26 -20.84 27.75 10.21
CA THR A 26 -19.49 27.90 9.74
C THR A 26 -18.53 28.04 10.91
N VAL A 27 -17.23 28.12 10.60
CA VAL A 27 -16.22 28.29 11.62
C VAL A 27 -16.33 29.69 12.24
N ASP A 28 -15.80 29.81 13.46
CA ASP A 28 -15.96 30.95 14.37
C ASP A 28 -17.42 31.23 14.71
N LYS A 29 -18.30 30.25 14.51
CA LYS A 29 -19.68 30.31 14.94
C LYS A 29 -20.15 29.04 15.61
N VAL A 30 -19.36 27.96 15.54
CA VAL A 30 -19.79 26.67 16.05
C VAL A 30 -19.84 26.66 17.56
N HIS A 31 -19.06 27.50 18.23
CA HIS A 31 -19.15 27.54 19.67
C HIS A 31 -20.35 28.35 20.12
N GLU A 32 -20.74 29.33 19.32
CA GLU A 32 -22.00 30.02 19.55
C GLU A 32 -23.19 29.16 19.18
N ARG A 33 -22.99 28.16 18.31
CA ARG A 33 -24.02 27.28 17.77
C ARG A 33 -25.14 28.09 17.10
N LYS A 34 -24.77 29.14 16.38
CA LYS A 34 -25.71 29.90 15.57
C LYS A 34 -25.82 29.24 14.21
N CYS A 35 -27.00 28.71 13.90
CA CYS A 35 -27.21 28.10 12.60
C CYS A 35 -27.31 29.17 11.52
N GLY A 36 -26.96 28.77 10.30
CA GLY A 36 -26.96 29.68 9.16
C GLY A 36 -28.33 29.88 8.55
N ALA A 37 -28.36 30.10 7.25
CA ALA A 37 -29.60 30.29 6.54
C ALA A 37 -30.35 28.97 6.41
N VAL A 38 -31.61 29.05 6.00
CA VAL A 38 -32.48 27.89 5.96
C VAL A 38 -32.12 27.01 4.77
N ARG A 39 -32.64 25.79 4.76
CA ARG A 39 -32.44 24.84 3.69
C ARG A 39 -33.79 24.49 3.09
N GLU A 40 -33.95 24.75 1.80
CA GLU A 40 -35.27 24.68 1.18
C GLU A 40 -35.72 23.25 0.96
N GLN A 41 -34.78 22.34 0.69
CA GLN A 41 -35.13 21.03 0.17
C GLN A 41 -34.76 19.89 1.08
N TYR A 42 -33.89 20.10 2.05
CA TYR A 42 -33.75 19.15 3.15
C TYR A 42 -34.42 19.63 4.42
N GLY A 43 -35.06 20.79 4.39
CA GLY A 43 -35.61 21.38 5.59
C GLY A 43 -37.12 21.42 5.61
N ILE A 44 -37.67 22.57 5.23
CA ILE A 44 -39.08 22.87 5.44
C ILE A 44 -39.97 22.03 4.54
N GLN A 45 -39.42 21.55 3.42
CA GLN A 45 -40.10 20.56 2.60
C GLN A 45 -40.35 19.27 3.40
N ARG A 46 -39.34 18.83 4.15
CA ARG A 46 -39.49 17.65 5.00
C ARG A 46 -40.49 17.91 6.12
N VAL A 47 -40.52 19.15 6.62
CA VAL A 47 -41.41 19.49 7.72
C VAL A 47 -42.86 19.44 7.28
N GLU A 48 -43.16 20.06 6.15
CA GLU A 48 -44.52 20.03 5.62
C GLU A 48 -44.91 18.63 5.17
N ALA A 49 -43.93 17.83 4.75
CA ALA A 49 -44.19 16.42 4.46
C ALA A 49 -44.63 15.67 5.70
N MET A 50 -43.93 15.89 6.82
CA MET A 50 -44.31 15.20 8.05
C MET A 50 -45.66 15.66 8.56
N LEU A 51 -45.94 16.96 8.45
CA LEU A 51 -47.21 17.48 8.94
C LEU A 51 -48.38 16.98 8.10
N HIS A 52 -48.21 16.93 6.78
CA HIS A 52 -49.27 16.37 5.95
C HIS A 52 -49.39 14.86 6.10
N THR A 53 -48.29 14.18 6.42
CA THR A 53 -48.35 12.75 6.68
C THR A 53 -49.16 12.46 7.95
N LEU A 54 -48.95 13.28 8.98
CA LEU A 54 -49.76 13.11 10.18
C LEU A 54 -51.20 13.57 9.98
N GLU A 55 -51.43 14.49 9.05
CA GLU A 55 -52.81 14.77 8.62
C GLU A 55 -53.45 13.52 8.04
N ARG A 56 -52.74 12.82 7.16
CA ARG A 56 -53.31 11.63 6.52
C ARG A 56 -53.48 10.49 7.51
N ILE A 57 -52.57 10.37 8.47
CA ILE A 57 -52.66 9.28 9.43
C ILE A 57 -53.74 9.56 10.46
N ASN A 58 -53.89 10.81 10.87
CA ASN A 58 -54.96 11.16 11.80
C ASN A 58 -56.34 11.14 11.15
N SER A 59 -56.42 11.05 9.83
CA SER A 59 -57.70 10.90 9.15
C SER A 59 -57.99 9.46 8.74
N ASP A 60 -57.01 8.56 8.86
CA ASP A 60 -57.21 7.18 8.42
C ASP A 60 -57.99 6.42 9.48
N PRO A 61 -59.13 5.83 9.15
CA PRO A 61 -59.78 4.91 10.10
C PRO A 61 -59.07 3.59 10.23
N THR A 62 -58.23 3.22 9.25
CA THR A 62 -57.50 1.96 9.34
C THR A 62 -56.40 2.04 10.37
N LEU A 63 -55.51 3.01 10.22
CA LEU A 63 -54.32 3.11 11.07
C LEU A 63 -54.64 3.90 12.33
N LEU A 64 -54.57 3.20 13.47
CA LEU A 64 -54.73 3.69 14.83
C LEU A 64 -56.03 4.46 15.05
N PRO A 65 -57.17 3.79 15.08
CA PRO A 65 -58.42 4.49 15.41
C PRO A 65 -58.45 4.82 16.89
N ASN A 66 -59.19 5.89 17.21
CA ASN A 66 -59.35 6.43 18.57
C ASN A 66 -58.00 6.81 19.17
N ILE A 67 -57.05 7.20 18.32
CA ILE A 67 -55.66 7.47 18.71
C ILE A 67 -55.17 8.68 17.93
N THR A 68 -54.71 9.70 18.64
CA THR A 68 -54.22 10.93 18.03
C THR A 68 -52.71 10.99 18.16
N LEU A 69 -52.03 11.25 17.06
CA LEU A 69 -50.56 11.19 17.00
C LEU A 69 -50.02 12.61 16.95
N GLY A 70 -49.61 13.13 18.10
CA GLY A 70 -48.92 14.39 18.11
C GLY A 70 -47.48 14.25 17.67
N CYS A 71 -46.82 15.39 17.52
CA CYS A 71 -45.44 15.38 17.09
C CYS A 71 -44.73 16.64 17.57
N GLU A 72 -43.41 16.54 17.68
CA GLU A 72 -42.53 17.68 17.86
C GLU A 72 -41.45 17.60 16.81
N ILE A 73 -41.10 18.74 16.23
CA ILE A 73 -40.04 18.81 15.25
C ILE A 73 -39.03 19.84 15.73
N ARG A 74 -37.80 19.41 15.90
CA ARG A 74 -36.72 20.30 16.29
C ARG A 74 -35.65 20.30 15.23
N ASP A 75 -34.96 21.43 15.12
CA ASP A 75 -33.93 21.61 14.10
C ASP A 75 -32.71 20.75 14.43
N SER A 76 -31.90 20.49 13.42
CA SER A 76 -30.71 19.68 13.67
C SER A 76 -29.46 20.41 13.21
N CYS A 77 -29.58 21.13 12.11
CA CYS A 77 -28.51 21.94 11.52
C CYS A 77 -27.26 21.13 11.19
N TRP A 78 -27.42 19.84 10.88
CA TRP A 78 -26.36 18.92 10.46
C TRP A 78 -25.22 18.77 11.46
N HIS A 79 -25.37 19.26 12.68
CA HIS A 79 -24.24 19.38 13.58
C HIS A 79 -24.52 18.57 14.83
N SER A 80 -23.46 18.00 15.39
CA SER A 80 -23.59 17.05 16.49
C SER A 80 -24.12 17.74 17.75
N ALA A 81 -23.57 18.91 18.08
CA ALA A 81 -23.93 19.59 19.31
C ALA A 81 -25.35 20.14 19.26
N VAL A 82 -25.79 20.62 18.09
CA VAL A 82 -27.10 21.24 17.99
C VAL A 82 -28.19 20.21 18.17
N ALA A 83 -28.11 19.12 17.40
CA ALA A 83 -29.08 18.05 17.56
C ALA A 83 -28.92 17.34 18.89
N LEU A 84 -27.76 17.41 19.52
CA LEU A 84 -27.66 16.84 20.85
C LEU A 84 -28.40 17.70 21.87
N GLU A 85 -28.36 19.02 21.69
CA GLU A 85 -29.22 19.91 22.48
C GLU A 85 -30.68 19.57 22.29
N GLN A 86 -31.09 19.32 21.05
CA GLN A 86 -32.50 19.05 20.82
C GLN A 86 -32.89 17.67 21.33
N SER A 87 -31.95 16.74 21.38
CA SER A 87 -32.23 15.43 21.97
C SER A 87 -32.42 15.55 23.47
N ILE A 88 -31.63 16.42 24.10
CA ILE A 88 -31.84 16.74 25.51
C ILE A 88 -33.20 17.40 25.70
N GLU A 89 -33.61 18.25 24.75
CA GLU A 89 -34.94 18.82 24.79
C GLU A 89 -36.04 17.79 24.63
N PHE A 90 -35.75 16.65 23.98
CA PHE A 90 -36.71 15.55 23.98
C PHE A 90 -36.78 14.89 25.35
N ILE A 91 -35.64 14.46 25.87
CA ILE A 91 -35.69 13.58 27.05
C ILE A 91 -35.70 14.35 28.36
N ARG A 92 -35.87 15.67 28.27
CA ARG A 92 -36.02 16.50 29.47
C ARG A 92 -37.23 16.09 30.30
N ASP A 93 -38.35 15.76 29.62
CA ASP A 93 -39.54 15.31 30.32
C ASP A 93 -39.32 13.95 30.98
N SER A 94 -38.61 13.06 30.29
CA SER A 94 -38.34 11.74 30.85
C SER A 94 -37.38 11.82 32.03
N LEU A 95 -36.52 12.83 32.05
CA LEU A 95 -35.68 13.02 33.23
C LEU A 95 -36.48 13.57 34.40
N ILE A 96 -37.32 14.59 34.16
CA ILE A 96 -38.03 15.18 35.29
C ILE A 96 -39.15 14.28 35.78
N SER A 97 -39.56 13.29 34.98
CA SER A 97 -40.58 12.34 35.38
C SER A 97 -40.09 11.36 36.44
N SER A 98 -38.79 11.30 36.70
CA SER A 98 -38.26 10.47 37.78
C SER A 98 -37.78 11.28 38.97
N GLU A 99 -37.96 12.60 38.94
CA GLU A 99 -37.56 13.46 40.04
C GLU A 99 -38.73 14.23 40.65
N GLU A 100 -39.70 14.67 39.84
CA GLU A 100 -40.93 15.24 40.38
C GLU A 100 -41.85 14.15 40.92
N GLU A 101 -41.66 12.90 40.50
CA GLU A 101 -42.59 11.83 40.83
C GLU A 101 -42.55 11.48 42.31
N GLU A 102 -41.36 11.36 42.89
CA GLU A 102 -41.22 11.00 44.30
C GLU A 102 -41.29 12.27 45.15
N GLY A 103 -42.47 12.86 45.20
CA GLY A 103 -42.71 14.00 46.08
C GLY A 103 -42.01 15.25 45.57
N LEU A 104 -41.35 15.95 46.49
CA LEU A 104 -40.55 17.16 46.25
C LEU A 104 -41.34 18.27 45.56
N ARG A 116 -49.20 18.33 35.09
CA ARG A 116 -48.31 17.53 34.26
C ARG A 116 -47.85 18.31 33.04
N SER A 117 -46.53 18.34 32.84
CA SER A 117 -45.92 19.13 31.78
C SER A 117 -46.31 18.68 30.37
N LYS A 118 -45.84 17.49 29.97
CA LYS A 118 -46.08 16.98 28.63
C LYS A 118 -46.13 15.46 28.67
N LYS A 119 -46.43 14.88 27.54
CA LYS A 119 -46.27 13.45 27.38
C LYS A 119 -44.86 13.17 26.87
N PRO A 120 -44.23 12.08 27.32
CA PRO A 120 -42.90 11.75 26.84
C PRO A 120 -42.92 11.26 25.41
N ILE A 121 -41.82 11.52 24.70
CA ILE A 121 -41.72 11.14 23.30
C ILE A 121 -41.50 9.65 23.20
N VAL A 122 -42.29 9.00 22.35
CA VAL A 122 -42.23 7.54 22.21
C VAL A 122 -41.21 7.09 21.17
N GLY A 123 -40.79 7.97 20.27
CA GLY A 123 -39.85 7.58 19.25
C GLY A 123 -39.57 8.71 18.29
N VAL A 124 -38.32 8.89 17.90
CA VAL A 124 -37.93 9.99 17.06
C VAL A 124 -37.80 9.49 15.64
N ILE A 125 -37.68 10.42 14.69
CA ILE A 125 -37.46 10.10 13.30
C ILE A 125 -36.37 11.03 12.80
N GLY A 126 -35.24 10.46 12.40
CA GLY A 126 -34.13 11.24 11.95
C GLY A 126 -32.95 11.12 12.89
N PRO A 127 -31.92 11.93 12.69
CA PRO A 127 -31.75 12.98 11.69
C PRO A 127 -31.29 12.47 10.35
N GLY A 128 -30.75 13.36 9.53
CA GLY A 128 -30.48 13.03 8.15
C GLY A 128 -29.02 12.97 7.77
N SER A 129 -28.13 12.81 8.74
CA SER A 129 -26.75 12.47 8.43
C SER A 129 -26.45 11.12 9.06
N SER A 130 -25.18 10.75 9.02
CA SER A 130 -24.75 9.55 9.73
C SER A 130 -24.25 9.89 11.13
N SER A 131 -23.24 10.77 11.23
CA SER A 131 -22.53 10.99 12.48
C SER A 131 -23.41 11.63 13.54
N VAL A 132 -24.32 12.50 13.12
CA VAL A 132 -25.23 13.12 14.06
C VAL A 132 -26.20 12.09 14.61
N ALA A 133 -26.66 11.16 13.78
CA ALA A 133 -27.50 10.08 14.24
C ALA A 133 -26.78 9.18 15.24
N ILE A 134 -25.50 8.90 14.97
CA ILE A 134 -24.67 8.12 15.89
C ILE A 134 -24.51 8.84 17.21
N GLN A 135 -24.46 10.17 17.17
CA GLN A 135 -24.44 10.93 18.41
C GLN A 135 -25.77 10.84 19.15
N VAL A 136 -26.89 10.90 18.41
CA VAL A 136 -28.19 11.02 19.06
C VAL A 136 -28.62 9.70 19.68
N GLN A 137 -28.27 8.57 19.06
CA GLN A 137 -28.69 7.25 19.59
C GLN A 137 -28.13 7.00 20.97
N ASN A 138 -26.94 7.54 21.24
CA ASN A 138 -26.31 7.30 22.52
C ASN A 138 -27.08 7.96 23.65
N LEU A 139 -27.77 9.07 23.37
CA LEU A 139 -28.76 9.50 24.35
C LEU A 139 -30.01 8.64 24.28
N LEU A 140 -30.42 8.23 23.08
CA LEU A 140 -31.73 7.61 22.96
C LEU A 140 -31.79 6.20 23.53
N GLN A 141 -30.72 5.43 23.41
CA GLN A 141 -30.76 4.06 23.90
C GLN A 141 -30.68 3.97 25.41
N LEU A 142 -30.48 5.09 26.10
CA LEU A 142 -30.54 5.09 27.55
C LEU A 142 -31.95 5.27 28.06
N PHE A 143 -32.87 5.71 27.22
CA PHE A 143 -34.26 5.90 27.65
C PHE A 143 -35.22 5.06 26.84
N ASN A 144 -34.70 4.01 26.19
CA ASN A 144 -35.47 3.02 25.44
C ASN A 144 -36.27 3.63 24.29
N ILE A 145 -35.85 4.77 23.77
CA ILE A 145 -36.60 5.49 22.74
C ILE A 145 -36.06 5.06 21.39
N PRO A 146 -36.82 4.35 20.57
CA PRO A 146 -36.29 3.86 19.29
C PRO A 146 -36.23 4.96 18.26
N GLN A 147 -35.22 4.87 17.40
CA GLN A 147 -34.98 5.84 16.35
C GLN A 147 -35.09 5.16 15.00
N ILE A 148 -35.88 5.73 14.11
CA ILE A 148 -35.94 5.31 12.72
C ILE A 148 -35.39 6.43 11.87
N ALA A 149 -34.31 6.15 11.15
CA ALA A 149 -33.68 7.17 10.32
C ALA A 149 -34.22 7.12 8.90
N TYR A 150 -33.86 8.14 8.13
CA TYR A 150 -34.18 8.19 6.72
C TYR A 150 -32.99 8.45 5.81
N SER A 151 -31.87 8.91 6.33
CA SER A 151 -30.69 9.08 5.49
C SER A 151 -29.41 8.63 6.17
N ALA A 152 -29.47 8.08 7.38
CA ALA A 152 -28.30 7.53 8.03
C ALA A 152 -27.94 6.24 7.31
N THR A 153 -26.96 6.32 6.42
CA THR A 153 -26.67 5.20 5.55
C THR A 153 -25.31 4.56 5.81
N SER A 154 -24.61 4.99 6.85
CA SER A 154 -23.24 4.50 7.08
C SER A 154 -23.26 3.09 7.61
N MET A 155 -22.28 2.30 7.18
CA MET A 155 -22.27 0.86 7.40
C MET A 155 -21.93 0.46 8.82
N ASP A 156 -21.47 1.40 9.64
CA ASP A 156 -21.22 1.13 11.05
C ASP A 156 -22.46 1.36 11.92
N LEU A 157 -23.64 1.27 11.31
CA LEU A 157 -24.91 1.31 12.04
C LEU A 157 -25.60 -0.04 12.05
N SER A 158 -24.99 -1.08 11.49
CA SER A 158 -25.55 -2.41 11.54
C SER A 158 -25.19 -3.14 12.82
N ASP A 159 -24.32 -2.58 13.65
CA ASP A 159 -23.88 -3.23 14.88
C ASP A 159 -24.98 -3.10 15.92
N LYS A 160 -25.94 -4.03 15.86
CA LYS A 160 -27.03 -4.02 16.82
C LYS A 160 -26.61 -4.46 18.20
N THR A 161 -25.44 -5.09 18.33
CA THR A 161 -24.85 -5.31 19.64
C THR A 161 -24.57 -3.98 20.32
N LEU A 162 -24.04 -3.02 19.56
CA LEU A 162 -23.71 -1.71 20.08
C LEU A 162 -24.90 -0.75 19.99
N PHE A 163 -25.66 -0.82 18.92
CA PHE A 163 -26.77 0.12 18.65
C PHE A 163 -28.06 -0.68 18.62
N LYS A 164 -28.70 -0.85 19.78
CA LYS A 164 -29.88 -1.71 19.81
C LYS A 164 -31.11 -1.00 19.25
N TYR A 165 -31.28 0.27 19.58
CA TYR A 165 -32.55 0.97 19.35
C TYR A 165 -32.50 1.84 18.11
N PHE A 166 -31.85 1.38 17.05
CA PHE A 166 -31.73 2.17 15.85
C PHE A 166 -32.21 1.40 14.63
N MET A 167 -32.90 2.09 13.74
CA MET A 167 -33.47 1.53 12.54
C MET A 167 -33.34 2.53 11.42
N ARG A 168 -33.34 2.06 10.19
CA ARG A 168 -33.49 2.95 9.05
C ARG A 168 -34.17 2.20 7.92
N VAL A 169 -34.90 2.95 7.10
CA VAL A 169 -35.63 2.37 5.99
C VAL A 169 -34.85 2.53 4.67
N VAL A 170 -33.55 2.77 4.76
CA VAL A 170 -32.70 2.89 3.59
C VAL A 170 -31.58 1.86 3.73
N PRO A 171 -31.00 1.36 2.66
CA PRO A 171 -29.89 0.42 2.79
C PRO A 171 -28.60 1.12 3.15
N SER A 172 -27.65 0.32 3.62
CA SER A 172 -26.36 0.85 4.04
C SER A 172 -25.55 1.32 2.83
N ASP A 173 -24.53 2.12 3.09
CA ASP A 173 -23.62 2.50 2.02
C ASP A 173 -22.56 1.46 1.76
N ALA A 174 -22.58 0.34 2.48
CA ALA A 174 -21.65 -0.75 2.25
C ALA A 174 -21.81 -1.37 0.87
N GLN A 175 -22.97 -1.19 0.24
CA GLN A 175 -23.14 -1.58 -1.14
C GLN A 175 -23.02 -0.41 -2.11
N GLN A 176 -23.04 0.83 -1.62
CA GLN A 176 -22.70 1.95 -2.49
C GLN A 176 -21.24 1.90 -2.89
N ALA A 177 -20.36 1.49 -1.98
CA ALA A 177 -18.96 1.31 -2.33
C ALA A 177 -18.80 0.20 -3.35
N ARG A 178 -19.59 -0.86 -3.22
CA ARG A 178 -19.58 -1.93 -4.20
C ARG A 178 -20.04 -1.44 -5.57
N ALA A 179 -21.08 -0.61 -5.59
CA ALA A 179 -21.57 -0.11 -6.87
C ALA A 179 -20.60 0.88 -7.51
N MET A 180 -19.94 1.71 -6.71
CA MET A 180 -18.94 2.63 -7.28
C MET A 180 -17.72 1.88 -7.77
N VAL A 181 -17.34 0.81 -7.06
CA VAL A 181 -16.27 -0.06 -7.52
C VAL A 181 -16.65 -0.73 -8.83
N ASP A 182 -17.91 -1.14 -8.98
CA ASP A 182 -18.35 -1.75 -10.22
C ASP A 182 -18.39 -0.73 -11.37
N ILE A 183 -18.74 0.52 -11.06
CA ILE A 183 -18.73 1.57 -12.08
C ILE A 183 -17.31 1.84 -12.56
N VAL A 184 -16.37 2.02 -11.63
CA VAL A 184 -15.01 2.28 -12.08
C VAL A 184 -14.34 1.03 -12.62
N LYS A 185 -14.87 -0.15 -12.31
CA LYS A 185 -14.42 -1.36 -12.98
C LYS A 185 -14.86 -1.39 -14.43
N ARG A 186 -16.09 -0.94 -14.68
CA ARG A 186 -16.66 -1.09 -16.02
C ARG A 186 -16.07 -0.11 -17.02
N TYR A 187 -15.56 1.03 -16.57
CA TYR A 187 -15.03 2.04 -17.48
C TYR A 187 -13.51 2.17 -17.38
N ASN A 188 -12.81 1.05 -17.25
CA ASN A 188 -11.37 0.91 -17.44
C ASN A 188 -10.55 1.75 -16.45
N TRP A 189 -11.15 2.19 -15.35
CA TRP A 189 -10.45 3.10 -14.43
C TRP A 189 -9.45 2.32 -13.59
N THR A 190 -8.29 2.91 -13.37
CA THR A 190 -7.28 2.17 -12.62
C THR A 190 -6.68 2.93 -11.46
N TYR A 191 -6.39 4.23 -11.65
CA TYR A 191 -5.59 5.02 -10.71
C TYR A 191 -6.40 6.25 -10.33
N VAL A 192 -7.28 6.10 -9.36
CA VAL A 192 -8.27 7.12 -9.05
C VAL A 192 -7.78 7.97 -7.90
N SER A 193 -8.40 9.13 -7.74
CA SER A 193 -8.29 9.92 -6.52
C SER A 193 -9.60 9.80 -5.76
N ALA A 194 -9.57 10.12 -4.47
CA ALA A 194 -10.76 9.99 -3.66
C ALA A 194 -10.69 10.95 -2.48
N VAL A 195 -11.74 11.77 -2.34
CA VAL A 195 -11.92 12.61 -1.16
C VAL A 195 -13.16 12.13 -0.44
N HIS A 196 -13.15 12.23 0.89
CA HIS A 196 -14.31 11.87 1.69
C HIS A 196 -14.43 12.91 2.80
N THR A 197 -15.66 13.23 3.15
CA THR A 197 -15.87 14.22 4.19
C THR A 197 -15.57 13.63 5.56
N GLU A 198 -15.09 14.47 6.46
CA GLU A 198 -14.84 14.02 7.82
C GLU A 198 -16.17 13.77 8.52
N GLY A 199 -16.12 12.94 9.55
CA GLY A 199 -17.33 12.38 10.10
C GLY A 199 -17.54 11.01 9.50
N ASN A 200 -18.16 10.09 10.22
CA ASN A 200 -18.08 8.68 9.85
C ASN A 200 -19.19 8.24 8.92
N TYR A 201 -19.68 9.15 8.08
CA TYR A 201 -20.28 8.72 6.83
C TYR A 201 -19.22 8.47 5.78
N GLY A 202 -18.47 9.53 5.44
CA GLY A 202 -17.41 9.41 4.46
C GLY A 202 -16.28 8.53 4.90
N GLU A 203 -16.04 8.45 6.21
CA GLU A 203 -14.99 7.57 6.73
C GLU A 203 -15.32 6.11 6.47
N SER A 204 -16.53 5.69 6.82
CA SER A 204 -16.94 4.31 6.60
C SER A 204 -17.08 4.00 5.11
N GLY A 205 -17.60 4.96 4.34
CA GLY A 205 -17.75 4.73 2.91
C GLY A 205 -16.43 4.62 2.19
N MET A 206 -15.49 5.51 2.51
CA MET A 206 -14.17 5.47 1.90
C MET A 206 -13.38 4.27 2.40
N GLU A 207 -13.62 3.84 3.64
CA GLU A 207 -12.97 2.64 4.14
C GLU A 207 -13.43 1.41 3.37
N ALA A 208 -14.74 1.30 3.14
CA ALA A 208 -15.26 0.19 2.33
C ALA A 208 -14.78 0.27 0.89
N PHE A 209 -14.64 1.49 0.36
CA PHE A 209 -14.22 1.66 -1.01
C PHE A 209 -12.76 1.26 -1.20
N LYS A 210 -11.88 1.71 -0.31
CA LYS A 210 -10.49 1.34 -0.44
C LYS A 210 -10.21 -0.06 0.09
N ASP A 211 -11.18 -0.69 0.75
CA ASP A 211 -11.05 -2.11 1.03
C ASP A 211 -11.45 -2.96 -0.17
N MET A 212 -12.45 -2.51 -0.93
CA MET A 212 -12.90 -3.26 -2.08
C MET A 212 -12.19 -2.86 -3.37
N SER A 213 -11.33 -1.84 -3.33
CA SER A 213 -10.57 -1.48 -4.51
C SER A 213 -9.43 -2.46 -4.76
N ALA A 214 -8.72 -2.84 -3.69
CA ALA A 214 -7.57 -3.73 -3.85
C ALA A 214 -7.99 -5.14 -4.23
N LYS A 215 -9.22 -5.53 -3.89
CA LYS A 215 -9.76 -6.80 -4.38
C LYS A 215 -9.93 -6.76 -5.89
N GLU A 216 -10.27 -5.60 -6.43
CA GLU A 216 -10.37 -5.41 -7.87
C GLU A 216 -9.11 -4.81 -8.46
N GLY A 217 -8.08 -4.64 -7.65
CA GLY A 217 -6.80 -4.15 -8.15
C GLY A 217 -6.80 -2.71 -8.59
N ILE A 218 -7.74 -1.91 -8.09
CA ILE A 218 -7.84 -0.51 -8.48
C ILE A 218 -7.00 0.31 -7.52
N CYS A 219 -5.91 0.86 -8.03
CA CYS A 219 -5.04 1.67 -7.20
C CYS A 219 -5.68 3.03 -6.94
N ILE A 220 -5.37 3.59 -5.78
CA ILE A 220 -5.87 4.91 -5.38
C ILE A 220 -4.66 5.81 -5.21
N ALA A 221 -4.71 7.00 -5.80
CA ALA A 221 -3.62 7.96 -5.73
C ALA A 221 -3.38 8.41 -4.31
N HIS A 222 -4.35 9.09 -3.71
CA HIS A 222 -4.22 9.56 -2.34
C HIS A 222 -5.60 9.85 -1.80
N SER A 223 -5.94 9.23 -0.68
CA SER A 223 -7.20 9.55 -0.02
C SER A 223 -7.07 10.86 0.73
N TYR A 224 -8.12 11.67 0.66
CA TYR A 224 -8.12 12.96 1.33
C TYR A 224 -9.36 13.10 2.18
N LYS A 225 -9.19 13.66 3.37
CA LYS A 225 -10.32 13.99 4.22
C LYS A 225 -10.37 15.49 4.43
N ILE A 226 -11.58 16.04 4.42
CA ILE A 226 -11.78 17.46 4.66
C ILE A 226 -13.17 17.65 5.25
N TYR A 227 -13.29 18.61 6.17
CA TYR A 227 -14.59 18.93 6.74
C TYR A 227 -15.44 19.66 5.72
N SER A 228 -16.75 19.67 5.99
CA SER A 228 -17.67 20.46 5.18
C SER A 228 -17.76 21.89 5.64
N ASN A 229 -16.91 22.30 6.58
CA ASN A 229 -16.88 23.66 7.08
C ASN A 229 -15.57 24.35 6.76
N ALA A 230 -14.83 23.83 5.79
CA ALA A 230 -13.49 24.33 5.50
C ALA A 230 -13.58 25.67 4.79
N GLY A 231 -12.86 26.66 5.31
CA GLY A 231 -12.70 27.90 4.60
C GLY A 231 -11.77 27.74 3.41
N GLU A 232 -11.82 28.73 2.52
CA GLU A 232 -11.15 28.65 1.24
C GLU A 232 -9.63 28.60 1.38
N GLN A 233 -9.09 29.25 2.42
CA GLN A 233 -7.65 29.20 2.66
C GLN A 233 -7.19 27.80 3.05
N SER A 234 -8.06 27.03 3.69
CA SER A 234 -7.82 25.64 3.99
C SER A 234 -8.49 24.70 3.01
N PHE A 235 -9.12 25.23 1.98
CA PHE A 235 -9.79 24.40 0.98
C PHE A 235 -9.02 24.34 -0.32
N ASP A 236 -8.32 25.41 -0.69
CA ASP A 236 -7.60 25.44 -1.95
C ASP A 236 -6.37 24.55 -1.93
N LYS A 237 -5.87 24.21 -0.74
CA LYS A 237 -4.80 23.22 -0.62
C LYS A 237 -5.25 21.86 -1.12
N LEU A 238 -6.55 21.57 -1.03
CA LEU A 238 -7.07 20.31 -1.54
C LEU A 238 -6.97 20.23 -3.05
N LEU A 239 -7.31 21.30 -3.76
CA LEU A 239 -7.12 21.26 -5.20
C LEU A 239 -5.65 21.39 -5.59
N LYS A 240 -4.84 22.04 -4.76
CA LYS A 240 -3.40 22.04 -5.03
C LYS A 240 -2.81 20.64 -4.88
N LYS A 241 -3.36 19.83 -4.00
CA LYS A 241 -2.90 18.46 -3.87
C LYS A 241 -3.51 17.54 -4.91
N LEU A 242 -4.72 17.84 -5.37
CA LEU A 242 -5.31 17.06 -6.45
C LEU A 242 -4.75 17.42 -7.80
N THR A 243 -4.12 18.60 -7.94
CA THR A 243 -3.54 19.00 -9.22
C THR A 243 -2.29 18.20 -9.52
N SER A 244 -1.62 17.69 -8.49
CA SER A 244 -0.35 16.98 -8.64
C SER A 244 -0.52 15.54 -9.10
N HIS A 245 -1.66 15.19 -9.68
CA HIS A 245 -1.91 13.88 -10.27
C HIS A 245 -2.50 14.05 -11.66
N LEU A 246 -2.03 15.06 -12.37
CA LEU A 246 -2.53 15.42 -13.69
C LEU A 246 -1.49 15.15 -14.76
N PRO A 247 -1.88 14.56 -15.91
CA PRO A 247 -3.21 14.01 -16.19
C PRO A 247 -3.31 12.55 -15.82
N LYS A 248 -2.64 12.18 -14.72
CA LYS A 248 -2.61 10.81 -14.27
C LYS A 248 -3.96 10.40 -13.70
N ALA A 249 -4.41 11.08 -12.66
CA ALA A 249 -5.71 10.83 -12.05
C ALA A 249 -6.70 11.83 -12.60
N ARG A 250 -7.66 11.35 -13.38
CA ARG A 250 -8.67 12.19 -13.99
C ARG A 250 -10.01 12.10 -13.28
N VAL A 251 -10.17 11.18 -12.33
CA VAL A 251 -11.45 10.96 -11.68
C VAL A 251 -11.23 11.05 -10.17
N VAL A 252 -12.20 11.66 -9.48
CA VAL A 252 -12.19 11.76 -8.04
C VAL A 252 -13.45 11.09 -7.53
N ALA A 253 -13.29 9.99 -6.80
CA ALA A 253 -14.42 9.28 -6.21
C ALA A 253 -14.77 9.96 -4.90
N CYS A 254 -15.83 10.76 -4.92
CA CYS A 254 -16.25 11.50 -3.75
C CYS A 254 -17.27 10.71 -2.96
N PHE A 255 -17.08 10.66 -1.65
CA PHE A 255 -18.15 10.31 -0.73
C PHE A 255 -18.68 11.52 -0.01
N CYS A 256 -18.27 12.70 -0.42
CA CYS A 256 -18.53 13.89 0.37
C CYS A 256 -20.00 14.28 0.29
N GLU A 257 -20.45 15.01 1.29
CA GLU A 257 -21.80 15.54 1.27
C GLU A 257 -21.84 16.80 0.40
N GLY A 258 -23.03 17.39 0.32
CA GLY A 258 -23.32 18.32 -0.76
C GLY A 258 -22.55 19.63 -0.69
N MET A 259 -22.40 20.18 0.52
CA MET A 259 -21.67 21.43 0.65
C MET A 259 -20.18 21.25 0.38
N THR A 260 -19.64 20.06 0.60
CA THR A 260 -18.24 19.83 0.28
C THR A 260 -18.03 19.78 -1.22
N VAL A 261 -18.94 19.15 -1.95
CA VAL A 261 -18.85 19.10 -3.40
C VAL A 261 -19.06 20.48 -3.99
N ARG A 262 -19.95 21.28 -3.40
CA ARG A 262 -20.12 22.65 -3.86
C ARG A 262 -18.90 23.50 -3.54
N GLY A 263 -18.23 23.22 -2.42
CA GLY A 263 -16.98 23.90 -2.14
C GLY A 263 -15.89 23.54 -3.13
N LEU A 264 -15.85 22.27 -3.55
CA LEU A 264 -14.92 21.86 -4.61
C LEU A 264 -15.21 22.57 -5.91
N LEU A 265 -16.49 22.72 -6.26
CA LEU A 265 -16.82 23.40 -7.51
C LEU A 265 -16.49 24.90 -7.43
N MET A 266 -16.71 25.49 -6.26
CA MET A 266 -16.33 26.87 -6.02
C MET A 266 -14.83 27.08 -6.13
N ALA A 267 -14.04 26.16 -5.59
CA ALA A 267 -12.60 26.26 -5.72
C ALA A 267 -12.12 25.97 -7.12
N MET A 268 -12.82 25.10 -7.87
CA MET A 268 -12.49 24.89 -9.26
C MET A 268 -12.74 26.13 -10.10
N ARG A 269 -13.79 26.88 -9.79
CA ARG A 269 -13.96 28.15 -10.46
C ARG A 269 -12.92 29.17 -10.01
N ARG A 270 -12.57 29.17 -8.73
CA ARG A 270 -11.62 30.15 -8.22
C ARG A 270 -10.17 29.78 -8.47
N LEU A 271 -9.89 28.77 -9.29
CA LEU A 271 -8.52 28.48 -9.70
C LEU A 271 -8.40 28.32 -11.20
N GLY A 272 -9.43 28.66 -11.97
CA GLY A 272 -9.38 28.53 -13.41
C GLY A 272 -9.34 27.11 -13.91
N LEU A 273 -9.77 26.15 -13.09
CA LEU A 273 -9.72 24.74 -13.44
C LEU A 273 -11.07 24.24 -13.94
N ALA A 274 -11.81 25.08 -14.65
CA ALA A 274 -13.11 24.71 -15.16
C ALA A 274 -12.97 23.69 -16.27
N GLY A 275 -13.75 22.61 -16.19
CA GLY A 275 -13.66 21.55 -17.16
C GLY A 275 -12.37 20.78 -17.13
N GLU A 276 -11.68 20.78 -15.99
CA GLU A 276 -10.40 20.08 -15.90
C GLU A 276 -10.59 18.58 -15.90
N PHE A 277 -11.33 18.05 -14.91
CA PHE A 277 -11.43 16.62 -14.76
C PHE A 277 -12.76 16.22 -14.13
N LEU A 278 -13.19 15.01 -14.48
CA LEU A 278 -14.42 14.43 -13.98
C LEU A 278 -14.27 14.07 -12.50
N LEU A 279 -15.41 13.97 -11.81
CA LEU A 279 -15.43 13.50 -10.44
C LEU A 279 -16.72 12.69 -10.22
N LEU A 280 -16.57 11.56 -9.54
CA LEU A 280 -17.67 10.67 -9.21
C LEU A 280 -18.10 10.90 -7.77
N GLY A 281 -19.40 10.94 -7.54
CA GLY A 281 -19.89 11.15 -6.19
C GLY A 281 -20.87 10.10 -5.71
N SER A 282 -21.03 10.01 -4.39
CA SER A 282 -22.08 9.21 -3.79
C SER A 282 -23.37 10.01 -3.76
N ASP A 283 -24.36 9.57 -2.97
CA ASP A 283 -25.66 10.23 -2.96
C ASP A 283 -25.65 11.61 -2.30
N GLY A 284 -24.50 12.14 -1.90
CA GLY A 284 -24.43 13.47 -1.32
C GLY A 284 -24.81 14.59 -2.27
N TRP A 285 -24.72 14.37 -3.58
CA TRP A 285 -25.15 15.41 -4.52
C TRP A 285 -25.87 14.76 -5.69
N ALA A 286 -26.78 13.85 -5.37
CA ALA A 286 -27.51 13.08 -6.38
C ALA A 286 -28.47 13.92 -7.20
N ASP A 287 -29.50 14.48 -6.57
CA ASP A 287 -30.44 15.35 -7.26
C ASP A 287 -30.37 16.79 -6.78
N ARG A 288 -29.34 17.13 -6.01
CA ARG A 288 -29.25 18.45 -5.41
C ARG A 288 -28.82 19.46 -6.47
N TYR A 289 -29.76 20.28 -6.92
CA TYR A 289 -29.42 21.33 -7.86
C TYR A 289 -28.68 22.46 -7.17
N ASP A 290 -28.92 22.64 -5.88
CA ASP A 290 -28.35 23.76 -5.14
C ASP A 290 -26.85 23.64 -4.96
N VAL A 291 -26.29 22.43 -5.00
CA VAL A 291 -24.84 22.31 -4.92
C VAL A 291 -24.17 22.61 -6.25
N THR A 292 -24.95 22.70 -7.33
CA THR A 292 -24.40 23.00 -8.65
C THR A 292 -24.76 24.39 -9.13
N ASP A 293 -25.75 25.03 -8.52
CA ASP A 293 -26.22 26.31 -9.02
C ASP A 293 -25.18 27.39 -8.75
N GLY A 294 -24.88 28.17 -9.79
CA GLY A 294 -23.81 29.15 -9.74
C GLY A 294 -22.46 28.60 -10.17
N TYR A 295 -22.26 27.29 -10.07
CA TYR A 295 -20.97 26.66 -10.31
C TYR A 295 -21.07 25.57 -11.38
N GLN A 296 -22.15 25.59 -12.15
CA GLN A 296 -22.56 24.43 -12.95
C GLN A 296 -21.65 24.16 -14.13
N ARG A 297 -20.85 25.12 -14.57
CA ARG A 297 -19.93 24.83 -15.66
C ARG A 297 -18.74 24.00 -15.19
N GLU A 298 -18.43 24.04 -13.91
CA GLU A 298 -17.30 23.28 -13.38
C GLU A 298 -17.68 21.87 -12.98
N ALA A 299 -18.93 21.47 -13.16
CA ALA A 299 -19.37 20.13 -12.78
C ALA A 299 -19.83 19.31 -13.97
N VAL A 300 -19.60 19.79 -15.20
CA VAL A 300 -20.14 19.16 -16.38
C VAL A 300 -19.51 17.79 -16.60
N GLY A 301 -20.32 16.85 -17.07
CA GLY A 301 -19.87 15.48 -17.21
C GLY A 301 -19.77 14.70 -15.92
N GLY A 302 -20.17 15.28 -14.79
CA GLY A 302 -20.00 14.61 -13.51
C GLY A 302 -21.05 13.54 -13.31
N ILE A 303 -20.60 12.34 -13.00
CA ILE A 303 -21.47 11.19 -12.76
C ILE A 303 -21.61 11.00 -11.26
N THR A 304 -22.81 10.65 -10.80
CA THR A 304 -23.03 10.32 -9.41
C THR A 304 -24.11 9.26 -9.33
N ILE A 305 -24.32 8.74 -8.13
CA ILE A 305 -25.33 7.72 -7.91
C ILE A 305 -26.45 8.32 -7.07
N LYS A 306 -27.51 7.55 -6.87
CA LYS A 306 -28.64 7.99 -6.07
C LYS A 306 -29.35 6.77 -5.52
N LEU A 307 -29.71 6.83 -4.25
CA LEU A 307 -30.64 5.86 -3.73
C LEU A 307 -32.00 6.09 -4.37
N GLN A 308 -32.50 5.06 -5.05
CA GLN A 308 -33.68 5.19 -5.90
C GLN A 308 -34.93 5.47 -5.09
N SER A 309 -35.68 6.50 -5.51
CA SER A 309 -36.96 6.78 -4.89
C SER A 309 -37.88 7.40 -5.92
N PRO A 310 -39.15 7.04 -5.92
CA PRO A 310 -40.11 7.68 -6.84
C PRO A 310 -40.59 9.02 -6.33
N ASP A 311 -41.58 9.58 -7.02
CA ASP A 311 -42.20 10.83 -6.65
C ASP A 311 -43.41 10.56 -5.74
N VAL A 312 -43.79 11.58 -4.99
CA VAL A 312 -44.98 11.54 -4.14
C VAL A 312 -45.99 12.53 -4.70
N LYS A 313 -47.09 12.02 -5.23
CA LYS A 313 -48.09 12.89 -5.86
C LYS A 313 -48.88 13.68 -4.83
N TRP A 314 -49.02 13.16 -3.62
CA TRP A 314 -49.78 13.82 -2.56
C TRP A 314 -49.13 15.15 -2.18
N PHE A 315 -47.83 15.11 -1.93
CA PHE A 315 -47.08 16.29 -1.52
C PHE A 315 -46.97 17.31 -2.62
N ASP A 316 -47.06 16.88 -3.88
CA ASP A 316 -47.07 17.80 -5.01
C ASP A 316 -48.25 18.75 -4.93
N ASP A 317 -49.44 18.19 -4.76
CA ASP A 317 -50.65 19.00 -4.73
C ASP A 317 -50.84 19.68 -3.39
N TYR A 318 -50.32 19.09 -2.31
CA TYR A 318 -50.45 19.72 -1.01
C TYR A 318 -49.50 20.91 -0.88
N TYR A 319 -48.27 20.76 -1.35
CA TYR A 319 -47.21 21.70 -1.02
C TYR A 319 -47.31 22.98 -1.82
N LEU A 320 -47.81 22.92 -3.05
CA LEU A 320 -47.96 24.14 -3.84
C LEU A 320 -49.09 25.01 -3.33
N LYS A 321 -50.05 24.44 -2.60
CA LYS A 321 -51.17 25.17 -2.06
C LYS A 321 -50.90 25.74 -0.68
N LEU A 322 -49.63 25.94 -0.32
CA LEU A 322 -49.26 26.44 0.98
C LEU A 322 -48.89 27.91 0.88
N ARG A 323 -49.54 28.74 1.67
CA ARG A 323 -49.36 30.17 1.64
C ARG A 323 -48.84 30.66 2.98
N PRO A 324 -48.02 31.72 3.01
CA PRO A 324 -47.58 32.27 4.29
C PRO A 324 -48.68 32.92 5.09
N GLU A 325 -49.80 33.28 4.47
CA GLU A 325 -50.93 33.80 5.22
C GLU A 325 -51.86 32.71 5.71
N THR A 326 -51.56 31.44 5.44
CA THR A 326 -52.42 30.34 5.83
C THR A 326 -51.75 29.37 6.78
N ASN A 327 -50.47 29.09 6.60
CA ASN A 327 -49.78 28.05 7.35
C ASN A 327 -49.53 28.51 8.77
N HIS A 328 -50.28 27.94 9.71
CA HIS A 328 -50.27 28.39 11.09
C HIS A 328 -49.75 27.30 12.02
N ARG A 329 -48.85 26.46 11.51
CA ARG A 329 -48.25 25.43 12.35
C ARG A 329 -46.78 25.21 12.01
N ASN A 330 -46.16 26.10 11.25
CA ASN A 330 -44.77 25.95 10.82
C ASN A 330 -44.04 27.25 11.11
N PRO A 331 -43.11 27.26 12.04
CA PRO A 331 -42.46 28.52 12.43
C PRO A 331 -41.47 29.04 11.41
N TRP A 332 -40.95 28.19 10.52
CA TRP A 332 -39.92 28.63 9.61
C TRP A 332 -40.45 28.99 8.24
N PHE A 333 -41.75 28.89 8.02
CA PHE A 333 -42.28 29.08 6.68
C PHE A 333 -42.20 30.53 6.25
N GLN A 334 -42.26 31.45 7.20
CA GLN A 334 -42.09 32.86 6.88
C GLN A 334 -40.67 33.14 6.41
N GLU A 335 -39.67 32.63 7.13
CA GLU A 335 -38.29 32.84 6.73
C GLU A 335 -37.95 32.08 5.45
N PHE A 336 -38.63 30.96 5.21
CA PHE A 336 -38.56 30.29 3.91
C PHE A 336 -39.03 31.20 2.80
N TRP A 337 -40.18 31.85 3.03
CA TRP A 337 -40.76 32.75 2.06
C TRP A 337 -39.88 33.97 1.85
N GLN A 338 -39.22 34.41 2.91
CA GLN A 338 -38.26 35.51 2.80
C GLN A 338 -37.07 35.10 1.96
N HIS A 339 -36.47 33.95 2.27
CA HIS A 339 -35.17 33.62 1.72
C HIS A 339 -35.26 33.14 0.28
N ARG A 340 -36.25 32.32 -0.06
CA ARG A 340 -36.23 31.80 -1.43
C ARG A 340 -36.71 32.82 -2.45
N PHE A 341 -37.35 33.90 -2.01
CA PHE A 341 -37.86 34.92 -2.91
C PHE A 341 -37.15 36.26 -2.77
N GLN A 342 -36.34 36.43 -1.72
CA GLN A 342 -35.51 37.61 -1.47
C GLN A 342 -36.33 38.89 -1.43
N CYS A 343 -37.22 38.95 -0.44
CA CYS A 343 -38.09 40.09 -0.27
C CYS A 343 -38.48 40.19 1.19
N ARG A 344 -39.03 41.34 1.55
CA ARG A 344 -39.65 41.47 2.85
C ARG A 344 -41.16 41.37 2.71
N LEU A 345 -41.82 41.20 3.85
CA LEU A 345 -43.27 41.24 3.92
C LEU A 345 -43.67 42.39 4.83
N GLU A 346 -44.72 43.10 4.43
CA GLU A 346 -45.11 44.31 5.15
C GLU A 346 -45.77 43.96 6.49
N GLY A 347 -46.88 43.24 6.44
CA GLY A 347 -47.62 42.98 7.65
C GLY A 347 -47.32 41.70 8.37
N PHE A 348 -46.55 40.79 7.74
CA PHE A 348 -46.26 39.52 8.36
C PHE A 348 -45.34 39.70 9.56
N PRO A 349 -45.45 38.86 10.60
CA PRO A 349 -44.68 39.10 11.82
C PRO A 349 -43.19 38.90 11.67
N GLN A 350 -42.76 37.97 10.82
CA GLN A 350 -41.34 37.77 10.57
C GLN A 350 -40.96 38.70 9.42
N GLU A 351 -40.34 39.83 9.74
CA GLU A 351 -40.10 40.84 8.73
C GLU A 351 -38.93 40.48 7.84
N ASN A 352 -37.73 40.37 8.42
CA ASN A 352 -36.45 40.35 7.72
C ASN A 352 -36.34 41.52 6.75
N SER A 353 -36.32 42.72 7.34
CA SER A 353 -36.30 43.96 6.59
C SER A 353 -34.98 44.24 5.88
N LYS A 354 -33.98 43.38 6.07
CA LYS A 354 -32.75 43.46 5.29
C LYS A 354 -33.01 43.27 3.80
N TYR A 355 -34.00 42.45 3.45
CA TYR A 355 -34.38 42.29 2.06
C TYR A 355 -35.24 43.47 1.61
N ASN A 356 -34.91 44.02 0.44
CA ASN A 356 -35.75 45.01 -0.21
C ASN A 356 -36.64 44.33 -1.24
N LYS A 357 -37.34 45.13 -2.06
CA LYS A 357 -38.14 44.69 -3.20
C LYS A 357 -39.25 43.72 -2.75
N THR A 358 -40.20 44.29 -2.00
CA THR A 358 -41.28 43.56 -1.35
C THR A 358 -42.08 42.70 -2.32
N CYS A 359 -42.36 41.46 -1.92
CA CYS A 359 -42.95 40.47 -2.81
C CYS A 359 -44.37 40.84 -3.24
N ASN A 360 -44.65 40.53 -4.50
CA ASN A 360 -46.02 40.54 -5.02
C ASN A 360 -46.84 39.46 -4.30
N SER A 361 -48.14 39.72 -4.19
CA SER A 361 -49.06 38.76 -3.58
C SER A 361 -49.53 37.71 -4.57
N SER A 362 -48.98 37.67 -5.77
CA SER A 362 -49.35 36.71 -6.78
C SER A 362 -48.35 35.57 -6.90
N LEU A 363 -47.42 35.47 -5.96
CA LEU A 363 -46.38 34.47 -6.07
C LEU A 363 -46.88 33.09 -5.69
N THR A 364 -46.19 32.08 -6.19
CA THR A 364 -46.54 30.69 -5.96
C THR A 364 -45.27 29.91 -5.71
N LEU A 365 -45.43 28.63 -5.43
CA LEU A 365 -44.30 27.75 -5.15
C LEU A 365 -43.85 26.95 -6.37
N LYS A 366 -44.72 26.78 -7.36
CA LYS A 366 -44.44 25.87 -8.45
C LYS A 366 -43.41 26.43 -9.42
N THR A 367 -43.15 27.73 -9.38
CA THR A 367 -42.11 28.31 -10.22
C THR A 367 -40.75 27.81 -9.74
N HIS A 368 -40.03 27.13 -10.65
CA HIS A 368 -38.77 26.46 -10.37
C HIS A 368 -38.91 25.44 -9.24
N HIS A 369 -40.04 24.73 -9.22
CA HIS A 369 -40.24 23.71 -8.20
C HIS A 369 -39.34 22.52 -8.49
N VAL A 370 -38.57 22.11 -7.49
CA VAL A 370 -37.77 20.91 -7.55
C VAL A 370 -38.26 19.98 -6.45
N GLN A 371 -38.85 18.86 -6.85
CA GLN A 371 -39.28 17.88 -5.87
C GLN A 371 -38.08 17.18 -5.27
N ASP A 372 -38.13 16.95 -3.96
CA ASP A 372 -37.02 16.34 -3.25
C ASP A 372 -36.85 14.88 -3.67
N SER A 373 -35.62 14.40 -3.54
CA SER A 373 -35.29 13.05 -3.96
C SER A 373 -35.57 12.02 -2.88
N LYS A 374 -35.28 12.34 -1.62
CA LYS A 374 -35.34 11.35 -0.55
C LYS A 374 -36.59 11.47 0.29
N MET A 375 -37.53 12.33 -0.09
CA MET A 375 -38.64 12.61 0.81
C MET A 375 -39.70 11.52 0.82
N GLY A 376 -39.67 10.58 -0.13
CA GLY A 376 -40.53 9.42 0.00
C GLY A 376 -40.10 8.52 1.14
N PHE A 377 -38.80 8.48 1.41
CA PHE A 377 -38.26 7.69 2.50
C PHE A 377 -38.71 8.23 3.85
N VAL A 378 -38.89 9.55 3.93
CA VAL A 378 -39.38 10.16 5.16
C VAL A 378 -40.79 9.67 5.46
N ILE A 379 -41.64 9.64 4.44
CA ILE A 379 -43.01 9.18 4.60
C ILE A 379 -43.02 7.70 4.90
N ASN A 380 -42.06 6.95 4.33
CA ASN A 380 -41.92 5.54 4.66
C ASN A 380 -41.56 5.35 6.13
N ALA A 381 -40.71 6.21 6.66
CA ALA A 381 -40.30 6.09 8.07
C ALA A 381 -41.46 6.43 9.00
N ILE A 382 -42.23 7.46 8.66
CA ILE A 382 -43.37 7.84 9.48
C ILE A 382 -44.43 6.76 9.46
N TYR A 383 -44.69 6.19 8.29
CA TYR A 383 -45.56 5.03 8.19
C TYR A 383 -45.01 3.84 8.96
N SER A 384 -43.69 3.70 9.03
CA SER A 384 -43.12 2.59 9.78
C SER A 384 -43.39 2.74 11.27
N MET A 385 -43.27 3.97 11.79
CA MET A 385 -43.67 4.23 13.17
C MET A 385 -45.15 3.97 13.38
N ALA A 386 -45.97 4.36 12.41
CA ALA A 386 -47.42 4.19 12.54
C ALA A 386 -47.81 2.72 12.56
N TYR A 387 -47.28 1.94 11.63
CA TYR A 387 -47.56 0.50 11.61
C TYR A 387 -46.95 -0.21 12.80
N GLY A 388 -45.85 0.31 13.36
CA GLY A 388 -45.30 -0.28 14.56
C GLY A 388 -46.20 -0.08 15.77
N LEU A 389 -46.75 1.13 15.92
CA LEU A 389 -47.71 1.35 17.00
C LEU A 389 -49.01 0.59 16.74
N HIS A 390 -49.37 0.41 15.47
CA HIS A 390 -50.55 -0.38 15.13
C HIS A 390 -50.37 -1.83 15.51
N ASN A 391 -49.18 -2.38 15.27
CA ASN A 391 -48.89 -3.75 15.66
C ASN A 391 -48.76 -3.90 17.16
N MET A 392 -48.31 -2.85 17.87
CA MET A 392 -48.39 -2.88 19.33
C MET A 392 -49.82 -2.96 19.81
N GLN A 393 -50.72 -2.19 19.19
CA GLN A 393 -52.13 -2.26 19.55
C GLN A 393 -52.70 -3.64 19.26
N MET A 394 -52.41 -4.20 18.10
CA MET A 394 -52.92 -5.51 17.74
C MET A 394 -52.30 -6.63 18.57
N SER A 395 -51.13 -6.41 19.16
CA SER A 395 -50.46 -7.44 19.94
C SER A 395 -50.66 -7.31 21.44
N LEU A 396 -51.09 -6.14 21.93
CA LEU A 396 -51.20 -6.00 23.38
C LEU A 396 -52.59 -5.57 23.81
N CYS A 397 -53.28 -4.78 22.98
CA CYS A 397 -54.60 -4.26 23.31
C CYS A 397 -55.59 -4.66 22.21
N PRO A 398 -55.98 -5.94 22.16
CA PRO A 398 -56.71 -6.43 20.99
C PRO A 398 -58.18 -5.99 20.94
N GLY A 399 -58.83 -5.91 22.11
CA GLY A 399 -60.26 -5.69 22.13
C GLY A 399 -60.66 -4.30 22.55
N TYR A 400 -59.91 -3.29 22.14
CA TYR A 400 -60.25 -1.92 22.49
C TYR A 400 -59.72 -0.98 21.43
N ALA A 401 -60.55 -0.02 21.02
CA ALA A 401 -60.16 1.02 20.08
C ALA A 401 -59.59 2.19 20.88
N GLY A 402 -58.29 2.40 20.78
CA GLY A 402 -57.61 3.46 21.49
C GLY A 402 -56.59 2.92 22.47
N LEU A 403 -55.92 3.84 23.14
CA LEU A 403 -54.94 3.49 24.16
C LEU A 403 -55.67 2.98 25.40
N CYS A 404 -55.52 1.69 25.68
CA CYS A 404 -56.00 1.12 26.92
C CYS A 404 -54.88 1.19 27.95
N ASP A 405 -55.04 0.48 29.07
CA ASP A 405 -54.11 0.57 30.18
C ASP A 405 -52.92 -0.37 30.04
N ALA A 406 -52.73 -0.96 28.85
CA ALA A 406 -51.54 -1.73 28.58
C ALA A 406 -50.40 -0.88 28.03
N MET A 407 -50.71 0.31 27.50
CA MET A 407 -49.70 1.21 26.96
C MET A 407 -49.61 2.49 27.78
N LYS A 408 -49.86 2.42 29.08
CA LYS A 408 -49.87 3.61 29.92
C LYS A 408 -48.92 3.43 31.09
N PRO A 409 -47.66 3.87 30.96
CA PRO A 409 -47.06 4.46 29.76
C PRO A 409 -46.57 3.40 28.79
N ILE A 410 -46.02 3.84 27.65
CA ILE A 410 -45.57 2.91 26.61
C ILE A 410 -44.16 2.47 26.92
N ASP A 411 -43.92 1.16 26.92
CA ASP A 411 -42.57 0.64 26.99
C ASP A 411 -41.93 0.75 25.62
N GLY A 412 -40.64 1.10 25.61
CA GLY A 412 -39.91 1.16 24.35
C GLY A 412 -39.40 -0.18 23.88
N ARG A 413 -39.21 -1.14 24.78
CA ARG A 413 -38.71 -2.45 24.37
C ARG A 413 -39.77 -3.24 23.62
N LYS A 414 -41.01 -3.17 24.09
CA LYS A 414 -42.13 -3.77 23.35
C LYS A 414 -42.31 -3.08 22.02
N LEU A 415 -42.10 -1.77 21.97
CA LEU A 415 -42.13 -1.05 20.71
C LEU A 415 -41.02 -1.49 19.78
N LEU A 416 -39.84 -1.83 20.33
CA LEU A 416 -38.76 -2.32 19.48
C LEU A 416 -39.09 -3.70 18.93
N GLU A 417 -39.65 -4.57 19.78
CA GLU A 417 -40.04 -5.90 19.33
C GLU A 417 -41.15 -5.83 18.28
N SER A 418 -42.01 -4.83 18.37
CA SER A 418 -42.98 -4.60 17.31
C SER A 418 -42.32 -4.08 16.06
N LEU A 419 -41.38 -3.13 16.21
CA LEU A 419 -40.84 -2.43 15.05
C LEU A 419 -39.90 -3.30 14.24
N MET A 420 -39.19 -4.22 14.88
CA MET A 420 -38.27 -5.09 14.14
C MET A 420 -38.99 -6.07 13.24
N LYS A 421 -40.28 -6.29 13.44
CA LYS A 421 -41.04 -7.28 12.70
C LYS A 421 -42.20 -6.63 11.95
N THR A 422 -41.92 -5.52 11.26
CA THR A 422 -42.93 -4.79 10.51
C THR A 422 -42.87 -5.18 9.04
N ASN A 423 -44.05 -5.52 8.49
CA ASN A 423 -44.21 -5.73 7.07
C ASN A 423 -45.39 -4.89 6.61
N PHE A 424 -45.17 -4.07 5.58
CA PHE A 424 -46.23 -3.25 5.00
C PHE A 424 -45.80 -2.87 3.59
N THR A 425 -46.64 -2.07 2.94
CA THR A 425 -46.39 -1.62 1.59
C THR A 425 -45.95 -0.16 1.59
N GLY A 426 -44.95 0.16 0.78
CA GLY A 426 -44.45 1.51 0.69
C GLY A 426 -45.39 2.41 -0.08
N VAL A 427 -44.95 3.66 -0.25
CA VAL A 427 -45.72 4.63 -1.01
C VAL A 427 -45.69 4.32 -2.50
N SER A 428 -44.69 3.57 -2.96
CA SER A 428 -44.71 2.99 -4.29
C SER A 428 -45.18 1.54 -4.26
N GLY A 429 -45.88 1.15 -3.20
CA GLY A 429 -46.36 -0.20 -3.06
C GLY A 429 -45.30 -1.23 -2.73
N ASP A 430 -44.08 -0.79 -2.43
CA ASP A 430 -42.99 -1.73 -2.20
C ASP A 430 -43.07 -2.33 -0.80
N THR A 431 -42.75 -3.62 -0.73
CA THR A 431 -42.77 -4.38 0.53
C THR A 431 -41.63 -3.87 1.40
N ILE A 432 -41.98 -3.09 2.42
CA ILE A 432 -40.98 -2.50 3.31
C ILE A 432 -40.76 -3.44 4.48
N LEU A 433 -39.55 -3.99 4.54
CA LEU A 433 -39.15 -4.90 5.61
C LEU A 433 -37.64 -4.87 5.64
N PHE A 434 -37.06 -5.50 6.67
CA PHE A 434 -35.63 -5.43 6.85
C PHE A 434 -35.14 -6.65 7.61
N ASP A 435 -33.82 -6.72 7.72
CA ASP A 435 -33.13 -7.85 8.33
C ASP A 435 -33.14 -7.77 9.85
N GLU A 436 -32.27 -8.55 10.48
CA GLU A 436 -32.00 -8.44 11.90
C GLU A 436 -31.01 -7.31 12.21
N ASN A 437 -30.84 -6.34 11.31
CA ASN A 437 -29.96 -5.21 11.53
C ASN A 437 -30.64 -3.87 11.31
N GLY A 438 -31.94 -3.85 11.02
CA GLY A 438 -32.64 -2.59 10.84
C GLY A 438 -32.30 -1.87 9.56
N ASP A 439 -31.96 -2.61 8.52
CA ASP A 439 -31.51 -2.04 7.24
C ASP A 439 -32.45 -2.50 6.15
N SER A 440 -33.31 -1.62 5.68
CA SER A 440 -34.24 -2.02 4.64
C SER A 440 -33.57 -1.96 3.28
N PRO A 441 -33.68 -3.02 2.47
CA PRO A 441 -33.00 -3.03 1.18
C PRO A 441 -33.72 -2.16 0.15
N GLY A 442 -32.93 -1.62 -0.76
CA GLY A 442 -33.43 -0.79 -1.84
C GLY A 442 -32.51 -0.87 -3.03
N ARG A 443 -32.83 -0.09 -4.04
CA ARG A 443 -32.08 -0.09 -5.29
C ARG A 443 -31.53 1.30 -5.55
N TYR A 444 -30.79 1.44 -6.64
CA TYR A 444 -30.09 2.67 -6.92
C TYR A 444 -30.39 3.17 -8.33
N GLU A 445 -30.04 4.42 -8.57
CA GLU A 445 -30.06 5.01 -9.90
C GLU A 445 -28.79 5.84 -10.06
N ILE A 446 -28.32 5.91 -11.30
CA ILE A 446 -27.08 6.62 -11.63
C ILE A 446 -27.42 7.74 -12.59
N MET A 447 -26.98 8.94 -12.28
CA MET A 447 -27.19 10.06 -13.17
C MET A 447 -25.88 10.66 -13.65
N ASN A 448 -26.02 11.62 -14.56
CA ASN A 448 -24.90 12.37 -15.10
C ASN A 448 -25.34 13.81 -15.28
N PHE A 449 -24.43 14.73 -15.01
CA PHE A 449 -24.70 16.17 -15.11
C PHE A 449 -23.97 16.69 -16.33
N LYS A 450 -24.73 16.97 -17.39
CA LYS A 450 -24.15 17.32 -18.68
C LYS A 450 -25.04 18.34 -19.39
N GLU A 451 -24.53 18.84 -20.51
CA GLU A 451 -25.17 19.93 -21.24
C GLU A 451 -26.30 19.37 -22.09
N MET A 452 -27.53 19.52 -21.62
CA MET A 452 -28.68 19.21 -22.46
C MET A 452 -28.86 20.27 -23.54
N GLY A 453 -29.11 21.51 -23.13
CA GLY A 453 -29.17 22.64 -24.04
C GLY A 453 -28.04 23.61 -23.74
N LYS A 454 -27.84 24.54 -24.67
CA LYS A 454 -26.84 25.58 -24.47
C LYS A 454 -27.32 26.52 -23.37
N ASP A 455 -26.45 26.71 -22.36
CA ASP A 455 -26.80 27.34 -21.08
C ASP A 455 -28.02 26.67 -20.45
N TYR A 456 -28.06 25.34 -20.54
CA TYR A 456 -29.13 24.55 -19.95
C TYR A 456 -28.52 23.21 -19.52
N PHE A 457 -28.11 23.15 -18.27
CA PHE A 457 -27.45 21.98 -17.71
C PHE A 457 -28.44 21.22 -16.84
N ASP A 458 -28.34 19.89 -16.86
CA ASP A 458 -29.36 19.10 -16.19
C ASP A 458 -28.80 17.74 -15.80
N TYR A 459 -29.28 17.25 -14.66
CA TYR A 459 -29.13 15.85 -14.32
C TYR A 459 -29.95 15.00 -15.28
N ILE A 460 -29.41 13.84 -15.66
CA ILE A 460 -30.12 12.94 -16.57
C ILE A 460 -29.82 11.51 -16.16
N ASN A 461 -30.88 10.69 -16.13
CA ASN A 461 -30.74 9.31 -15.68
C ASN A 461 -29.91 8.51 -16.69
N VAL A 462 -29.16 7.55 -16.16
CA VAL A 462 -28.32 6.70 -16.99
C VAL A 462 -28.73 5.25 -16.76
N GLY A 463 -28.60 4.78 -15.53
CA GLY A 463 -28.90 3.39 -15.28
C GLY A 463 -29.01 3.10 -13.79
N SER A 464 -29.34 1.85 -13.49
CA SER A 464 -29.64 1.43 -12.14
C SER A 464 -28.57 0.45 -11.66
N TRP A 465 -28.79 -0.10 -10.46
CA TRP A 465 -27.88 -1.05 -9.86
C TRP A 465 -28.64 -1.85 -8.81
N ASP A 466 -28.44 -3.16 -8.80
CA ASP A 466 -29.07 -4.01 -7.79
C ASP A 466 -28.28 -5.31 -7.72
N ASN A 467 -27.63 -5.55 -6.58
CA ASN A 467 -26.94 -6.80 -6.26
C ASN A 467 -25.85 -7.13 -7.26
N GLY A 468 -25.19 -6.11 -7.80
CA GLY A 468 -24.18 -6.29 -8.80
C GLY A 468 -24.66 -6.14 -10.22
N GLU A 469 -25.97 -6.21 -10.45
CA GLU A 469 -26.50 -6.10 -11.81
C GLU A 469 -26.44 -4.67 -12.29
N LEU A 470 -25.25 -4.24 -12.70
CA LEU A 470 -25.01 -2.86 -13.11
C LEU A 470 -25.44 -2.70 -14.55
N LYS A 471 -26.60 -2.10 -14.76
CA LYS A 471 -27.14 -1.83 -16.09
C LYS A 471 -27.01 -0.34 -16.37
N MET A 472 -26.28 0.02 -17.42
CA MET A 472 -26.10 1.42 -17.77
C MET A 472 -26.16 1.58 -19.28
N ASP A 473 -25.78 2.77 -19.74
CA ASP A 473 -25.81 3.14 -21.15
C ASP A 473 -24.55 3.94 -21.42
N ASP A 474 -23.61 3.36 -22.14
CA ASP A 474 -22.31 4.00 -22.32
C ASP A 474 -22.37 5.09 -23.38
N ASP A 475 -23.24 4.94 -24.39
CA ASP A 475 -23.41 5.96 -25.41
C ASP A 475 -24.22 7.14 -24.92
N GLU A 476 -24.93 6.98 -23.81
CA GLU A 476 -25.59 8.10 -23.17
C GLU A 476 -24.56 9.06 -22.58
N VAL A 477 -23.46 8.53 -22.09
CA VAL A 477 -22.43 9.32 -21.43
C VAL A 477 -21.40 9.69 -22.50
N TRP A 478 -21.10 11.00 -22.57
CA TRP A 478 -20.21 11.71 -23.50
C TRP A 478 -20.77 11.82 -24.91
N SER A 479 -21.86 11.10 -25.20
CA SER A 479 -22.39 10.87 -26.55
C SER A 479 -21.30 10.44 -27.52
N LYS A 480 -20.37 9.60 -27.04
CA LYS A 480 -19.09 9.39 -27.69
C LYS A 480 -18.38 8.21 -27.05
N LYS A 481 -17.82 7.31 -27.85
CA LYS A 481 -17.09 6.18 -27.30
C LYS A 481 -15.62 6.51 -27.05
N SER A 482 -15.18 7.72 -27.37
CA SER A 482 -13.87 8.23 -26.97
C SER A 482 -14.11 9.16 -25.80
N ASN A 483 -13.89 8.65 -24.59
CA ASN A 483 -14.30 9.32 -23.37
C ASN A 483 -13.20 10.23 -22.85
N ILE A 484 -13.35 10.65 -21.58
CA ILE A 484 -12.29 11.33 -20.86
C ILE A 484 -11.14 10.35 -20.61
N ILE A 485 -9.96 10.92 -20.31
CA ILE A 485 -8.73 10.15 -20.15
C ILE A 485 -8.88 9.17 -19.01
N ARG A 486 -8.63 7.89 -19.29
CA ARG A 486 -8.70 6.86 -18.28
C ARG A 486 -7.61 7.08 -17.24
N SER A 487 -7.99 7.09 -15.98
CA SER A 487 -7.05 7.31 -14.89
C SER A 487 -6.22 6.05 -14.72
N VAL A 488 -5.20 5.93 -15.58
CA VAL A 488 -4.28 4.81 -15.58
C VAL A 488 -2.88 5.40 -15.48
N CYS A 489 -2.08 4.87 -14.56
CA CYS A 489 -0.78 5.47 -14.30
C CYS A 489 0.22 5.13 -15.39
N SER A 490 0.52 3.84 -15.56
CA SER A 490 1.42 3.39 -16.60
C SER A 490 0.60 2.75 -17.72
N GLU A 491 0.90 3.15 -18.95
CA GLU A 491 0.15 2.68 -20.11
C GLU A 491 0.37 1.19 -20.32
N PRO A 492 -0.65 0.48 -20.85
CA PRO A 492 -0.48 -0.96 -21.09
C PRO A 492 0.48 -1.25 -22.24
N CYS A 493 1.78 -1.19 -21.93
CA CYS A 493 2.84 -1.38 -22.90
C CYS A 493 3.13 -2.85 -23.20
N GLU A 494 2.29 -3.77 -22.72
CA GLU A 494 2.49 -5.19 -22.97
C GLU A 494 2.24 -5.48 -24.45
N LYS A 495 3.28 -5.95 -25.13
CA LYS A 495 3.20 -6.31 -26.54
C LYS A 495 3.69 -7.72 -26.78
N GLY A 496 3.67 -8.57 -25.75
CA GLY A 496 4.32 -9.86 -25.80
C GLY A 496 5.83 -9.81 -25.68
N GLN A 497 6.41 -8.61 -25.58
CA GLN A 497 7.86 -8.45 -25.55
C GLN A 497 8.35 -7.49 -24.49
N ILE A 498 7.48 -6.68 -23.88
CA ILE A 498 7.88 -5.62 -22.98
C ILE A 498 7.37 -5.99 -21.59
N LYS A 499 8.29 -6.22 -20.65
CA LYS A 499 7.89 -6.65 -19.33
C LYS A 499 7.41 -5.44 -18.50
N VAL A 500 6.97 -5.73 -17.28
CA VAL A 500 6.38 -4.75 -16.38
C VAL A 500 7.15 -4.78 -15.07
N ILE A 501 7.70 -3.63 -14.69
CA ILE A 501 8.47 -3.50 -13.45
C ILE A 501 7.89 -2.37 -12.63
N ARG A 502 7.43 -2.69 -11.42
CA ARG A 502 6.90 -1.70 -10.50
C ARG A 502 8.02 -1.17 -9.62
N LYS A 503 7.94 0.12 -9.27
CA LYS A 503 8.94 0.76 -8.43
C LYS A 503 8.78 0.42 -6.95
N GLY A 504 7.67 -0.21 -6.56
CA GLY A 504 7.43 -0.58 -5.19
C GLY A 504 6.46 0.32 -4.45
N GLU A 505 6.20 1.52 -4.97
CA GLU A 505 5.34 2.46 -4.26
C GLU A 505 3.87 2.11 -4.45
N VAL A 506 3.39 2.17 -5.68
CA VAL A 506 2.02 1.84 -6.03
C VAL A 506 2.05 0.76 -7.09
N SER A 507 1.24 -0.29 -6.93
CA SER A 507 1.23 -1.41 -7.87
C SER A 507 0.62 -1.07 -9.24
N CYS A 508 0.26 0.16 -9.55
CA CYS A 508 -0.23 0.51 -10.87
C CYS A 508 0.68 1.50 -11.59
N CYS A 509 1.67 2.07 -10.92
CA CYS A 509 2.64 2.96 -11.54
C CYS A 509 3.92 2.17 -11.80
N TRP A 510 3.91 1.40 -12.87
CA TRP A 510 5.06 0.57 -13.19
C TRP A 510 5.91 1.20 -14.29
N THR A 511 7.05 0.57 -14.53
CA THR A 511 7.94 0.94 -15.62
C THR A 511 7.95 -0.18 -16.66
N CYS A 512 8.10 0.22 -17.91
CA CYS A 512 8.12 -0.70 -19.03
C CYS A 512 9.56 -0.99 -19.44
N THR A 513 9.83 -2.24 -19.77
CA THR A 513 11.17 -2.64 -20.17
C THR A 513 11.03 -3.76 -21.17
N PRO A 514 11.67 -3.67 -22.34
CA PRO A 514 11.69 -4.81 -23.26
C PRO A 514 12.65 -5.88 -22.78
N CYS A 515 12.34 -7.11 -23.13
CA CYS A 515 13.18 -8.24 -22.78
C CYS A 515 14.00 -8.69 -23.99
N LYS A 516 15.13 -9.33 -23.71
CA LYS A 516 16.11 -9.63 -24.74
C LYS A 516 15.64 -10.78 -25.62
N GLU A 517 16.38 -11.00 -26.71
CA GLU A 517 16.06 -12.07 -27.64
C GLU A 517 16.37 -13.45 -27.07
N ASN A 518 17.26 -13.53 -26.09
CA ASN A 518 17.46 -14.75 -25.32
C ASN A 518 16.39 -14.93 -24.26
N GLU A 519 15.60 -13.88 -24.00
CA GLU A 519 14.65 -13.85 -22.91
C GLU A 519 13.24 -14.01 -23.45
N TYR A 520 12.37 -14.61 -22.64
CA TYR A 520 10.97 -14.73 -22.99
C TYR A 520 10.14 -14.33 -21.78
N VAL A 521 8.90 -13.90 -22.06
CA VAL A 521 8.00 -13.47 -21.00
C VAL A 521 7.48 -14.70 -20.29
N PHE A 522 8.16 -15.09 -19.21
CA PHE A 522 7.67 -16.19 -18.39
C PHE A 522 6.55 -15.73 -17.48
N ASP A 523 6.52 -14.45 -17.18
CA ASP A 523 5.60 -13.85 -16.22
C ASP A 523 5.55 -12.37 -16.54
N GLU A 524 4.52 -11.68 -16.04
CA GLU A 524 4.40 -10.26 -16.32
C GLU A 524 5.43 -9.42 -15.60
N TYR A 525 6.23 -9.99 -14.69
CA TYR A 525 7.17 -9.22 -13.91
C TYR A 525 8.59 -9.74 -14.01
N THR A 526 8.83 -10.79 -14.80
CA THR A 526 10.18 -11.29 -15.00
C THR A 526 10.28 -11.94 -16.37
N CYS A 527 11.49 -11.96 -16.91
CA CYS A 527 11.78 -12.63 -18.17
C CYS A 527 12.84 -13.69 -17.96
N LYS A 528 12.46 -14.94 -18.13
CA LYS A 528 13.34 -16.08 -18.05
C LYS A 528 14.13 -16.21 -19.34
N ALA A 529 15.37 -16.70 -19.22
CA ALA A 529 16.17 -17.07 -20.38
C ALA A 529 15.91 -18.53 -20.74
N CYS A 530 16.06 -18.84 -22.02
CA CYS A 530 15.82 -20.21 -22.49
C CYS A 530 17.04 -21.09 -22.23
N GLN A 531 17.01 -22.29 -22.76
CA GLN A 531 18.09 -23.26 -22.56
C GLN A 531 19.17 -23.02 -23.60
N LEU A 532 20.09 -23.97 -23.71
CA LEU A 532 21.14 -23.92 -24.72
C LEU A 532 20.51 -24.16 -26.10
N GLY A 533 20.54 -23.14 -26.95
CA GLY A 533 20.07 -23.27 -28.31
C GLY A 533 18.58 -23.18 -28.51
N SER A 534 17.78 -23.42 -27.47
CA SER A 534 16.35 -23.24 -27.58
C SER A 534 16.00 -21.76 -27.69
N TRP A 535 15.06 -21.45 -28.57
CA TRP A 535 14.84 -20.07 -28.95
C TRP A 535 13.42 -19.64 -28.58
N PRO A 536 13.25 -18.42 -28.07
CA PRO A 536 11.90 -17.98 -27.68
C PRO A 536 11.02 -17.72 -28.89
N THR A 537 9.73 -18.00 -28.72
CA THR A 537 8.76 -17.88 -29.80
C THR A 537 8.37 -16.42 -30.02
N ASP A 538 7.31 -16.20 -30.82
CA ASP A 538 7.01 -14.85 -31.29
C ASP A 538 6.37 -13.98 -30.22
N ASP A 539 5.48 -14.53 -29.40
CA ASP A 539 4.94 -13.82 -28.25
C ASP A 539 5.77 -14.03 -26.99
N LEU A 540 6.94 -14.67 -27.12
CA LEU A 540 7.92 -14.88 -26.06
C LEU A 540 7.33 -15.63 -24.87
N THR A 541 6.73 -16.77 -25.16
CA THR A 541 6.12 -17.58 -24.12
C THR A 541 6.81 -18.93 -23.94
N GLY A 542 7.16 -19.60 -25.04
CA GLY A 542 7.83 -20.87 -24.96
C GLY A 542 9.14 -20.84 -25.73
N CYS A 543 10.00 -21.80 -25.40
CA CYS A 543 11.33 -21.91 -25.99
C CYS A 543 11.26 -22.95 -27.11
N ASP A 544 11.10 -22.48 -28.34
CA ASP A 544 11.13 -23.36 -29.50
C ASP A 544 12.57 -23.68 -29.87
N LEU A 545 12.73 -24.60 -30.82
CA LEU A 545 14.04 -25.03 -31.25
C LEU A 545 14.38 -24.47 -32.62
N ILE A 546 15.66 -24.56 -32.96
CA ILE A 546 16.16 -24.19 -34.28
C ILE A 546 16.83 -25.42 -34.87
N PRO A 547 16.54 -25.81 -36.11
CA PRO A 547 17.11 -27.04 -36.66
C PRO A 547 18.60 -26.91 -36.97
N VAL A 548 19.25 -28.07 -37.07
CA VAL A 548 20.67 -28.16 -37.35
C VAL A 548 20.92 -27.86 -38.81
N GLN A 549 22.18 -27.68 -39.18
CA GLN A 549 22.60 -27.64 -40.57
C GLN A 549 23.16 -29.03 -40.89
N TYR A 550 22.26 -29.93 -41.30
CA TYR A 550 22.64 -31.33 -41.50
C TYR A 550 23.47 -31.49 -42.76
N LEU A 551 23.10 -30.79 -43.84
CA LEU A 551 23.84 -30.68 -45.10
C LEU A 551 24.05 -32.06 -45.74
N ARG A 552 22.93 -32.66 -46.16
CA ARG A 552 22.97 -33.91 -46.93
C ARG A 552 23.15 -33.64 -48.42
N TRP A 553 22.34 -32.74 -48.98
CA TRP A 553 22.41 -32.35 -50.38
C TRP A 553 23.55 -31.38 -50.66
N GLY A 554 24.22 -30.89 -49.62
CA GLY A 554 25.38 -30.05 -49.80
C GLY A 554 25.05 -28.59 -50.02
N ASP A 555 25.83 -27.71 -49.39
CA ASP A 555 25.80 -26.31 -49.73
C ASP A 555 26.32 -26.13 -51.15
N PRO A 556 25.80 -25.14 -51.90
CA PRO A 556 26.07 -25.11 -53.34
C PRO A 556 27.51 -24.79 -53.73
N GLU A 557 28.25 -24.09 -52.89
CA GLU A 557 29.67 -23.93 -53.21
C GLU A 557 30.48 -25.19 -52.88
N PRO A 558 30.19 -25.95 -51.81
CA PRO A 558 30.75 -27.32 -51.74
C PRO A 558 30.19 -28.31 -52.77
N ILE A 559 29.07 -27.99 -53.45
CA ILE A 559 28.61 -28.84 -54.56
C ILE A 559 29.62 -28.82 -55.70
N ALA A 560 30.35 -27.71 -55.86
CA ALA A 560 31.47 -27.66 -56.81
C ALA A 560 32.56 -28.65 -56.42
N ALA A 561 32.84 -28.81 -55.13
CA ALA A 561 33.81 -29.80 -54.68
C ALA A 561 33.28 -31.21 -54.84
N VAL A 562 31.96 -31.40 -54.73
CA VAL A 562 31.36 -32.71 -54.95
C VAL A 562 31.48 -33.11 -56.43
N VAL A 563 31.23 -32.16 -57.33
CA VAL A 563 31.42 -32.43 -58.76
C VAL A 563 32.90 -32.59 -59.09
N PHE A 564 33.78 -31.94 -58.32
CA PHE A 564 35.22 -32.14 -58.47
C PHE A 564 35.62 -33.56 -58.07
N ALA A 565 35.01 -34.10 -57.02
CA ALA A 565 35.25 -35.49 -56.66
C ALA A 565 34.63 -36.46 -57.67
N CYS A 566 33.52 -36.05 -58.31
CA CYS A 566 32.97 -36.81 -59.43
C CYS A 566 33.96 -36.86 -60.59
N LEU A 567 34.63 -35.74 -60.87
CA LEU A 567 35.66 -35.70 -61.90
C LEU A 567 36.87 -36.54 -61.50
N GLY A 568 37.16 -36.61 -60.20
CA GLY A 568 38.20 -37.53 -59.73
C GLY A 568 37.83 -38.98 -59.96
N LEU A 569 36.55 -39.31 -59.76
CA LEU A 569 36.07 -40.66 -60.07
C LEU A 569 36.11 -40.94 -61.58
N LEU A 570 35.85 -39.91 -62.39
CA LEU A 570 35.95 -40.07 -63.84
C LEU A 570 37.40 -40.27 -64.28
N ALA A 571 38.33 -39.58 -63.64
CA ALA A 571 39.75 -39.81 -63.91
C ALA A 571 40.18 -41.20 -63.46
N THR A 572 39.63 -41.68 -62.34
CA THR A 572 39.88 -43.05 -61.89
C THR A 572 39.38 -44.07 -62.93
N LEU A 573 38.20 -43.80 -63.51
CA LEU A 573 37.68 -44.66 -64.58
C LEU A 573 38.55 -44.60 -65.82
N PHE A 574 39.03 -43.40 -66.18
CA PHE A 574 39.88 -43.24 -67.36
C PHE A 574 41.23 -43.91 -67.19
N VAL A 575 41.74 -44.01 -65.96
CA VAL A 575 42.96 -44.77 -65.71
C VAL A 575 42.69 -46.27 -65.69
N THR A 576 41.64 -46.70 -64.99
CA THR A 576 41.36 -48.13 -64.85
C THR A 576 40.87 -48.78 -66.14
N VAL A 577 40.39 -47.98 -67.10
CA VAL A 577 39.99 -48.56 -68.38
C VAL A 577 41.18 -49.02 -69.21
N VAL A 578 42.37 -48.46 -68.97
CA VAL A 578 43.58 -48.88 -69.68
C VAL A 578 44.63 -49.48 -68.76
N PHE A 579 44.38 -49.54 -67.45
CA PHE A 579 45.31 -50.15 -66.52
C PHE A 579 44.86 -51.51 -66.02
N ILE A 580 43.56 -51.70 -65.81
CA ILE A 580 43.06 -52.95 -65.26
C ILE A 580 42.73 -53.95 -66.35
N ILE A 581 42.09 -53.49 -67.43
CA ILE A 581 41.61 -54.39 -68.47
C ILE A 581 42.61 -54.51 -69.61
N TYR A 582 42.97 -53.38 -70.22
CA TYR A 582 43.92 -53.37 -71.34
C TYR A 582 45.32 -53.49 -70.77
N ARG A 583 45.78 -54.73 -70.62
CA ARG A 583 47.05 -55.03 -69.98
C ARG A 583 48.15 -55.34 -70.99
N ASP A 584 48.18 -54.61 -72.11
CA ASP A 584 49.24 -54.71 -73.09
C ASP A 584 50.54 -54.06 -72.64
N THR A 585 50.53 -53.36 -71.51
CA THR A 585 51.72 -52.69 -70.99
C THR A 585 52.70 -53.74 -70.44
N PRO A 586 53.93 -53.79 -70.97
CA PRO A 586 54.89 -54.79 -70.46
C PRO A 586 55.45 -54.45 -69.10
N VAL A 587 55.42 -53.18 -68.70
CA VAL A 587 56.05 -52.76 -67.44
C VAL A 587 55.20 -53.18 -66.25
N VAL A 588 53.87 -53.21 -66.42
CA VAL A 588 52.98 -53.60 -65.33
C VAL A 588 53.07 -55.10 -65.08
N LYS A 589 53.06 -55.91 -66.14
CA LYS A 589 53.23 -57.35 -65.96
C LYS A 589 54.66 -57.73 -65.64
N SER A 590 55.64 -56.89 -65.97
CA SER A 590 57.02 -57.18 -65.63
C SER A 590 57.27 -56.98 -64.13
N SER A 591 56.72 -55.89 -63.58
CA SER A 591 56.73 -55.66 -62.14
C SER A 591 55.51 -56.36 -61.53
N SER A 592 55.22 -56.06 -60.27
CA SER A 592 54.03 -56.59 -59.62
C SER A 592 52.81 -55.77 -60.00
N ARG A 593 51.75 -56.45 -60.45
CA ARG A 593 50.49 -55.78 -60.75
C ARG A 593 49.81 -55.29 -59.48
N GLU A 594 50.12 -55.91 -58.33
CA GLU A 594 49.53 -55.52 -57.06
C GLU A 594 49.99 -54.14 -56.61
N LEU A 595 51.13 -53.65 -57.11
CA LEU A 595 51.57 -52.28 -56.85
C LEU A 595 50.51 -51.28 -57.32
N CYS A 596 50.25 -51.26 -58.64
CA CYS A 596 49.26 -50.36 -59.20
C CYS A 596 47.85 -50.72 -58.75
N TYR A 597 47.61 -52.00 -58.42
CA TYR A 597 46.31 -52.39 -57.88
C TYR A 597 46.03 -51.75 -56.53
N ILE A 598 47.02 -51.75 -55.64
CA ILE A 598 46.86 -51.11 -54.33
C ILE A 598 46.81 -49.59 -54.48
N ILE A 599 47.53 -49.03 -55.47
CA ILE A 599 47.45 -47.60 -55.73
C ILE A 599 46.04 -47.20 -56.15
N LEU A 600 45.46 -47.93 -57.12
CA LEU A 600 44.11 -47.65 -57.57
C LEU A 600 43.08 -47.92 -56.49
N ALA A 601 43.33 -48.91 -55.63
CA ALA A 601 42.42 -49.23 -54.54
C ALA A 601 42.37 -48.12 -53.50
N GLY A 602 43.55 -47.64 -53.08
CA GLY A 602 43.59 -46.55 -52.12
C GLY A 602 43.03 -45.25 -52.68
N ILE A 603 43.28 -44.99 -53.97
CA ILE A 603 42.76 -43.78 -54.59
C ILE A 603 41.25 -43.82 -54.74
N CYS A 604 40.72 -44.96 -55.20
CA CYS A 604 39.27 -45.11 -55.36
C CYS A 604 38.56 -45.11 -54.02
N LEU A 605 39.19 -45.64 -52.97
CA LEU A 605 38.57 -45.54 -51.65
C LEU A 605 38.64 -44.13 -51.09
N GLY A 606 39.68 -43.37 -51.43
CA GLY A 606 39.70 -41.96 -51.07
C GLY A 606 38.58 -41.17 -51.72
N TYR A 607 38.42 -41.34 -53.04
CA TYR A 607 37.32 -40.66 -53.73
C TYR A 607 35.95 -41.22 -53.36
N LEU A 608 35.88 -42.44 -52.83
CA LEU A 608 34.60 -42.94 -52.33
C LEU A 608 34.28 -42.34 -50.96
N CYS A 609 35.28 -42.19 -50.10
CA CYS A 609 35.07 -41.59 -48.79
C CYS A 609 34.88 -40.07 -48.87
N THR A 610 35.22 -39.45 -50.00
CA THR A 610 34.81 -38.06 -50.22
C THR A 610 33.29 -37.92 -50.19
N PHE A 611 32.58 -38.76 -50.95
CA PHE A 611 31.13 -38.66 -51.02
C PHE A 611 30.46 -39.20 -49.77
N CYS A 612 31.19 -39.91 -48.91
CA CYS A 612 30.65 -40.44 -47.67
C CYS A 612 30.81 -39.49 -46.50
N LEU A 613 30.81 -38.19 -46.77
CA LEU A 613 31.01 -37.16 -45.77
C LEU A 613 29.84 -36.19 -45.66
N ILE A 614 29.16 -35.91 -46.76
CA ILE A 614 28.06 -34.92 -46.76
C ILE A 614 26.78 -35.68 -46.40
N ALA A 615 26.58 -35.86 -45.10
CA ALA A 615 25.44 -36.62 -44.62
C ALA A 615 25.06 -36.16 -43.23
N LYS A 616 23.88 -36.59 -42.78
CA LYS A 616 23.50 -36.43 -41.38
C LYS A 616 24.39 -37.33 -40.54
N PRO A 617 25.03 -36.81 -39.50
CA PRO A 617 25.92 -37.66 -38.70
C PRO A 617 25.18 -38.59 -37.75
N LYS A 618 24.76 -39.75 -38.25
CA LYS A 618 24.18 -40.79 -37.41
C LYS A 618 25.32 -41.62 -36.82
N GLN A 619 25.00 -42.76 -36.20
CA GLN A 619 26.03 -43.58 -35.59
C GLN A 619 26.89 -44.27 -36.64
N ILE A 620 26.25 -44.99 -37.58
CA ILE A 620 26.99 -45.64 -38.65
C ILE A 620 27.53 -44.61 -39.65
N TYR A 621 26.90 -43.43 -39.74
CA TYR A 621 27.41 -42.40 -40.63
C TYR A 621 28.64 -41.73 -40.03
N CYS A 622 28.66 -41.53 -38.71
CA CYS A 622 29.90 -41.11 -38.05
C CYS A 622 30.96 -42.20 -38.12
N TYR A 623 30.56 -43.48 -38.12
CA TYR A 623 31.52 -44.54 -38.31
C TYR A 623 32.13 -44.50 -39.71
N LEU A 624 31.31 -44.21 -40.72
CA LEU A 624 31.80 -44.10 -42.10
C LEU A 624 32.69 -42.88 -42.27
N GLN A 625 32.34 -41.76 -41.63
CA GLN A 625 33.19 -40.58 -41.74
C GLN A 625 34.47 -40.74 -40.95
N ARG A 626 34.44 -41.44 -39.82
CA ARG A 626 35.66 -41.72 -39.08
C ARG A 626 36.56 -42.68 -39.84
N ILE A 627 35.95 -43.60 -40.59
CA ILE A 627 36.70 -44.45 -41.51
C ILE A 627 37.36 -43.61 -42.60
N GLY A 628 36.58 -42.72 -43.21
CA GLY A 628 37.11 -41.85 -44.24
C GLY A 628 38.11 -40.82 -43.75
N ILE A 629 38.14 -40.57 -42.44
CA ILE A 629 39.04 -39.57 -41.87
C ILE A 629 40.32 -40.23 -41.35
N GLY A 630 40.22 -41.48 -40.90
CA GLY A 630 41.39 -42.12 -40.35
C GLY A 630 42.02 -43.17 -41.23
N LEU A 631 41.21 -44.04 -41.83
CA LEU A 631 41.73 -45.16 -42.59
C LEU A 631 41.90 -44.82 -44.06
N SER A 632 41.03 -43.96 -44.60
CA SER A 632 41.17 -43.52 -45.99
C SER A 632 42.42 -42.64 -46.22
N PRO A 633 42.85 -41.76 -45.29
CA PRO A 633 44.22 -41.23 -45.43
C PRO A 633 45.28 -42.27 -45.14
N ALA A 634 44.98 -43.27 -44.33
CA ALA A 634 45.93 -44.35 -44.09
C ALA A 634 46.06 -45.23 -45.33
N MET A 635 44.94 -45.64 -45.92
CA MET A 635 45.02 -46.50 -47.10
C MET A 635 45.34 -45.72 -48.36
N SER A 636 45.10 -44.41 -48.37
CA SER A 636 45.51 -43.59 -49.51
C SER A 636 47.03 -43.45 -49.58
N TYR A 637 47.71 -43.52 -48.43
CA TYR A 637 49.17 -43.57 -48.42
C TYR A 637 49.69 -45.00 -48.48
N SER A 638 48.93 -45.97 -47.97
CA SER A 638 49.27 -47.39 -48.15
C SER A 638 49.18 -47.80 -49.61
N ALA A 639 48.37 -47.07 -50.38
CA ALA A 639 48.42 -47.14 -51.83
C ALA A 639 49.82 -46.86 -52.35
N LEU A 640 50.37 -45.71 -51.98
CA LEU A 640 51.61 -45.24 -52.60
C LEU A 640 52.85 -45.95 -52.04
N VAL A 641 52.84 -46.28 -50.75
CA VAL A 641 54.07 -46.62 -50.04
C VAL A 641 54.64 -47.96 -50.48
N THR A 642 53.83 -48.86 -51.02
CA THR A 642 54.30 -50.17 -51.46
C THR A 642 55.21 -50.03 -52.68
N LYS A 643 54.73 -49.36 -53.72
CA LYS A 643 55.56 -49.10 -54.89
C LYS A 643 56.62 -48.03 -54.60
N THR A 644 56.41 -47.18 -53.58
CA THR A 644 57.40 -46.19 -53.22
C THR A 644 58.63 -46.83 -52.58
N ASN A 645 58.45 -47.84 -51.73
CA ASN A 645 59.56 -48.48 -51.05
C ASN A 645 59.87 -49.86 -51.61
N ARG A 646 59.25 -50.24 -52.74
CA ARG A 646 59.76 -51.40 -53.48
C ARG A 646 61.14 -51.10 -54.06
N ILE A 647 61.41 -49.84 -54.40
CA ILE A 647 62.71 -49.45 -54.92
C ILE A 647 63.75 -49.39 -53.80
N ALA A 648 63.31 -49.38 -52.53
CA ALA A 648 64.24 -49.30 -51.41
C ALA A 648 65.05 -50.58 -51.24
N ARG A 649 64.45 -51.74 -51.55
CA ARG A 649 65.17 -53.00 -51.45
C ARG A 649 66.23 -53.16 -52.53
N ILE A 650 66.09 -52.44 -53.63
CA ILE A 650 67.16 -52.39 -54.64
C ILE A 650 68.17 -51.29 -54.30
N LEU A 651 67.68 -50.17 -53.74
CA LEU A 651 68.53 -49.02 -53.46
C LEU A 651 69.46 -49.30 -52.29
N ALA A 652 68.90 -49.52 -51.11
CA ALA A 652 69.70 -49.78 -49.92
C ALA A 652 70.15 -51.23 -49.80
N GLY A 653 69.66 -52.11 -50.67
CA GLY A 653 69.91 -53.53 -50.51
C GLY A 653 71.09 -54.09 -51.28
N SER A 654 71.13 -53.88 -52.59
CA SER A 654 72.08 -54.60 -53.42
C SER A 654 73.38 -53.84 -53.71
N LYS A 655 73.28 -52.71 -54.41
CA LYS A 655 74.47 -52.13 -55.01
C LYS A 655 74.67 -50.66 -54.66
N LYS A 656 73.60 -49.87 -54.55
CA LYS A 656 73.75 -48.43 -54.42
C LYS A 656 74.22 -48.04 -53.02
N LYS A 657 73.44 -48.36 -52.00
CA LYS A 657 73.87 -48.20 -50.62
C LYS A 657 74.35 -49.55 -50.11
N ILE A 658 75.66 -49.70 -49.97
CA ILE A 658 76.25 -50.96 -49.55
C ILE A 658 76.06 -51.14 -48.05
N CYS A 659 75.37 -52.20 -47.66
CA CYS A 659 75.21 -52.57 -46.26
C CYS A 659 75.46 -54.06 -46.10
N THR A 660 76.00 -54.43 -44.94
CA THR A 660 76.41 -55.82 -44.70
C THR A 660 75.29 -56.64 -44.07
N LYS A 661 74.10 -56.57 -44.67
CA LYS A 661 72.93 -57.36 -44.29
C LYS A 661 71.93 -57.26 -45.43
N LYS A 662 71.03 -58.24 -45.50
CA LYS A 662 70.02 -58.32 -46.55
C LYS A 662 68.65 -58.33 -45.89
N PRO A 663 68.05 -57.16 -45.61
CA PRO A 663 66.76 -57.10 -44.91
C PRO A 663 65.58 -57.32 -45.86
N ARG A 664 65.57 -58.48 -46.52
CA ARG A 664 64.49 -58.88 -47.41
C ARG A 664 64.51 -60.40 -47.50
N PHE A 665 63.60 -60.94 -48.31
CA PHE A 665 63.48 -62.37 -48.52
C PHE A 665 63.90 -62.74 -49.94
N MET A 666 64.08 -64.04 -50.15
CA MET A 666 64.58 -64.54 -51.43
C MET A 666 63.45 -64.89 -52.40
N SER A 667 62.51 -63.94 -52.56
CA SER A 667 61.39 -64.03 -53.50
C SER A 667 60.75 -62.65 -53.64
N ALA A 668 60.47 -62.23 -54.88
CA ALA A 668 59.84 -60.94 -55.09
C ALA A 668 58.39 -60.93 -54.61
N CYS A 669 57.71 -62.07 -54.67
CA CYS A 669 56.40 -62.19 -54.03
C CYS A 669 56.54 -62.07 -52.52
N ALA A 670 57.60 -62.64 -51.95
CA ALA A 670 57.85 -62.46 -50.53
C ALA A 670 58.32 -61.04 -50.22
N GLN A 671 58.96 -60.36 -51.18
CA GLN A 671 59.24 -58.94 -51.03
C GLN A 671 57.95 -58.13 -50.98
N LEU A 672 56.95 -58.53 -51.76
CA LEU A 672 55.65 -57.87 -51.69
C LEU A 672 54.93 -58.21 -50.38
N VAL A 673 55.16 -59.41 -49.85
CA VAL A 673 54.65 -59.76 -48.52
C VAL A 673 55.29 -58.88 -47.44
N ILE A 674 56.59 -58.60 -47.58
CA ILE A 674 57.30 -57.69 -46.68
C ILE A 674 56.74 -56.28 -46.79
N ALA A 675 56.43 -55.85 -48.01
CA ALA A 675 55.79 -54.55 -48.22
C ALA A 675 54.36 -54.51 -47.67
N PHE A 676 53.69 -55.66 -47.57
CA PHE A 676 52.34 -55.73 -47.01
C PHE A 676 52.29 -55.51 -45.50
N ILE A 677 53.44 -55.44 -44.81
CA ILE A 677 53.44 -55.46 -43.35
C ILE A 677 52.91 -54.15 -42.78
N LEU A 678 53.28 -53.01 -43.40
CA LEU A 678 53.01 -51.69 -42.84
C LEU A 678 51.56 -51.24 -42.96
N ILE A 679 50.64 -52.11 -43.38
CA ILE A 679 49.27 -51.67 -43.66
C ILE A 679 48.45 -51.60 -42.39
N CYS A 680 48.45 -52.66 -41.59
CA CYS A 680 47.54 -52.78 -40.45
C CYS A 680 48.03 -52.07 -39.20
N ILE A 681 49.20 -51.43 -39.24
CA ILE A 681 49.75 -50.78 -38.06
C ILE A 681 48.93 -49.55 -37.70
N GLN A 682 48.51 -48.78 -38.69
CA GLN A 682 47.60 -47.67 -38.43
C GLN A 682 46.19 -48.18 -38.10
N LEU A 683 45.79 -49.28 -38.73
CA LEU A 683 44.45 -49.84 -38.54
C LEU A 683 44.22 -50.31 -37.11
N GLY A 684 45.25 -50.89 -36.48
CA GLY A 684 45.13 -51.27 -35.09
C GLY A 684 44.95 -50.08 -34.16
N ILE A 685 45.64 -48.98 -34.45
CA ILE A 685 45.53 -47.79 -33.61
C ILE A 685 44.17 -47.12 -33.81
N ILE A 686 43.66 -47.12 -35.04
CA ILE A 686 42.33 -46.56 -35.28
C ILE A 686 41.24 -47.45 -34.67
N VAL A 687 41.46 -48.76 -34.65
CA VAL A 687 40.53 -49.66 -33.95
C VAL A 687 40.58 -49.41 -32.44
N ALA A 688 41.77 -49.12 -31.91
CA ALA A 688 41.89 -48.76 -30.51
C ALA A 688 41.21 -47.43 -30.19
N LEU A 689 41.22 -46.50 -31.15
CA LEU A 689 40.48 -45.25 -30.97
C LEU A 689 38.98 -45.47 -31.07
N PHE A 690 38.55 -46.43 -31.89
CA PHE A 690 37.13 -46.81 -31.94
C PHE A 690 36.68 -47.42 -30.62
N ILE A 691 37.55 -48.22 -29.99
CA ILE A 691 37.25 -48.76 -28.66
C ILE A 691 37.23 -47.66 -27.62
N MET A 692 38.24 -46.78 -27.65
CA MET A 692 38.33 -45.69 -26.68
C MET A 692 37.31 -44.58 -26.95
N GLU A 693 36.75 -44.51 -28.15
CA GLU A 693 35.69 -43.55 -28.43
C GLU A 693 34.80 -44.05 -29.55
N PRO A 694 33.51 -44.27 -29.28
CA PRO A 694 32.59 -44.70 -30.33
C PRO A 694 32.18 -43.52 -31.19
N PRO A 695 32.00 -43.73 -32.49
CA PRO A 695 31.51 -42.64 -33.36
C PRO A 695 30.03 -42.35 -33.16
N ASP A 696 29.73 -41.24 -32.51
CA ASP A 696 28.37 -40.86 -32.15
C ASP A 696 28.12 -39.41 -32.51
N ILE A 697 26.85 -39.03 -32.43
CA ILE A 697 26.43 -37.69 -32.85
C ILE A 697 26.64 -36.69 -31.73
N MET A 698 26.95 -35.46 -32.10
CA MET A 698 27.10 -34.35 -31.15
C MET A 698 26.50 -33.10 -31.75
N HIS A 699 25.89 -32.27 -30.91
CA HIS A 699 25.37 -30.99 -31.35
C HIS A 699 26.38 -29.88 -31.10
N ASP A 700 26.27 -28.83 -31.91
CA ASP A 700 27.11 -27.67 -31.76
C ASP A 700 26.24 -26.43 -31.69
N TYR A 701 26.68 -25.46 -30.89
CA TYR A 701 25.99 -24.18 -30.77
C TYR A 701 27.06 -23.09 -30.71
N PRO A 702 27.50 -22.60 -31.87
CA PRO A 702 28.49 -21.52 -31.88
C PRO A 702 27.88 -20.22 -31.39
N SER A 703 26.72 -19.89 -31.92
CA SER A 703 25.92 -18.77 -31.45
C SER A 703 24.66 -19.31 -30.79
N ILE A 704 23.79 -18.41 -30.38
CA ILE A 704 22.50 -18.83 -29.83
C ILE A 704 21.61 -19.32 -30.96
N ARG A 705 21.59 -18.62 -32.08
CA ARG A 705 20.78 -19.04 -33.22
C ARG A 705 21.40 -20.20 -33.97
N GLU A 706 22.73 -20.25 -34.06
CA GLU A 706 23.41 -21.21 -34.92
C GLU A 706 23.40 -22.59 -34.29
N VAL A 707 22.76 -23.54 -34.97
CA VAL A 707 22.57 -24.89 -34.48
C VAL A 707 23.18 -25.86 -35.49
N TYR A 708 23.99 -26.80 -35.00
CA TYR A 708 24.66 -27.75 -35.87
C TYR A 708 24.59 -29.13 -35.23
N LEU A 709 24.85 -30.15 -36.05
CA LEU A 709 24.95 -31.54 -35.60
C LEU A 709 26.22 -32.13 -36.19
N ILE A 710 27.13 -32.57 -35.32
CA ILE A 710 28.44 -33.06 -35.73
C ILE A 710 28.65 -34.45 -35.15
N CYS A 711 29.82 -35.01 -35.44
CA CYS A 711 30.27 -36.23 -34.79
C CYS A 711 31.14 -35.87 -33.59
N ASN A 712 31.32 -36.85 -32.71
CA ASN A 712 32.24 -36.67 -31.58
C ASN A 712 33.67 -36.73 -32.10
N THR A 713 34.23 -35.55 -32.39
CA THR A 713 35.54 -35.42 -32.99
C THR A 713 36.50 -34.76 -32.02
N THR A 714 37.60 -35.43 -31.73
CA THR A 714 38.67 -34.87 -30.92
C THR A 714 39.73 -34.25 -31.82
N ASN A 715 40.58 -33.41 -31.21
CA ASN A 715 41.67 -32.80 -31.95
C ASN A 715 42.73 -33.84 -32.34
N LEU A 716 43.02 -34.77 -31.43
CA LEU A 716 43.98 -35.83 -31.71
C LEU A 716 43.40 -36.95 -32.58
N GLY A 717 42.08 -36.97 -32.80
CA GLY A 717 41.46 -38.04 -33.57
C GLY A 717 41.82 -38.04 -35.03
N VAL A 718 42.26 -36.90 -35.57
CA VAL A 718 42.74 -36.82 -36.94
C VAL A 718 44.25 -36.65 -36.98
N VAL A 719 44.87 -36.14 -35.92
CA VAL A 719 46.33 -36.10 -35.83
C VAL A 719 46.89 -37.51 -35.68
N THR A 720 46.14 -38.43 -35.09
CA THR A 720 46.61 -39.79 -34.87
C THR A 720 46.79 -40.59 -36.18
N PRO A 721 45.90 -40.52 -37.18
CA PRO A 721 46.31 -41.05 -38.50
C PRO A 721 47.30 -40.17 -39.22
N LEU A 722 47.49 -38.93 -38.80
CA LEU A 722 48.48 -38.05 -39.43
C LEU A 722 49.83 -38.12 -38.76
N GLY A 723 49.88 -38.45 -37.46
CA GLY A 723 51.16 -38.47 -36.76
C GLY A 723 52.07 -39.60 -37.21
N TYR A 724 51.48 -40.72 -37.61
CA TYR A 724 52.28 -41.79 -38.20
C TYR A 724 52.61 -41.50 -39.65
N ASN A 725 51.66 -40.91 -40.39
CA ASN A 725 51.88 -40.65 -41.81
C ASN A 725 52.85 -39.50 -42.06
N GLY A 726 53.09 -38.65 -41.06
CA GLY A 726 54.02 -37.55 -41.24
C GLY A 726 55.47 -38.01 -41.26
N LEU A 727 55.82 -38.95 -40.39
CA LEU A 727 57.17 -39.49 -40.38
C LEU A 727 57.43 -40.39 -41.58
N LEU A 728 56.38 -40.99 -42.14
CA LEU A 728 56.52 -41.79 -43.35
C LEU A 728 56.88 -40.95 -44.56
N ILE A 729 56.54 -39.66 -44.54
CA ILE A 729 56.95 -38.75 -45.62
C ILE A 729 58.47 -38.59 -45.63
N LEU A 730 59.06 -38.35 -44.46
CA LEU A 730 60.51 -38.26 -44.36
C LEU A 730 61.18 -39.62 -44.58
N SER A 731 60.47 -40.70 -44.24
CA SER A 731 61.00 -42.04 -44.50
C SER A 731 61.10 -42.33 -46.00
N CYS A 732 60.04 -42.02 -46.75
CA CYS A 732 60.07 -42.18 -48.19
C CYS A 732 60.94 -41.13 -48.87
N THR A 733 61.18 -39.99 -48.22
CA THR A 733 62.12 -39.01 -48.74
C THR A 733 63.56 -39.51 -48.60
N PHE A 734 63.90 -40.08 -47.45
CA PHE A 734 65.23 -40.68 -47.26
C PHE A 734 65.40 -41.92 -48.13
N TYR A 735 64.31 -42.66 -48.38
CA TYR A 735 64.38 -43.83 -49.25
C TYR A 735 64.37 -43.47 -50.72
N ALA A 736 64.05 -42.22 -51.06
CA ALA A 736 64.06 -41.77 -52.45
C ALA A 736 64.71 -40.39 -52.57
N PHE A 737 65.84 -40.20 -51.88
CA PHE A 737 66.56 -38.94 -51.95
C PHE A 737 67.45 -38.88 -53.19
N LYS A 738 68.40 -39.81 -53.30
CA LYS A 738 69.29 -39.85 -54.44
C LYS A 738 68.65 -40.44 -55.68
N THR A 739 67.43 -40.98 -55.57
CA THR A 739 66.76 -41.58 -56.72
C THR A 739 66.28 -40.54 -57.72
N ARG A 740 66.20 -39.27 -57.32
CA ARG A 740 65.85 -38.19 -58.22
C ARG A 740 66.91 -37.94 -59.29
N ASN A 741 68.13 -38.45 -59.10
CA ASN A 741 69.17 -38.43 -60.13
C ASN A 741 69.50 -39.83 -60.62
N VAL A 742 68.60 -40.79 -60.41
CA VAL A 742 68.74 -42.16 -60.92
C VAL A 742 67.70 -42.34 -62.03
N PRO A 743 68.11 -42.43 -63.30
CA PRO A 743 67.15 -42.51 -64.43
C PRO A 743 66.58 -43.91 -64.61
N ALA A 744 65.70 -44.31 -63.70
CA ALA A 744 65.13 -45.65 -63.72
C ALA A 744 63.74 -45.61 -64.34
N ASN A 745 63.55 -46.40 -65.40
CA ASN A 745 62.25 -46.72 -66.01
C ASN A 745 61.52 -45.46 -66.50
N PHE A 746 62.13 -44.84 -67.52
CA PHE A 746 61.68 -43.57 -68.10
C PHE A 746 61.61 -42.47 -67.06
N ASN A 747 62.67 -42.37 -66.24
CA ASN A 747 62.82 -41.37 -65.18
C ASN A 747 61.68 -41.44 -64.17
N GLU A 748 61.30 -42.67 -63.80
CA GLU A 748 60.14 -42.88 -62.93
C GLU A 748 60.41 -42.38 -61.52
N ALA A 749 61.64 -42.55 -61.04
CA ALA A 749 61.98 -42.09 -59.69
C ALA A 749 62.03 -40.58 -59.61
N LYS A 750 62.35 -39.90 -60.72
CA LYS A 750 62.28 -38.44 -60.76
C LYS A 750 60.85 -37.95 -60.61
N TYR A 751 59.91 -38.56 -61.34
CA TYR A 751 58.51 -38.22 -61.18
C TYR A 751 57.97 -38.67 -59.83
N ILE A 752 58.56 -39.70 -59.21
CA ILE A 752 58.12 -40.12 -57.89
C ILE A 752 58.56 -39.13 -56.83
N ALA A 753 59.79 -38.63 -56.94
CA ALA A 753 60.27 -37.60 -56.02
C ALA A 753 59.51 -36.29 -56.22
N PHE A 754 59.21 -35.96 -57.47
CA PHE A 754 58.38 -34.79 -57.78
C PHE A 754 56.96 -34.97 -57.24
N THR A 755 56.46 -36.20 -57.27
CA THR A 755 55.13 -36.51 -56.76
C THR A 755 55.08 -36.36 -55.24
N MET A 756 56.10 -36.87 -54.54
CA MET A 756 56.16 -36.73 -53.09
C MET A 756 56.37 -35.28 -52.68
N TYR A 757 57.16 -34.54 -53.48
CA TYR A 757 57.36 -33.11 -53.24
C TYR A 757 56.08 -32.33 -53.42
N THR A 758 55.26 -32.71 -54.40
CA THR A 758 53.96 -32.08 -54.57
C THR A 758 53.00 -32.50 -53.46
N THR A 759 53.11 -33.74 -52.98
CA THR A 759 52.16 -34.31 -52.04
C THR A 759 52.33 -33.74 -50.65
N CYS A 760 53.57 -33.58 -50.19
CA CYS A 760 53.84 -33.23 -48.79
C CYS A 760 53.37 -31.83 -48.42
N ILE A 761 53.20 -30.93 -49.39
CA ILE A 761 52.92 -29.53 -49.10
C ILE A 761 51.52 -29.36 -48.53
N ILE A 762 50.53 -30.04 -49.11
CA ILE A 762 49.17 -29.89 -48.62
C ILE A 762 48.97 -30.61 -47.29
N TRP A 763 49.72 -31.70 -47.05
CA TRP A 763 49.69 -32.33 -45.73
C TRP A 763 50.34 -31.45 -44.68
N LEU A 764 51.33 -30.64 -45.08
CA LEU A 764 51.80 -29.59 -44.18
C LEU A 764 50.73 -28.52 -43.97
N ALA A 765 49.99 -28.19 -45.03
CA ALA A 765 49.10 -27.04 -44.98
C ALA A 765 47.77 -27.34 -44.30
N PHE A 766 47.41 -28.61 -44.14
CA PHE A 766 46.07 -28.96 -43.69
C PHE A 766 45.78 -28.52 -42.25
N VAL A 767 46.78 -28.59 -41.38
CA VAL A 767 46.57 -28.41 -39.94
C VAL A 767 46.09 -27.00 -39.56
N PRO A 768 46.71 -25.88 -39.99
CA PRO A 768 46.12 -24.59 -39.59
C PRO A 768 44.87 -24.24 -40.37
N ILE A 769 44.73 -24.74 -41.60
CA ILE A 769 43.54 -24.40 -42.38
C ILE A 769 42.33 -25.19 -41.89
N TYR A 770 42.54 -26.31 -41.19
CA TYR A 770 41.43 -27.02 -40.57
C TYR A 770 41.16 -26.53 -39.16
N PHE A 771 42.22 -26.27 -38.39
CA PHE A 771 41.99 -25.83 -37.01
C PHE A 771 41.50 -24.40 -36.94
N GLY A 772 41.93 -23.53 -37.87
CA GLY A 772 41.52 -22.14 -37.83
C GLY A 772 40.14 -21.90 -38.40
N SER A 773 39.67 -22.79 -39.27
CA SER A 773 38.37 -22.58 -39.89
C SER A 773 37.25 -22.93 -38.91
N ASN A 774 36.04 -22.53 -39.27
CA ASN A 774 34.85 -22.76 -38.45
C ASN A 774 34.00 -23.92 -38.95
N TYR A 775 34.34 -24.51 -40.09
CA TYR A 775 33.60 -25.67 -40.58
C TYR A 775 34.47 -26.90 -40.76
N LYS A 776 35.68 -26.75 -41.33
CA LYS A 776 36.74 -27.76 -41.53
C LYS A 776 36.25 -29.08 -42.10
N ILE A 777 35.14 -29.09 -42.83
CA ILE A 777 34.55 -30.35 -43.27
C ILE A 777 34.60 -30.41 -44.79
N ILE A 778 34.55 -29.25 -45.43
CA ILE A 778 34.76 -29.18 -46.86
C ILE A 778 36.24 -29.00 -47.13
N THR A 779 36.94 -28.42 -46.17
CA THR A 779 38.40 -28.45 -46.14
C THR A 779 38.91 -29.89 -46.07
N MET A 780 38.17 -30.76 -45.38
CA MET A 780 38.58 -32.16 -45.25
C MET A 780 38.54 -32.88 -46.59
N CYS A 781 37.39 -32.85 -47.27
CA CYS A 781 37.28 -33.53 -48.57
C CYS A 781 38.12 -32.83 -49.63
N PHE A 782 38.28 -31.51 -49.50
CA PHE A 782 39.19 -30.76 -50.35
C PHE A 782 40.62 -31.26 -50.20
N SER A 783 41.04 -31.52 -48.97
CA SER A 783 42.38 -32.04 -48.72
C SER A 783 42.53 -33.47 -49.20
N VAL A 784 41.47 -34.27 -49.06
CA VAL A 784 41.52 -35.65 -49.54
C VAL A 784 41.66 -35.70 -51.06
N SER A 785 40.86 -34.89 -51.77
CA SER A 785 40.95 -34.89 -53.23
C SER A 785 42.24 -34.23 -53.72
N LEU A 786 42.76 -33.25 -52.98
CA LEU A 786 44.05 -32.67 -53.34
C LEU A 786 45.20 -33.66 -53.12
N SER A 787 45.09 -34.50 -52.09
CA SER A 787 46.10 -35.52 -51.88
C SER A 787 45.98 -36.64 -52.91
N ALA A 788 44.78 -36.90 -53.40
CA ALA A 788 44.57 -37.99 -54.34
C ALA A 788 44.80 -37.59 -55.80
N THR A 789 44.75 -36.31 -56.12
CA THR A 789 44.84 -35.89 -57.51
C THR A 789 46.25 -36.02 -58.07
N VAL A 790 47.23 -35.40 -57.40
CA VAL A 790 48.56 -35.25 -57.98
C VAL A 790 49.33 -36.56 -58.00
N ALA A 791 48.99 -37.50 -57.10
CA ALA A 791 49.67 -38.79 -57.04
C ALA A 791 49.38 -39.63 -58.26
N LEU A 792 48.22 -39.44 -58.88
CA LEU A 792 47.91 -40.08 -60.14
C LEU A 792 48.22 -39.21 -61.34
N GLY A 793 48.16 -37.89 -61.18
CA GLY A 793 48.44 -37.00 -62.29
C GLY A 793 49.91 -36.94 -62.67
N CYS A 794 50.80 -37.16 -61.72
CA CYS A 794 52.23 -37.10 -61.99
C CYS A 794 52.87 -38.47 -62.18
N MET A 795 52.11 -39.55 -62.01
CA MET A 795 52.65 -40.90 -62.11
C MET A 795 52.06 -41.70 -63.26
N PHE A 796 50.74 -41.66 -63.44
CA PHE A 796 50.10 -42.57 -64.38
C PHE A 796 50.09 -42.03 -65.81
N VAL A 797 49.93 -40.72 -65.97
CA VAL A 797 49.83 -40.11 -67.30
C VAL A 797 51.16 -40.19 -68.08
N PRO A 798 52.34 -39.85 -67.52
CA PRO A 798 53.56 -40.08 -68.31
C PRO A 798 53.95 -41.55 -68.44
N LYS A 799 53.49 -42.41 -67.54
CA LYS A 799 53.84 -43.83 -67.67
C LYS A 799 53.03 -44.50 -68.77
N VAL A 800 51.76 -44.17 -68.90
CA VAL A 800 50.89 -44.81 -69.87
C VAL A 800 50.95 -44.10 -71.23
N TYR A 801 51.00 -42.77 -71.23
CA TYR A 801 50.92 -42.05 -72.50
C TYR A 801 52.21 -42.14 -73.31
N ILE A 802 53.36 -42.33 -72.66
CA ILE A 802 54.61 -42.44 -73.40
C ILE A 802 54.76 -43.79 -74.10
N ILE A 803 54.05 -44.81 -73.63
CA ILE A 803 54.08 -46.13 -74.26
C ILE A 803 52.81 -46.38 -75.08
N LEU A 804 52.12 -45.32 -75.50
CA LEU A 804 50.93 -45.44 -76.33
C LEU A 804 51.32 -45.87 -77.74
N GLN B 1 -32.57 10.30 48.85
CA GLN B 1 -32.95 9.82 50.18
C GLN B 1 -33.98 8.71 50.08
N VAL B 2 -34.02 7.84 51.09
CA VAL B 2 -34.92 6.70 51.13
C VAL B 2 -35.71 6.75 52.44
N GLN B 3 -37.03 6.76 52.33
CA GLN B 3 -37.89 6.81 53.49
C GLN B 3 -38.53 5.44 53.73
N LEU B 4 -38.82 5.17 55.00
CA LEU B 4 -39.28 3.86 55.43
C LEU B 4 -40.66 3.96 56.06
N VAL B 5 -41.52 3.00 55.72
CA VAL B 5 -42.90 2.98 56.19
C VAL B 5 -43.14 1.64 56.87
N GLU B 6 -43.35 1.66 58.18
CA GLU B 6 -43.74 0.47 58.90
C GLU B 6 -45.26 0.29 58.84
N SER B 7 -45.68 -0.98 58.87
CA SER B 7 -47.11 -1.30 58.86
C SER B 7 -47.30 -2.70 59.42
N GLY B 8 -48.50 -2.95 59.94
CA GLY B 8 -48.88 -4.25 60.42
C GLY B 8 -49.08 -4.38 61.92
N GLY B 9 -49.43 -3.30 62.62
CA GLY B 9 -49.55 -3.36 64.05
C GLY B 9 -50.98 -3.50 64.55
N GLY B 10 -51.12 -4.08 65.74
CA GLY B 10 -52.43 -4.25 66.32
C GLY B 10 -52.38 -5.20 67.51
N LEU B 11 -53.56 -5.69 67.89
CA LEU B 11 -53.70 -6.58 69.04
C LEU B 11 -53.67 -8.03 68.58
N VAL B 12 -53.01 -8.88 69.38
CA VAL B 12 -52.89 -10.30 69.07
C VAL B 12 -52.71 -11.06 70.38
N GLN B 13 -53.26 -12.26 70.45
CA GLN B 13 -52.99 -13.14 71.57
C GLN B 13 -51.56 -13.66 71.45
N ALA B 14 -50.97 -13.96 72.61
CA ALA B 14 -49.62 -14.51 72.66
C ALA B 14 -49.60 -15.91 72.02
N GLY B 15 -48.46 -16.22 71.40
CA GLY B 15 -48.31 -17.48 70.68
C GLY B 15 -48.84 -17.47 69.27
N GLY B 16 -49.41 -16.35 68.80
CA GLY B 16 -49.91 -16.26 67.46
C GLY B 16 -48.84 -15.91 66.45
N SER B 17 -49.23 -15.20 65.40
CA SER B 17 -48.29 -14.78 64.37
C SER B 17 -48.72 -13.44 63.81
N LEU B 18 -47.74 -12.72 63.26
CA LEU B 18 -47.97 -11.41 62.66
C LEU B 18 -46.81 -11.13 61.71
N ARG B 19 -47.09 -10.32 60.69
CA ARG B 19 -46.13 -10.07 59.61
C ARG B 19 -46.00 -8.56 59.39
N LEU B 20 -44.90 -7.99 59.87
CA LEU B 20 -44.68 -6.57 59.69
C LEU B 20 -44.08 -6.29 58.32
N SER B 21 -44.36 -5.11 57.79
CA SER B 21 -43.93 -4.72 56.46
C SER B 21 -43.23 -3.38 56.53
N CYS B 22 -42.05 -3.31 55.92
CA CYS B 22 -41.25 -2.08 55.88
C CYS B 22 -41.13 -1.67 54.42
N ALA B 23 -42.08 -0.87 53.97
CA ALA B 23 -42.01 -0.33 52.62
C ALA B 23 -40.93 0.75 52.53
N ALA B 24 -40.28 0.83 51.39
CA ALA B 24 -39.15 1.73 51.21
C ALA B 24 -39.32 2.55 49.94
N SER B 25 -39.05 3.84 50.05
CA SER B 25 -39.07 4.74 48.90
C SER B 25 -37.70 4.67 48.21
N GLY B 26 -37.44 5.60 47.30
CA GLY B 26 -36.16 5.66 46.63
C GLY B 26 -36.02 4.58 45.57
N ARG B 27 -34.85 4.58 44.92
CA ARG B 27 -34.57 3.64 43.86
C ARG B 27 -33.22 2.95 44.02
N THR B 28 -32.54 3.14 45.14
CA THR B 28 -31.26 2.50 45.40
C THR B 28 -31.33 1.56 46.58
N PHE B 29 -32.49 0.92 46.77
CA PHE B 29 -32.71 0.08 47.94
C PHE B 29 -31.83 -1.17 47.92
N THR B 30 -31.39 -1.60 46.74
CA THR B 30 -30.55 -2.79 46.64
C THR B 30 -29.17 -2.60 47.26
N SER B 31 -28.75 -1.36 47.50
CA SER B 31 -27.47 -1.07 48.10
C SER B 31 -27.61 -0.67 49.56
N TYR B 32 -28.50 -1.32 50.30
CA TYR B 32 -28.64 -1.06 51.72
C TYR B 32 -28.93 -2.35 52.46
N ALA B 33 -28.26 -2.53 53.59
CA ALA B 33 -28.72 -3.51 54.55
C ALA B 33 -29.85 -2.92 55.37
N MET B 34 -30.61 -3.78 56.03
CA MET B 34 -31.76 -3.36 56.80
C MET B 34 -31.64 -3.82 58.25
N GLY B 35 -32.18 -3.03 59.16
CA GLY B 35 -32.15 -3.35 60.57
C GLY B 35 -33.50 -3.07 61.21
N TRP B 36 -33.73 -3.75 62.33
CA TRP B 36 -34.98 -3.62 63.05
C TRP B 36 -34.72 -3.23 64.49
N PHE B 37 -35.68 -2.50 65.06
CA PHE B 37 -35.64 -2.09 66.44
C PHE B 37 -37.04 -2.21 67.03
N ARG B 38 -37.10 -2.28 68.36
CA ARG B 38 -38.37 -2.14 69.05
C ARG B 38 -38.09 -1.50 70.41
N GLN B 39 -39.10 -0.80 70.92
CA GLN B 39 -38.97 -0.14 72.21
C GLN B 39 -40.31 -0.21 72.91
N ALA B 40 -40.38 -0.99 73.98
CA ALA B 40 -41.55 -1.03 74.82
C ALA B 40 -41.71 0.32 75.53
N PRO B 41 -42.96 0.73 75.83
CA PRO B 41 -43.16 2.01 76.51
C PRO B 41 -42.61 1.98 77.93
N GLY B 42 -41.76 2.96 78.23
CA GLY B 42 -41.07 3.01 79.50
C GLY B 42 -39.78 2.22 79.55
N LYS B 43 -39.37 1.62 78.44
CA LYS B 43 -38.15 0.82 78.40
C LYS B 43 -37.19 1.41 77.36
N GLU B 44 -36.11 0.69 77.11
CA GLU B 44 -35.09 1.11 76.16
C GLU B 44 -35.40 0.54 74.77
N ARG B 45 -34.73 1.08 73.77
CA ARG B 45 -34.83 0.59 72.41
C ARG B 45 -33.71 -0.41 72.14
N GLU B 46 -34.08 -1.58 71.62
CA GLU B 46 -33.14 -2.68 71.45
C GLU B 46 -32.97 -3.01 69.97
N SER B 47 -31.78 -3.50 69.64
CA SER B 47 -31.51 -4.00 68.31
C SER B 47 -32.11 -5.39 68.17
N VAL B 48 -32.95 -5.59 67.16
CA VAL B 48 -33.78 -6.79 67.16
C VAL B 48 -33.37 -7.73 66.04
N ALA B 49 -33.51 -7.29 64.79
CA ALA B 49 -33.30 -8.16 63.66
C ALA B 49 -32.58 -7.40 62.56
N ALA B 50 -31.84 -8.13 61.73
CA ALA B 50 -31.04 -7.52 60.68
C ALA B 50 -30.87 -8.47 59.52
N ILE B 51 -30.65 -7.89 58.35
CA ILE B 51 -30.39 -8.60 57.12
C ILE B 51 -29.29 -7.85 56.38
N SER B 52 -28.58 -8.55 55.51
CA SER B 52 -27.52 -7.91 54.74
C SER B 52 -28.10 -7.27 53.48
N SER B 53 -27.21 -6.67 52.68
CA SER B 53 -27.64 -5.98 51.46
C SER B 53 -27.94 -6.96 50.34
N SER B 54 -27.13 -8.01 50.21
CA SER B 54 -27.35 -9.02 49.19
C SER B 54 -28.22 -10.17 49.68
N GLY B 55 -28.81 -10.05 50.86
CA GLY B 55 -29.50 -11.16 51.46
C GLY B 55 -28.51 -12.17 52.00
N GLY B 56 -29.02 -13.36 52.30
CA GLY B 56 -28.17 -14.43 52.77
C GLY B 56 -27.77 -14.26 54.23
N SER B 57 -26.91 -13.29 54.50
CA SER B 57 -26.44 -13.04 55.85
C SER B 57 -27.51 -12.30 56.62
N THR B 58 -28.39 -13.03 57.29
CA THR B 58 -29.37 -12.44 58.17
C THR B 58 -28.86 -12.47 59.59
N HIS B 59 -29.52 -11.70 60.45
CA HIS B 59 -29.09 -11.60 61.84
C HIS B 59 -30.30 -11.51 62.74
N TYR B 60 -30.22 -12.17 63.89
CA TYR B 60 -31.30 -12.18 64.85
C TYR B 60 -30.71 -12.03 66.24
N ALA B 61 -31.36 -11.22 67.07
CA ALA B 61 -31.01 -11.19 68.47
C ALA B 61 -31.36 -12.53 69.11
N ASP B 62 -30.56 -12.91 70.12
CA ASP B 62 -30.76 -14.20 70.75
C ASP B 62 -32.01 -14.25 71.61
N SER B 63 -32.57 -13.09 71.97
CA SER B 63 -33.86 -13.06 72.62
C SER B 63 -34.98 -13.44 71.67
N VAL B 64 -34.80 -13.21 70.38
CA VAL B 64 -35.78 -13.52 69.35
C VAL B 64 -35.25 -14.51 68.33
N LYS B 65 -34.16 -15.20 68.67
CA LYS B 65 -33.53 -16.12 67.72
C LYS B 65 -34.40 -17.35 67.50
N GLY B 66 -34.67 -17.65 66.24
CA GLY B 66 -35.51 -18.77 65.89
C GLY B 66 -37.00 -18.50 65.92
N ARG B 67 -37.45 -17.46 66.61
CA ARG B 67 -38.86 -17.14 66.71
C ARG B 67 -39.33 -16.19 65.63
N PHE B 68 -38.56 -15.15 65.34
CA PHE B 68 -38.89 -14.22 64.28
C PHE B 68 -38.13 -14.61 63.02
N THR B 69 -38.73 -14.35 61.87
CA THR B 69 -38.14 -14.67 60.58
C THR B 69 -38.14 -13.43 59.70
N ILE B 70 -36.94 -13.00 59.29
CA ILE B 70 -36.81 -11.83 58.43
C ILE B 70 -36.87 -12.28 56.97
N SER B 71 -37.23 -11.36 56.09
CA SER B 71 -37.23 -11.61 54.66
C SER B 71 -37.13 -10.29 53.95
N ARG B 72 -36.78 -10.35 52.67
CA ARG B 72 -36.63 -9.15 51.86
C ARG B 72 -37.16 -9.39 50.45
N ASP B 73 -37.45 -8.31 49.75
CA ASP B 73 -37.84 -8.36 48.35
C ASP B 73 -37.14 -7.22 47.63
N ASN B 74 -36.34 -7.56 46.62
CA ASN B 74 -35.64 -6.55 45.84
C ASN B 74 -36.41 -6.17 44.58
N SER B 75 -37.45 -6.90 44.23
CA SER B 75 -38.30 -6.49 43.12
C SER B 75 -39.16 -5.29 43.50
N LYS B 76 -39.74 -5.32 44.70
CA LYS B 76 -40.63 -4.27 45.16
C LYS B 76 -39.96 -3.33 46.16
N ASN B 77 -38.69 -3.59 46.49
CA ASN B 77 -37.90 -2.81 47.44
C ASN B 77 -38.57 -2.74 48.81
N THR B 78 -38.81 -3.91 49.39
CA THR B 78 -39.52 -4.02 50.64
C THR B 78 -39.02 -5.24 51.40
N VAL B 79 -38.73 -5.07 52.68
CA VAL B 79 -38.39 -6.18 53.56
C VAL B 79 -39.61 -6.47 54.44
N TYR B 80 -39.57 -7.64 55.09
CA TYR B 80 -40.67 -8.06 55.93
C TYR B 80 -40.13 -8.72 57.19
N LEU B 81 -41.05 -9.07 58.09
CA LEU B 81 -40.70 -9.80 59.29
C LEU B 81 -41.91 -10.64 59.69
N GLN B 82 -41.92 -11.90 59.28
CA GLN B 82 -42.95 -12.83 59.74
C GLN B 82 -42.60 -13.27 61.16
N MET B 83 -43.44 -12.87 62.10
CA MET B 83 -43.19 -13.12 63.51
C MET B 83 -43.95 -14.36 63.96
N ASN B 84 -43.30 -15.15 64.82
CA ASN B 84 -43.90 -16.34 65.40
C ASN B 84 -43.54 -16.41 66.88
N SER B 85 -44.30 -17.24 67.60
CA SER B 85 -44.19 -17.43 69.05
C SER B 85 -44.31 -16.09 69.79
N LEU B 86 -45.47 -15.48 69.63
CA LEU B 86 -45.70 -14.16 70.21
C LEU B 86 -45.89 -14.25 71.71
N LYS B 87 -45.40 -13.23 72.41
CA LYS B 87 -45.35 -13.18 73.86
C LYS B 87 -45.75 -11.78 74.30
N PRO B 88 -46.33 -11.64 75.50
CA PRO B 88 -46.85 -10.32 75.92
C PRO B 88 -45.76 -9.27 76.16
N GLU B 89 -44.52 -9.67 76.35
CA GLU B 89 -43.43 -8.71 76.48
C GLU B 89 -42.90 -8.24 75.13
N ASP B 90 -43.49 -8.70 74.03
CA ASP B 90 -43.18 -8.17 72.71
C ASP B 90 -43.98 -6.92 72.38
N THR B 91 -44.77 -6.41 73.33
CA THR B 91 -45.50 -5.17 73.15
C THR B 91 -44.52 -4.01 73.12
N ALA B 92 -44.30 -3.44 71.94
CA ALA B 92 -43.27 -2.44 71.75
C ALA B 92 -43.61 -1.59 70.54
N VAL B 93 -42.78 -0.59 70.30
CA VAL B 93 -42.89 0.28 69.14
C VAL B 93 -41.80 -0.17 68.17
N TYR B 94 -42.18 -0.93 67.16
CA TYR B 94 -41.22 -1.51 66.24
C TYR B 94 -40.67 -0.46 65.28
N TYR B 95 -39.38 -0.54 64.98
CA TYR B 95 -38.73 0.38 64.07
C TYR B 95 -37.98 -0.36 62.99
N CYS B 96 -37.95 0.23 61.80
CA CYS B 96 -37.21 -0.29 60.66
C CYS B 96 -36.17 0.73 60.25
N ALA B 97 -34.93 0.28 60.04
CA ALA B 97 -33.83 1.19 59.76
C ALA B 97 -32.92 0.59 58.68
N ALA B 98 -32.15 1.46 58.05
CA ALA B 98 -31.28 1.10 56.95
C ALA B 98 -29.88 1.68 57.17
N ALA B 99 -28.89 1.06 56.55
CA ALA B 99 -27.51 1.48 56.71
C ALA B 99 -26.69 0.99 55.53
N MET B 100 -25.53 1.62 55.34
CA MET B 100 -24.62 1.26 54.25
C MET B 100 -23.19 1.05 54.73
N TYR B 101 -22.72 1.81 55.71
CA TYR B 101 -21.29 1.88 55.99
C TYR B 101 -20.93 1.25 57.32
N GLY B 102 -21.48 0.08 57.60
CA GLY B 102 -21.40 -0.48 58.93
C GLY B 102 -20.13 -1.25 59.22
N SER B 103 -20.10 -1.75 60.45
CA SER B 103 -19.05 -2.60 61.00
C SER B 103 -19.72 -3.93 61.32
N ARG B 104 -19.07 -4.75 62.15
CA ARG B 104 -19.72 -5.95 62.68
C ARG B 104 -21.03 -5.60 63.39
N TRP B 105 -22.05 -6.39 63.10
CA TRP B 105 -23.35 -6.24 63.73
C TRP B 105 -23.22 -6.48 65.24
N PRO B 106 -23.91 -5.69 66.08
CA PRO B 106 -24.89 -4.65 65.81
C PRO B 106 -24.34 -3.23 65.75
N ASP B 107 -23.22 -3.03 65.07
CA ASP B 107 -22.68 -1.70 64.87
C ASP B 107 -22.72 -1.45 63.37
N TRP B 108 -23.82 -0.87 62.89
CA TRP B 108 -23.99 -0.66 61.47
C TRP B 108 -24.11 0.78 61.03
N GLU B 109 -24.20 1.74 61.97
CA GLU B 109 -24.30 3.17 61.69
C GLU B 109 -25.53 3.48 60.82
N TYR B 110 -26.70 3.24 61.42
CA TYR B 110 -27.96 3.40 60.71
C TYR B 110 -28.21 4.87 60.38
N ASP B 111 -28.48 5.15 59.11
CA ASP B 111 -28.63 6.51 58.63
C ASP B 111 -30.06 6.83 58.23
N TYR B 112 -31.00 5.94 58.48
CA TYR B 112 -32.39 6.17 58.12
C TYR B 112 -33.28 5.56 59.19
N TRP B 113 -34.51 6.06 59.25
CA TRP B 113 -35.50 5.59 60.20
C TRP B 113 -36.87 5.59 59.55
N GLY B 114 -37.83 4.99 60.22
CA GLY B 114 -39.20 4.92 59.73
C GLY B 114 -40.18 5.56 60.72
N GLN B 115 -41.45 5.46 60.36
CA GLN B 115 -42.51 6.01 61.21
C GLN B 115 -42.70 5.17 62.46
N GLY B 116 -42.76 3.86 62.29
CA GLY B 116 -42.97 2.94 63.39
C GLY B 116 -44.35 2.31 63.34
N THR B 117 -44.56 1.36 64.25
CA THR B 117 -45.85 0.71 64.38
C THR B 117 -46.02 0.26 65.82
N GLN B 118 -47.27 0.03 66.21
CA GLN B 118 -47.62 -0.34 67.58
C GLN B 118 -48.27 -1.71 67.58
N VAL B 119 -47.65 -2.66 68.27
CA VAL B 119 -48.22 -3.98 68.48
C VAL B 119 -48.37 -4.18 69.98
N THR B 120 -49.57 -4.57 70.41
CA THR B 120 -49.83 -4.97 71.78
C THR B 120 -50.19 -6.44 71.78
N VAL B 121 -49.53 -7.23 72.64
CA VAL B 121 -49.77 -8.65 72.73
C VAL B 121 -50.45 -8.94 74.06
N SER B 122 -51.68 -9.43 74.00
CA SER B 122 -52.47 -9.67 75.19
C SER B 122 -52.34 -11.12 75.66
N SER B 123 -52.92 -11.40 76.82
CA SER B 123 -52.90 -12.74 77.40
C SER B 123 -54.30 -13.32 77.53
N GLN C 1 -43.76 28.98 26.77
CA GLN C 1 -44.90 29.58 27.44
C GLN C 1 -44.49 30.90 28.09
N VAL C 2 -44.83 32.01 27.43
CA VAL C 2 -44.41 33.34 27.84
C VAL C 2 -45.62 34.10 28.34
N GLN C 3 -45.51 34.67 29.54
CA GLN C 3 -46.54 35.53 30.09
C GLN C 3 -46.05 36.96 30.10
N LEU C 4 -46.98 37.91 30.05
CA LEU C 4 -46.66 39.31 29.88
C LEU C 4 -47.14 40.12 31.07
N VAL C 5 -46.36 41.13 31.44
CA VAL C 5 -46.65 41.98 32.59
C VAL C 5 -46.62 43.43 32.11
N GLU C 6 -47.77 44.09 32.11
CA GLU C 6 -47.82 45.51 31.83
C GLU C 6 -47.50 46.30 33.09
N SER C 7 -46.88 47.46 32.90
CA SER C 7 -46.56 48.34 34.02
C SER C 7 -46.39 49.76 33.49
N GLY C 8 -46.42 50.72 34.42
CA GLY C 8 -46.20 52.11 34.09
C GLY C 8 -47.45 52.97 34.05
N GLY C 9 -48.61 52.42 34.39
CA GLY C 9 -49.84 53.18 34.29
C GLY C 9 -50.14 54.04 35.50
N GLY C 10 -51.10 54.92 35.33
CA GLY C 10 -51.51 55.84 36.37
C GLY C 10 -51.94 57.16 35.77
N LEU C 11 -52.15 58.14 36.65
CA LEU C 11 -52.58 59.45 36.22
C LEU C 11 -51.42 60.20 35.57
N VAL C 12 -51.76 61.03 34.58
CA VAL C 12 -50.79 61.87 33.89
C VAL C 12 -51.55 63.08 33.36
N GLN C 13 -50.85 64.21 33.28
CA GLN C 13 -51.48 65.43 32.83
C GLN C 13 -51.67 65.41 31.31
N ALA C 14 -52.43 66.38 30.82
CA ALA C 14 -52.69 66.48 29.39
C ALA C 14 -51.44 66.94 28.65
N GLY C 15 -51.16 66.29 27.52
CA GLY C 15 -50.00 66.64 26.72
C GLY C 15 -48.68 66.20 27.30
N GLY C 16 -48.68 65.34 28.30
CA GLY C 16 -47.46 64.88 28.91
C GLY C 16 -46.84 63.72 28.18
N SER C 17 -46.01 62.96 28.90
CA SER C 17 -45.35 61.79 28.36
C SER C 17 -45.36 60.67 29.39
N LEU C 18 -45.33 59.44 28.90
CA LEU C 18 -45.35 58.26 29.76
C LEU C 18 -44.77 57.10 28.98
N ARG C 19 -44.18 56.14 29.70
CA ARG C 19 -43.45 55.02 29.09
C ARG C 19 -43.94 53.72 29.69
N LEU C 20 -44.81 53.02 28.97
CA LEU C 20 -45.30 51.73 29.43
C LEU C 20 -44.28 50.64 29.16
N SER C 21 -44.26 49.65 30.03
CA SER C 21 -43.30 48.56 29.96
C SER C 21 -44.04 47.23 29.91
N CYS C 22 -43.53 46.31 29.10
CA CYS C 22 -44.13 44.99 28.94
C CYS C 22 -43.03 43.94 29.12
N ALA C 23 -42.89 43.45 30.35
CA ALA C 23 -41.93 42.39 30.61
C ALA C 23 -42.47 41.06 30.12
N ALA C 24 -41.57 40.18 29.69
CA ALA C 24 -41.93 38.88 29.13
C ALA C 24 -41.25 37.79 29.93
N SER C 25 -42.04 37.02 30.67
CA SER C 25 -41.53 35.95 31.51
C SER C 25 -41.45 34.67 30.68
N GLY C 26 -40.25 34.35 30.22
CA GLY C 26 -40.04 33.14 29.45
C GLY C 26 -38.96 33.27 28.40
N ARG C 27 -38.65 32.18 27.73
CA ARG C 27 -37.63 32.15 26.69
C ARG C 27 -38.28 32.30 25.32
N THR C 28 -37.43 32.22 24.28
CA THR C 28 -37.81 32.31 22.86
C THR C 28 -38.53 33.61 22.52
N PHE C 29 -38.24 34.68 23.27
CA PHE C 29 -38.93 35.94 23.03
C PHE C 29 -38.50 36.58 21.71
N THR C 30 -37.29 36.24 21.24
CA THR C 30 -36.84 36.71 19.94
C THR C 30 -37.66 36.13 18.79
N SER C 31 -38.36 35.02 19.02
CA SER C 31 -39.20 34.39 18.02
C SER C 31 -40.65 34.82 18.12
N TYR C 32 -40.92 36.05 18.55
CA TYR C 32 -42.29 36.54 18.58
C TYR C 32 -42.33 38.01 18.18
N ALA C 33 -43.33 38.35 17.40
CA ALA C 33 -43.70 39.75 17.24
C ALA C 33 -44.55 40.18 18.43
N MET C 34 -44.69 41.49 18.59
CA MET C 34 -45.44 42.02 19.73
C MET C 34 -46.55 42.93 19.23
N GLY C 35 -47.62 42.99 20.01
CA GLY C 35 -48.75 43.84 19.67
C GLY C 35 -49.30 44.52 20.90
N TRP C 36 -49.95 45.65 20.67
CA TRP C 36 -50.52 46.43 21.75
C TRP C 36 -52.01 46.64 21.52
N PHE C 37 -52.76 46.71 22.63
CA PHE C 37 -54.18 46.99 22.60
C PHE C 37 -54.52 47.97 23.71
N ARG C 38 -55.60 48.72 23.51
CA ARG C 38 -56.19 49.49 24.59
C ARG C 38 -57.69 49.47 24.44
N GLN C 39 -58.38 49.66 25.55
CA GLN C 39 -59.84 49.67 25.57
C GLN C 39 -60.31 50.76 26.52
N ALA C 40 -61.00 51.75 25.97
CA ALA C 40 -61.64 52.76 26.79
C ALA C 40 -62.79 52.12 27.59
N PRO C 41 -63.12 52.67 28.76
CA PRO C 41 -64.27 52.15 29.52
C PRO C 41 -65.57 52.38 28.77
N GLY C 42 -66.17 51.28 28.32
CA GLY C 42 -67.35 51.34 27.48
C GLY C 42 -67.10 51.05 26.02
N LYS C 43 -65.92 51.40 25.50
CA LYS C 43 -65.59 51.15 24.11
C LYS C 43 -65.06 49.73 23.95
N GLU C 44 -64.64 49.40 22.73
CA GLU C 44 -64.09 48.08 22.45
C GLU C 44 -62.57 48.10 22.51
N ARG C 45 -61.98 46.91 22.53
CA ARG C 45 -60.53 46.77 22.59
C ARG C 45 -59.95 46.98 21.20
N GLU C 46 -59.34 48.13 20.97
CA GLU C 46 -58.80 48.49 19.67
C GLU C 46 -57.33 48.10 19.59
N SER C 47 -56.86 47.92 18.36
CA SER C 47 -55.44 47.68 18.12
C SER C 47 -54.69 48.99 18.12
N VAL C 48 -53.48 48.98 18.67
CA VAL C 48 -52.71 50.19 18.90
C VAL C 48 -51.44 50.22 18.06
N ALA C 49 -50.53 49.29 18.31
CA ALA C 49 -49.22 49.34 17.66
C ALA C 49 -48.64 47.93 17.62
N ALA C 50 -47.61 47.76 16.81
CA ALA C 50 -46.99 46.46 16.64
C ALA C 50 -45.52 46.63 16.26
N ILE C 51 -44.73 45.62 16.60
CA ILE C 51 -43.33 45.56 16.21
C ILE C 51 -43.06 44.13 15.75
N SER C 52 -42.15 43.99 14.79
CA SER C 52 -41.84 42.69 14.22
C SER C 52 -40.92 41.90 15.16
N SER C 53 -40.65 40.66 14.78
CA SER C 53 -39.82 39.79 15.63
C SER C 53 -38.36 40.19 15.56
N SER C 54 -37.89 40.60 14.39
CA SER C 54 -36.52 41.04 14.23
C SER C 54 -36.35 42.53 14.46
N GLY C 55 -37.39 43.21 14.90
CA GLY C 55 -37.36 44.65 14.95
C GLY C 55 -37.47 45.24 13.56
N GLY C 56 -37.09 46.51 13.45
CA GLY C 56 -37.10 47.16 12.15
C GLY C 56 -38.50 47.53 11.70
N SER C 57 -39.30 46.53 11.33
CA SER C 57 -40.66 46.77 10.87
C SER C 57 -41.54 47.01 12.08
N THR C 58 -41.71 48.28 12.45
CA THR C 58 -42.65 48.67 13.47
C THR C 58 -43.96 49.10 12.83
N HIS C 59 -45.00 49.16 13.65
CA HIS C 59 -46.33 49.46 13.15
C HIS C 59 -47.06 50.32 14.16
N TYR C 60 -47.92 51.19 13.63
CA TYR C 60 -48.69 52.11 14.45
C TYR C 60 -50.07 52.27 13.83
N ALA C 61 -51.09 52.42 14.67
CA ALA C 61 -52.38 52.81 14.17
C ALA C 61 -52.33 54.24 13.64
N ASP C 62 -53.26 54.56 12.74
CA ASP C 62 -53.28 55.87 12.11
C ASP C 62 -53.66 56.99 13.07
N SER C 63 -54.30 56.65 14.20
CA SER C 63 -54.63 57.66 15.19
C SER C 63 -53.42 58.04 16.02
N VAL C 64 -52.41 57.17 16.09
CA VAL C 64 -51.26 57.38 16.97
C VAL C 64 -49.96 57.48 16.18
N LYS C 65 -50.05 57.82 14.90
CA LYS C 65 -48.85 57.96 14.08
C LYS C 65 -48.04 59.17 14.53
N GLY C 66 -46.77 58.94 14.84
CA GLY C 66 -45.88 60.00 15.27
C GLY C 66 -45.94 60.36 16.73
N ARG C 67 -47.06 60.06 17.42
CA ARG C 67 -47.21 60.42 18.82
C ARG C 67 -46.68 59.35 19.76
N PHE C 68 -47.02 58.09 19.52
CA PHE C 68 -46.51 56.99 20.33
C PHE C 68 -45.31 56.38 19.61
N THR C 69 -44.32 55.96 20.39
CA THR C 69 -43.10 55.37 19.85
C THR C 69 -42.86 54.03 20.52
N ILE C 70 -42.83 52.96 19.71
CA ILE C 70 -42.62 51.62 20.21
C ILE C 70 -41.11 51.35 20.24
N SER C 71 -40.71 50.41 21.08
CA SER C 71 -39.32 49.97 21.16
C SER C 71 -39.30 48.58 21.77
N ARG C 72 -38.20 47.87 21.52
CA ARG C 72 -38.02 46.53 22.05
C ARG C 72 -36.60 46.36 22.58
N ASP C 73 -36.44 45.34 23.41
CA ASP C 73 -35.12 44.95 23.91
C ASP C 73 -35.07 43.44 23.91
N ASN C 74 -34.10 42.87 23.21
CA ASN C 74 -33.92 41.43 23.15
C ASN C 74 -32.89 40.93 24.15
N SER C 75 -32.16 41.83 24.80
CA SER C 75 -31.26 41.40 25.87
C SER C 75 -32.04 41.02 27.11
N LYS C 76 -33.01 41.84 27.50
CA LYS C 76 -33.82 41.61 28.68
C LYS C 76 -35.17 41.01 28.37
N ASN C 77 -35.48 40.82 27.09
CA ASN C 77 -36.76 40.31 26.59
C ASN C 77 -37.93 41.17 27.07
N THR C 78 -37.90 42.43 26.67
CA THR C 78 -38.87 43.41 27.12
C THR C 78 -39.07 44.45 26.03
N VAL C 79 -40.33 44.76 25.73
CA VAL C 79 -40.66 45.83 24.81
C VAL C 79 -41.19 47.01 25.64
N TYR C 80 -41.24 48.18 24.99
CA TYR C 80 -41.67 49.39 25.67
C TYR C 80 -42.56 50.20 24.73
N LEU C 81 -43.10 51.29 25.26
CA LEU C 81 -43.88 52.23 24.48
C LEU C 81 -43.75 53.60 25.13
N GLN C 82 -42.85 54.42 24.62
CA GLN C 82 -42.77 55.81 25.04
C GLN C 82 -43.88 56.60 24.37
N MET C 83 -44.74 57.21 25.17
CA MET C 83 -45.92 57.89 24.68
C MET C 83 -45.72 59.40 24.75
N ASN C 84 -46.32 60.11 23.81
CA ASN C 84 -46.28 61.57 23.79
C ASN C 84 -47.65 62.10 23.38
N SER C 85 -47.86 63.39 23.65
CA SER C 85 -49.10 64.12 23.36
C SER C 85 -50.31 63.44 23.99
N LEU C 86 -50.26 63.33 25.31
CA LEU C 86 -51.26 62.56 26.05
C LEU C 86 -52.54 63.37 26.20
N LYS C 87 -53.65 62.78 25.79
CA LYS C 87 -54.95 63.41 25.66
C LYS C 87 -55.97 62.62 26.45
N PRO C 88 -57.05 63.25 26.94
CA PRO C 88 -58.00 62.53 27.81
C PRO C 88 -58.78 61.41 27.12
N GLU C 89 -58.80 61.35 25.80
CA GLU C 89 -59.40 60.21 25.12
C GLU C 89 -58.45 59.02 25.03
N ASP C 90 -57.21 59.18 25.48
CA ASP C 90 -56.29 58.06 25.62
C ASP C 90 -56.47 57.33 26.95
N THR C 91 -57.44 57.74 27.76
CA THR C 91 -57.78 57.04 29.00
C THR C 91 -58.39 55.68 28.65
N ALA C 92 -57.62 54.62 28.88
CA ALA C 92 -58.02 53.30 28.43
C ALA C 92 -57.31 52.26 29.28
N VAL C 93 -57.70 51.01 29.09
CA VAL C 93 -57.05 49.86 29.72
C VAL C 93 -56.12 49.28 28.68
N TYR C 94 -54.83 49.54 28.81
CA TYR C 94 -53.86 49.11 27.82
C TYR C 94 -53.59 47.61 27.93
N TYR C 95 -53.15 47.03 26.83
CA TYR C 95 -52.85 45.59 26.79
C TYR C 95 -51.61 45.35 25.96
N CYS C 96 -50.80 44.39 26.39
CA CYS C 96 -49.63 43.93 25.66
C CYS C 96 -49.84 42.47 25.28
N ALA C 97 -49.65 42.15 24.00
CA ALA C 97 -49.92 40.82 23.49
C ALA C 97 -48.83 40.40 22.52
N ALA C 98 -48.32 39.18 22.71
CA ALA C 98 -47.32 38.59 21.84
C ALA C 98 -48.00 37.88 20.67
N ALA C 99 -47.23 37.63 19.62
CA ALA C 99 -47.83 37.12 18.41
C ALA C 99 -46.82 36.30 17.62
N MET C 100 -47.37 35.43 16.77
CA MET C 100 -46.68 34.58 15.82
C MET C 100 -47.78 34.03 14.91
N TYR C 101 -47.38 33.54 13.73
CA TYR C 101 -48.29 32.94 12.73
C TYR C 101 -49.35 33.92 12.28
N GLY C 102 -48.91 35.07 11.78
CA GLY C 102 -49.80 36.14 11.40
C GLY C 102 -50.01 36.27 9.90
N SER C 103 -50.74 37.30 9.54
CA SER C 103 -51.01 37.70 8.16
C SER C 103 -50.58 39.15 8.08
N ARG C 104 -51.02 39.88 7.06
CA ARG C 104 -50.85 41.33 7.05
C ARG C 104 -51.48 41.95 8.29
N TRP C 105 -50.67 42.73 9.01
CA TRP C 105 -51.13 43.48 10.16
C TRP C 105 -52.23 44.45 9.73
N PRO C 106 -53.31 44.61 10.52
CA PRO C 106 -53.62 44.18 11.89
C PRO C 106 -53.97 42.71 12.07
N ASP C 107 -54.18 41.97 10.98
CA ASP C 107 -54.59 40.57 11.10
C ASP C 107 -53.38 39.74 11.46
N TRP C 108 -53.11 39.63 12.76
CA TRP C 108 -52.16 38.67 13.29
C TRP C 108 -52.90 37.65 14.13
N GLU C 109 -52.14 36.77 14.78
CA GLU C 109 -52.69 35.82 15.74
C GLU C 109 -51.98 36.03 17.08
N TYR C 110 -52.75 36.37 18.10
CA TYR C 110 -52.21 36.68 19.42
C TYR C 110 -52.54 35.54 20.36
N ASP C 111 -51.50 34.86 20.84
CA ASP C 111 -51.67 33.72 21.73
C ASP C 111 -51.68 34.09 23.20
N TYR C 112 -51.01 35.16 23.59
CA TYR C 112 -50.94 35.55 25.00
C TYR C 112 -51.37 36.99 25.17
N TRP C 113 -51.59 37.37 26.42
CA TRP C 113 -51.90 38.73 26.80
C TRP C 113 -51.21 39.00 28.13
N GLY C 114 -51.60 40.09 28.79
CA GLY C 114 -51.07 40.44 30.09
C GLY C 114 -52.17 40.86 31.04
N GLN C 115 -51.75 41.29 32.23
CA GLN C 115 -52.70 41.75 33.24
C GLN C 115 -53.28 43.12 32.91
N GLY C 116 -52.65 43.87 32.02
CA GLY C 116 -53.14 45.18 31.64
C GLY C 116 -52.64 46.26 32.59
N THR C 117 -53.00 47.50 32.25
CA THR C 117 -52.68 48.64 33.09
C THR C 117 -53.72 49.72 32.86
N GLN C 118 -53.70 50.73 33.73
CA GLN C 118 -54.68 51.81 33.68
C GLN C 118 -53.97 53.16 33.63
N VAL C 119 -54.32 53.95 32.63
CA VAL C 119 -53.84 55.33 32.50
C VAL C 119 -55.06 56.22 32.34
N THR C 120 -55.11 57.30 33.13
CA THR C 120 -56.14 58.33 32.98
C THR C 120 -55.44 59.67 32.76
N VAL C 121 -55.81 60.34 31.68
CA VAL C 121 -55.24 61.65 31.34
C VAL C 121 -56.24 62.72 31.77
N SER C 122 -55.84 63.56 32.71
CA SER C 122 -56.69 64.62 33.22
C SER C 122 -56.50 65.90 32.41
N SER C 123 -57.38 66.86 32.66
CA SER C 123 -57.32 68.15 31.99
C SER C 123 -57.10 69.29 32.98
N ARG D 3 -30.10 1.23 39.43
CA ARG D 3 -29.50 2.50 39.81
C ARG D 3 -28.11 2.29 40.38
N ARG D 4 -27.20 3.20 40.06
CA ARG D 4 -25.84 3.11 40.56
C ARG D 4 -25.77 3.75 41.94
N VAL D 5 -24.56 3.84 42.49
CA VAL D 5 -24.34 4.42 43.82
C VAL D 5 -23.31 5.53 43.70
N VAL D 6 -23.73 6.74 44.00
CA VAL D 6 -22.81 7.88 43.98
C VAL D 6 -21.95 7.83 45.24
N ALA D 7 -20.71 8.28 45.12
CA ALA D 7 -19.81 8.43 46.26
C ALA D 7 -19.62 9.92 46.47
N HIS D 8 -20.54 10.51 47.22
CA HIS D 8 -20.58 11.95 47.36
C HIS D 8 -19.91 12.39 48.65
N MET D 9 -19.35 13.60 48.62
CA MET D 9 -18.90 14.30 49.80
C MET D 9 -19.48 15.70 49.74
N PRO D 10 -20.10 16.18 50.80
CA PRO D 10 -20.72 17.51 50.77
C PRO D 10 -19.69 18.62 50.78
N GLY D 11 -20.11 19.78 50.28
CA GLY D 11 -19.25 20.94 50.26
C GLY D 11 -19.96 22.09 49.58
N ASP D 12 -19.25 23.21 49.49
CA ASP D 12 -19.82 24.39 48.86
C ASP D 12 -19.67 24.35 47.35
N ILE D 13 -18.63 23.69 46.85
CA ILE D 13 -18.38 23.60 45.41
C ILE D 13 -18.19 22.13 45.05
N ILE D 14 -19.01 21.64 44.13
CA ILE D 14 -19.05 20.24 43.78
C ILE D 14 -18.17 19.99 42.56
N ILE D 15 -17.34 18.96 42.62
CA ILE D 15 -16.51 18.55 41.50
C ILE D 15 -16.79 17.09 41.20
N GLY D 16 -17.29 16.81 40.00
CA GLY D 16 -17.61 15.45 39.63
C GLY D 16 -16.39 14.62 39.29
N ALA D 17 -16.62 13.34 39.08
CA ALA D 17 -15.55 12.43 38.69
C ALA D 17 -16.14 11.22 37.99
N LEU D 18 -15.32 10.61 37.14
CA LEU D 18 -15.66 9.33 36.49
C LEU D 18 -14.49 8.38 36.68
N PHE D 19 -14.67 7.40 37.55
CA PHE D 19 -13.62 6.43 37.84
C PHE D 19 -14.10 5.05 37.44
N SER D 20 -13.24 4.29 36.77
CA SER D 20 -13.58 2.96 36.33
C SER D 20 -13.57 1.99 37.50
N VAL D 21 -14.67 1.94 38.25
CA VAL D 21 -14.71 1.09 39.43
C VAL D 21 -14.83 -0.37 39.03
N HIS D 22 -15.75 -0.69 38.14
CA HIS D 22 -15.97 -2.07 37.74
C HIS D 22 -15.40 -2.32 36.35
N HIS D 23 -15.30 -3.61 36.01
CA HIS D 23 -14.95 -3.99 34.66
C HIS D 23 -16.07 -3.66 33.69
N GLN D 24 -15.72 -3.53 32.42
CA GLN D 24 -16.72 -3.23 31.40
C GLN D 24 -17.60 -4.45 31.19
N PRO D 25 -18.86 -4.26 30.79
CA PRO D 25 -19.77 -5.40 30.66
C PRO D 25 -19.40 -6.27 29.47
N THR D 26 -19.48 -7.58 29.67
CA THR D 26 -19.27 -8.50 28.59
C THR D 26 -20.48 -8.52 27.66
N VAL D 27 -20.37 -9.30 26.58
CA VAL D 27 -21.46 -9.42 25.64
C VAL D 27 -22.63 -10.18 26.28
N ASP D 28 -23.82 -9.97 25.71
CA ASP D 28 -25.13 -10.37 26.25
C ASP D 28 -25.40 -9.78 27.63
N LYS D 29 -24.69 -8.72 28.00
CA LYS D 29 -24.95 -7.97 29.21
C LYS D 29 -24.93 -6.47 28.97
N VAL D 30 -24.47 -6.01 27.80
CA VAL D 30 -24.28 -4.60 27.55
C VAL D 30 -25.61 -3.89 27.40
N HIS D 31 -26.66 -4.59 27.01
CA HIS D 31 -27.95 -3.94 26.93
C HIS D 31 -28.59 -3.83 28.30
N GLU D 32 -28.28 -4.77 29.19
CA GLU D 32 -28.67 -4.63 30.58
C GLU D 32 -27.82 -3.59 31.30
N ARG D 33 -26.62 -3.32 30.78
CA ARG D 33 -25.64 -2.41 31.38
C ARG D 33 -25.29 -2.83 32.80
N LYS D 34 -25.17 -4.14 33.02
CA LYS D 34 -24.70 -4.66 34.29
C LYS D 34 -23.17 -4.71 34.27
N CYS D 35 -22.54 -3.92 35.11
CA CYS D 35 -21.09 -3.92 35.20
C CYS D 35 -20.60 -5.19 35.88
N GLY D 36 -19.38 -5.59 35.54
CA GLY D 36 -18.79 -6.80 36.08
C GLY D 36 -18.19 -6.62 37.47
N ALA D 37 -17.13 -7.36 37.74
CA ALA D 37 -16.45 -7.27 39.02
C ALA D 37 -15.67 -5.97 39.11
N VAL D 38 -15.22 -5.65 40.32
CA VAL D 38 -14.56 -4.38 40.58
C VAL D 38 -13.15 -4.38 40.02
N ARG D 39 -12.54 -3.21 39.94
CA ARG D 39 -11.17 -3.06 39.47
C ARG D 39 -10.35 -2.44 40.59
N GLU D 40 -9.30 -3.16 41.00
CA GLU D 40 -8.57 -2.77 42.21
C GLU D 40 -7.68 -1.57 42.00
N GLN D 41 -7.14 -1.41 40.81
CA GLN D 41 -6.05 -0.47 40.60
C GLN D 41 -6.38 0.66 39.65
N TYR D 42 -7.43 0.55 38.85
CA TYR D 42 -8.00 1.70 38.17
C TYR D 42 -9.26 2.20 38.83
N GLY D 43 -9.69 1.58 39.92
CA GLY D 43 -10.96 1.90 40.52
C GLY D 43 -10.85 2.55 41.88
N ILE D 44 -10.98 1.73 42.92
CA ILE D 44 -11.14 2.22 44.28
C ILE D 44 -9.87 2.88 44.81
N GLN D 45 -8.73 2.51 44.24
CA GLN D 45 -7.48 3.21 44.50
C GLN D 45 -7.58 4.67 44.07
N ARG D 46 -8.15 4.90 42.88
CA ARG D 46 -8.36 6.26 42.39
C ARG D 46 -9.35 7.01 43.26
N VAL D 47 -10.35 6.29 43.78
CA VAL D 47 -11.40 6.91 44.58
C VAL D 47 -10.83 7.40 45.91
N GLU D 48 -10.07 6.54 46.58
CA GLU D 48 -9.45 6.94 47.84
C GLU D 48 -8.39 8.01 47.62
N ALA D 49 -7.75 7.99 46.44
CA ALA D 49 -6.83 9.06 46.09
C ALA D 49 -7.54 10.41 45.99
N MET D 50 -8.70 10.42 45.34
CA MET D 50 -9.45 11.68 45.22
C MET D 50 -9.97 12.15 46.57
N LEU D 51 -10.42 11.22 47.40
CA LEU D 51 -10.96 11.61 48.70
C LEU D 51 -9.86 12.14 49.61
N HIS D 52 -8.68 11.51 49.60
CA HIS D 52 -7.60 12.05 50.40
C HIS D 52 -7.03 13.34 49.82
N THR D 53 -7.13 13.51 48.50
CA THR D 53 -6.70 14.77 47.89
C THR D 53 -7.61 15.91 48.32
N LEU D 54 -8.91 15.65 48.38
CA LEU D 54 -9.81 16.68 48.88
C LEU D 54 -9.70 16.88 50.39
N GLU D 55 -9.26 15.85 51.11
CA GLU D 55 -8.87 16.06 52.50
C GLU D 55 -7.72 17.06 52.61
N ARG D 56 -6.70 16.90 51.76
CA ARG D 56 -5.54 17.78 51.82
C ARG D 56 -5.88 19.18 51.34
N ILE D 57 -6.77 19.30 50.36
CA ILE D 57 -7.12 20.62 49.85
C ILE D 57 -8.05 21.35 50.81
N ASN D 58 -8.96 20.62 51.44
CA ASN D 58 -9.83 21.23 52.44
C ASN D 58 -9.11 21.59 53.73
N SER D 59 -7.88 21.10 53.93
CA SER D 59 -7.08 21.50 55.08
C SER D 59 -6.04 22.54 54.75
N ASP D 60 -5.84 22.86 53.47
CA ASP D 60 -4.82 23.82 53.08
C ASP D 60 -5.33 25.24 53.31
N PRO D 61 -4.64 26.05 54.10
CA PRO D 61 -5.00 27.48 54.16
C PRO D 61 -4.60 28.25 52.92
N THR D 62 -3.65 27.72 52.14
CA THR D 62 -3.24 28.40 50.92
C THR D 62 -4.30 28.31 49.85
N LEU D 63 -4.70 27.09 49.50
CA LEU D 63 -5.62 26.87 48.40
C LEU D 63 -7.06 26.96 48.87
N LEU D 64 -7.77 27.98 48.36
CA LEU D 64 -9.18 28.28 48.56
C LEU D 64 -9.58 28.36 50.03
N PRO D 65 -9.19 29.41 50.75
CA PRO D 65 -9.66 29.58 52.12
C PRO D 65 -11.12 30.00 52.12
N ASN D 66 -11.80 29.63 53.22
CA ASN D 66 -13.24 29.90 53.42
C ASN D 66 -14.09 29.26 52.32
N ILE D 67 -13.61 28.16 51.75
CA ILE D 67 -14.23 27.50 50.60
C ILE D 67 -14.12 26.00 50.79
N THR D 68 -15.26 25.32 50.73
CA THR D 68 -15.33 23.88 50.93
C THR D 68 -15.64 23.22 49.59
N LEU D 69 -14.84 22.21 49.24
CA LEU D 69 -14.92 21.58 47.92
C LEU D 69 -15.57 20.22 48.08
N GLY D 70 -16.86 20.15 47.80
CA GLY D 70 -17.51 18.86 47.75
C GLY D 70 -17.23 18.13 46.46
N CYS D 71 -17.66 16.88 46.40
CA CYS D 71 -17.43 16.08 45.21
C CYS D 71 -18.48 15.00 45.09
N GLU D 72 -18.68 14.55 43.86
CA GLU D 72 -19.45 13.35 43.56
C GLU D 72 -18.60 12.46 42.68
N ILE D 73 -18.62 11.16 42.95
CA ILE D 73 -17.89 10.19 42.16
C ILE D 73 -18.90 9.16 41.66
N ARG D 74 -18.99 9.01 40.35
CA ARG D 74 -19.85 8.02 39.75
C ARG D 74 -19.02 7.06 38.92
N ASP D 75 -19.50 5.82 38.82
CA ASP D 75 -18.79 4.78 38.11
C ASP D 75 -18.82 5.05 36.61
N SER D 76 -17.89 4.43 35.88
CA SER D 76 -17.88 4.64 34.44
C SER D 76 -17.93 3.32 33.71
N CYS D 77 -17.26 2.30 34.27
CA CYS D 77 -17.22 0.94 33.76
C CYS D 77 -16.69 0.86 32.33
N TRP D 78 -15.82 1.79 31.93
CA TRP D 78 -15.15 1.85 30.63
C TRP D 78 -16.08 1.90 29.43
N HIS D 79 -17.36 2.14 29.63
CA HIS D 79 -18.35 1.95 28.58
C HIS D 79 -19.04 3.25 28.31
N SER D 80 -19.39 3.47 27.04
CA SER D 80 -19.93 4.75 26.61
C SER D 80 -21.31 5.02 27.23
N ALA D 81 -22.18 4.02 27.22
CA ALA D 81 -23.54 4.20 27.71
C ALA D 81 -23.60 4.38 29.21
N VAL D 82 -22.74 3.69 29.95
CA VAL D 82 -22.79 3.75 31.41
C VAL D 82 -22.36 5.11 31.91
N ALA D 83 -21.21 5.58 31.44
CA ALA D 83 -20.77 6.91 31.81
C ALA D 83 -21.63 7.99 31.19
N LEU D 84 -22.34 7.69 30.10
CA LEU D 84 -23.27 8.69 29.60
C LEU D 84 -24.48 8.81 30.52
N GLU D 85 -24.93 7.69 31.10
CA GLU D 85 -25.94 7.73 32.16
C GLU D 85 -25.47 8.57 33.33
N GLN D 86 -24.22 8.38 33.73
CA GLN D 86 -23.74 9.12 34.90
C GLN D 86 -23.53 10.60 34.57
N SER D 87 -23.24 10.92 33.31
CA SER D 87 -23.15 12.32 32.92
C SER D 87 -24.52 12.98 32.94
N ILE D 88 -25.55 12.23 32.56
CA ILE D 88 -26.92 12.71 32.72
C ILE D 88 -27.25 12.90 34.20
N GLU D 89 -26.74 12.00 35.05
CA GLU D 89 -26.90 12.17 36.48
C GLU D 89 -26.17 13.39 37.02
N PHE D 90 -25.13 13.84 36.34
CA PHE D 90 -24.52 15.13 36.70
C PHE D 90 -25.42 16.28 36.30
N ILE D 91 -25.82 16.35 35.04
CA ILE D 91 -26.45 17.57 34.54
C ILE D 91 -27.96 17.57 34.74
N ARG D 92 -28.47 16.58 35.49
CA ARG D 92 -29.88 16.54 35.85
C ARG D 92 -30.30 17.78 36.64
N ASP D 93 -29.45 18.21 37.57
CA ASP D 93 -29.73 19.42 38.34
C ASP D 93 -29.73 20.66 37.47
N SER D 94 -28.79 20.73 36.52
CA SER D 94 -28.72 21.89 35.64
C SER D 94 -29.89 21.93 34.67
N LEU D 95 -30.47 20.77 34.35
CA LEU D 95 -31.69 20.77 33.55
C LEU D 95 -32.89 21.22 34.36
N ILE D 96 -33.04 20.71 35.58
CA ILE D 96 -34.24 21.07 36.35
C ILE D 96 -34.14 22.49 36.88
N SER D 97 -32.95 23.07 36.91
CA SER D 97 -32.77 24.45 37.34
C SER D 97 -33.32 25.46 36.35
N SER D 98 -33.66 25.05 35.13
CA SER D 98 -34.29 25.93 34.16
C SER D 98 -35.77 25.62 33.95
N GLU D 99 -36.31 24.67 34.71
CA GLU D 99 -37.73 24.31 34.60
C GLU D 99 -38.49 24.52 35.91
N GLU D 100 -37.87 24.24 37.05
CA GLU D 100 -38.47 24.59 38.33
C GLU D 100 -38.36 26.09 38.61
N GLU D 101 -37.45 26.78 37.93
CA GLU D 101 -37.15 28.18 38.24
C GLU D 101 -38.32 29.09 37.88
N GLU D 102 -38.89 28.91 36.69
CA GLU D 102 -40.00 29.76 36.24
C GLU D 102 -41.33 29.19 36.76
N GLY D 103 -41.51 29.28 38.07
CA GLY D 103 -42.78 28.89 38.68
C GLY D 103 -42.95 27.39 38.67
N LEU D 104 -44.16 26.97 38.28
CA LEU D 104 -44.58 25.56 38.14
C LEU D 104 -44.38 24.74 39.42
N ARG D 116 -34.32 23.53 47.69
CA ARG D 116 -33.31 23.39 46.64
C ARG D 116 -32.63 22.02 46.73
N SER D 117 -32.60 21.32 45.60
CA SER D 117 -32.08 19.96 45.53
C SER D 117 -30.59 19.85 45.84
N LYS D 118 -29.75 20.39 44.95
CA LYS D 118 -28.30 20.29 45.10
C LYS D 118 -27.65 21.51 44.46
N LYS D 119 -26.36 21.58 44.62
CA LYS D 119 -25.58 22.55 43.86
C LYS D 119 -25.15 21.91 42.53
N PRO D 120 -25.12 22.69 41.45
CA PRO D 120 -24.70 22.12 40.16
C PRO D 120 -23.20 21.87 40.15
N ILE D 121 -22.81 20.86 39.38
CA ILE D 121 -21.41 20.48 39.29
C ILE D 121 -20.66 21.50 38.43
N VAL D 122 -19.53 21.98 38.94
CA VAL D 122 -18.77 23.01 38.27
C VAL D 122 -17.75 22.44 37.29
N GLY D 123 -17.39 21.16 37.41
CA GLY D 123 -16.40 20.59 36.53
C GLY D 123 -16.10 19.16 36.90
N VAL D 124 -15.96 18.29 35.91
CA VAL D 124 -15.74 16.89 36.16
C VAL D 124 -14.27 16.58 36.00
N ILE D 125 -13.87 15.39 36.42
CA ILE D 125 -12.51 14.91 36.25
C ILE D 125 -12.60 13.48 35.74
N GLY D 126 -12.11 13.25 34.53
CA GLY D 126 -12.19 11.93 33.94
C GLY D 126 -13.09 11.93 32.73
N PRO D 127 -13.39 10.75 32.19
CA PRO D 127 -12.99 9.40 32.64
C PRO D 127 -11.61 8.99 32.16
N GLY D 128 -11.35 7.70 32.18
CA GLY D 128 -10.01 7.22 31.96
C GLY D 128 -9.79 6.44 30.68
N SER D 129 -10.67 6.60 29.69
CA SER D 129 -10.39 6.12 28.37
C SER D 129 -10.37 7.30 27.42
N SER D 130 -10.29 7.02 26.13
CA SER D 130 -10.45 8.06 25.14
C SER D 130 -11.88 8.20 24.67
N SER D 131 -12.46 7.12 24.15
CA SER D 131 -13.76 7.18 23.47
C SER D 131 -14.88 7.55 24.41
N VAL D 132 -14.81 7.09 25.66
CA VAL D 132 -15.83 7.44 26.62
C VAL D 132 -15.76 8.93 26.97
N ALA D 133 -14.55 9.47 27.06
CA ALA D 133 -14.39 10.90 27.27
C ALA D 133 -14.93 11.71 26.11
N ILE D 134 -14.71 11.25 24.88
CA ILE D 134 -15.25 11.89 23.69
C ILE D 134 -16.77 11.85 23.71
N GLN D 135 -17.34 10.78 24.26
CA GLN D 135 -18.79 10.74 24.42
C GLN D 135 -19.26 11.74 25.48
N VAL D 136 -18.52 11.85 26.58
CA VAL D 136 -19.00 12.63 27.72
C VAL D 136 -18.93 14.12 27.45
N GLN D 137 -17.89 14.57 26.71
CA GLN D 137 -17.72 16.01 26.43
C GLN D 137 -18.89 16.58 25.65
N ASN D 138 -19.51 15.75 24.80
CA ASN D 138 -20.61 16.22 23.98
C ASN D 138 -21.82 16.56 24.83
N LEU D 139 -22.00 15.89 25.96
CA LEU D 139 -22.95 16.43 26.92
C LEU D 139 -22.37 17.62 27.66
N LEU D 140 -21.09 17.59 27.98
CA LEU D 140 -20.56 18.61 28.89
C LEU D 140 -20.42 19.98 28.24
N GLN D 141 -20.07 20.03 26.96
CA GLN D 141 -19.89 21.33 26.34
C GLN D 141 -21.19 22.04 26.04
N LEU D 142 -22.33 21.40 26.28
CA LEU D 142 -23.60 22.07 26.16
C LEU D 142 -24.00 22.79 27.43
N PHE D 143 -23.35 22.49 28.54
CA PHE D 143 -23.68 23.15 29.81
C PHE D 143 -22.47 23.86 30.38
N ASN D 144 -21.48 24.16 29.54
CA ASN D 144 -20.29 24.93 29.88
C ASN D 144 -19.46 24.31 30.99
N ILE D 145 -19.56 23.00 31.19
CA ILE D 145 -18.89 22.33 32.30
C ILE D 145 -17.55 21.80 31.78
N PRO D 146 -16.44 22.33 32.25
CA PRO D 146 -15.14 21.91 31.72
C PRO D 146 -14.72 20.56 32.27
N GLN D 147 -14.03 19.80 31.44
CA GLN D 147 -13.56 18.47 31.78
C GLN D 147 -12.04 18.43 31.74
N ILE D 148 -11.43 17.95 32.81
CA ILE D 148 -10.00 17.69 32.84
C ILE D 148 -9.81 16.19 32.95
N ALA D 149 -9.16 15.60 31.95
CA ALA D 149 -8.95 14.17 31.95
C ALA D 149 -7.62 13.80 32.57
N TYR D 150 -7.44 12.51 32.79
CA TYR D 150 -6.16 11.98 33.27
C TYR D 150 -5.60 10.85 32.44
N SER D 151 -6.39 10.22 31.58
CA SER D 151 -5.85 9.19 30.72
C SER D 151 -6.37 9.26 29.30
N ALA D 152 -7.20 10.25 28.97
CA ALA D 152 -7.65 10.45 27.60
C ALA D 152 -6.47 10.97 26.80
N THR D 153 -5.80 10.08 26.07
CA THR D 153 -4.56 10.42 25.41
C THR D 153 -4.65 10.42 23.90
N SER D 154 -5.84 10.24 23.33
CA SER D 154 -5.97 10.11 21.89
C SER D 154 -5.80 11.46 21.20
N MET D 155 -5.17 11.43 20.04
CA MET D 155 -4.71 12.64 19.36
C MET D 155 -5.82 13.43 18.72
N ASP D 156 -7.02 12.87 18.61
CA ASP D 156 -8.18 13.60 18.11
C ASP D 156 -8.91 14.36 19.21
N LEU D 157 -8.22 14.70 20.30
CA LEU D 157 -8.74 15.55 21.35
C LEU D 157 -8.08 16.92 21.37
N SER D 158 -7.19 17.19 20.43
CA SER D 158 -6.56 18.49 20.32
C SER D 158 -7.41 19.48 19.53
N ASP D 159 -8.49 19.02 18.90
CA ASP D 159 -9.33 19.88 18.08
C ASP D 159 -10.19 20.73 18.99
N LYS D 160 -9.62 21.85 19.43
CA LYS D 160 -10.35 22.76 20.30
C LYS D 160 -11.43 23.54 19.55
N THR D 161 -11.38 23.56 18.23
CA THR D 161 -12.51 24.05 17.45
C THR D 161 -13.74 23.19 17.71
N LEU D 162 -13.55 21.88 17.75
CA LEU D 162 -14.63 20.94 17.98
C LEU D 162 -14.87 20.70 19.46
N PHE D 163 -13.81 20.60 20.26
CA PHE D 163 -13.88 20.26 21.68
C PHE D 163 -13.35 21.44 22.48
N LYS D 164 -14.24 22.38 22.82
CA LYS D 164 -13.76 23.58 23.49
C LYS D 164 -13.44 23.33 24.96
N TYR D 165 -14.29 22.58 25.64
CA TYR D 165 -14.27 22.49 27.11
C TYR D 165 -13.57 21.24 27.60
N PHE D 166 -12.50 20.84 26.94
CA PHE D 166 -11.80 19.63 27.33
C PHE D 166 -10.32 19.90 27.56
N MET D 167 -9.77 19.27 28.59
CA MET D 167 -8.39 19.44 28.99
C MET D 167 -7.87 18.09 29.47
N ARG D 168 -6.55 17.90 29.39
CA ARG D 168 -5.94 16.78 30.06
C ARG D 168 -4.53 17.15 30.46
N VAL D 169 -4.06 16.53 31.54
CA VAL D 169 -2.74 16.81 32.08
C VAL D 169 -1.73 15.76 31.61
N VAL D 170 -2.05 15.03 30.55
CA VAL D 170 -1.16 14.03 29.98
C VAL D 170 -0.94 14.39 28.52
N PRO D 171 0.18 14.03 27.91
CA PRO D 171 0.37 14.33 26.50
C PRO D 171 -0.40 13.36 25.62
N SER D 172 -0.56 13.77 24.35
CA SER D 172 -1.30 12.97 23.40
C SER D 172 -0.52 11.71 23.03
N ASP D 173 -1.22 10.75 22.45
CA ASP D 173 -0.55 9.58 21.95
C ASP D 173 0.06 9.78 20.56
N ALA D 174 -0.08 10.99 20.00
CA ALA D 174 0.51 11.31 18.72
C ALA D 174 2.03 11.24 18.75
N GLN D 175 2.64 11.35 19.94
CA GLN D 175 4.05 11.11 20.09
C GLN D 175 4.37 9.71 20.60
N GLN D 176 3.38 8.98 21.12
CA GLN D 176 3.61 7.57 21.42
C GLN D 176 3.84 6.77 20.16
N ALA D 177 3.12 7.11 19.09
CA ALA D 177 3.36 6.47 17.80
C ALA D 177 4.75 6.79 17.29
N ARG D 178 5.20 8.03 17.50
CA ARG D 178 6.56 8.42 17.13
C ARG D 178 7.59 7.64 17.92
N ALA D 179 7.35 7.43 19.22
CA ALA D 179 8.30 6.70 20.04
C ALA D 179 8.32 5.22 19.70
N MET D 180 7.17 4.63 19.37
CA MET D 180 7.15 3.23 18.97
C MET D 180 7.80 3.04 17.60
N VAL D 181 7.61 4.01 16.70
CA VAL D 181 8.30 4.01 15.42
C VAL D 181 9.80 4.10 15.61
N ASP D 182 10.24 4.92 16.58
CA ASP D 182 11.67 5.02 16.86
C ASP D 182 12.23 3.75 17.48
N ILE D 183 11.43 3.07 18.30
CA ILE D 183 11.86 1.80 18.89
C ILE D 183 12.02 0.74 17.80
N VAL D 184 11.02 0.60 16.93
CA VAL D 184 11.15 -0.42 15.89
C VAL D 184 12.13 0.01 14.80
N LYS D 185 12.45 1.29 14.72
CA LYS D 185 13.53 1.74 13.85
C LYS D 185 14.87 1.31 14.42
N ARG D 186 15.03 1.39 15.74
CA ARG D 186 16.33 1.17 16.34
C ARG D 186 16.71 -0.31 16.37
N TYR D 187 15.75 -1.21 16.37
CA TYR D 187 16.05 -2.64 16.45
C TYR D 187 15.74 -3.38 15.16
N ASN D 188 16.07 -2.75 14.02
CA ASN D 188 16.14 -3.39 12.70
C ASN D 188 14.79 -3.95 12.22
N TRP D 189 13.68 -3.53 12.81
CA TRP D 189 12.40 -4.14 12.49
C TRP D 189 11.90 -3.61 11.15
N THR D 190 11.31 -4.49 10.36
CA THR D 190 10.88 -4.02 9.04
C THR D 190 9.43 -4.37 8.71
N TYR D 191 8.99 -5.58 9.05
CA TYR D 191 7.72 -6.13 8.57
C TYR D 191 6.91 -6.56 9.79
N VAL D 192 6.21 -5.61 10.39
CA VAL D 192 5.58 -5.81 11.68
C VAL D 192 4.11 -6.18 11.48
N SER D 193 3.53 -6.74 12.53
CA SER D 193 2.07 -6.85 12.64
C SER D 193 1.59 -5.83 13.66
N ALA D 194 0.30 -5.53 13.62
CA ALA D 194 -0.25 -4.52 14.52
C ALA D 194 -1.72 -4.77 14.75
N VAL D 195 -2.11 -4.87 16.01
CA VAL D 195 -3.50 -4.91 16.40
C VAL D 195 -3.80 -3.66 17.20
N HIS D 196 -5.03 -3.16 17.08
CA HIS D 196 -5.45 -2.01 17.85
C HIS D 196 -6.88 -2.25 18.29
N THR D 197 -7.22 -1.79 19.49
CA THR D 197 -8.57 -2.01 19.98
C THR D 197 -9.53 -1.07 19.28
N GLU D 198 -10.76 -1.53 19.13
CA GLU D 198 -11.80 -0.69 18.55
C GLU D 198 -12.17 0.41 19.53
N GLY D 199 -12.70 1.50 18.99
CA GLY D 199 -12.82 2.72 19.75
C GLY D 199 -11.64 3.60 19.40
N ASN D 200 -11.81 4.92 19.46
CA ASN D 200 -10.86 5.80 18.81
C ASN D 200 -9.71 6.23 19.71
N TYR D 201 -9.33 5.37 20.66
CA TYR D 201 -7.96 5.41 21.15
C TYR D 201 -7.03 4.65 20.22
N GLY D 202 -7.28 3.36 20.06
CA GLY D 202 -6.47 2.53 19.20
C GLY D 202 -6.58 2.91 17.74
N GLU D 203 -7.73 3.45 17.33
CA GLU D 203 -7.91 3.88 15.95
C GLU D 203 -6.99 5.05 15.63
N SER D 204 -6.98 6.07 16.48
CA SER D 204 -6.12 7.22 16.25
C SER D 204 -4.65 6.86 16.41
N GLY D 205 -4.34 6.01 17.40
CA GLY D 205 -2.95 5.62 17.60
C GLY D 205 -2.41 4.80 16.46
N MET D 206 -3.18 3.81 15.99
CA MET D 206 -2.76 2.99 14.88
C MET D 206 -2.75 3.79 13.58
N GLU D 207 -3.63 4.79 13.45
CA GLU D 207 -3.60 5.65 12.28
C GLU D 207 -2.31 6.46 12.23
N ALA D 208 -1.92 7.03 13.38
CA ALA D 208 -0.66 7.76 13.45
C ALA D 208 0.54 6.84 13.23
N PHE D 209 0.44 5.60 13.72
CA PHE D 209 1.55 4.67 13.58
C PHE D 209 1.74 4.24 12.13
N LYS D 210 0.65 3.88 11.45
CA LYS D 210 0.80 3.50 10.05
C LYS D 210 0.93 4.69 9.12
N ASP D 211 0.72 5.91 9.62
CA ASP D 211 1.10 7.08 8.84
C ASP D 211 2.58 7.38 8.98
N MET D 212 3.16 7.15 10.15
CA MET D 212 4.58 7.41 10.37
C MET D 212 5.45 6.20 10.07
N SER D 213 4.86 5.05 9.74
CA SER D 213 5.68 3.90 9.37
C SER D 213 6.21 4.04 7.95
N ALA D 214 5.38 4.49 7.02
CA ALA D 214 5.79 4.60 5.63
C ALA D 214 6.81 5.71 5.42
N LYS D 215 6.81 6.71 6.30
CA LYS D 215 7.87 7.71 6.28
C LYS D 215 9.22 7.09 6.63
N GLU D 216 9.20 6.09 7.51
CA GLU D 216 10.41 5.36 7.85
C GLU D 216 10.53 4.06 7.07
N GLY D 217 9.62 3.82 6.13
CA GLY D 217 9.71 2.66 5.27
C GLY D 217 9.45 1.34 5.96
N ILE D 218 8.75 1.36 7.09
CA ILE D 218 8.48 0.15 7.86
C ILE D 218 7.16 -0.42 7.36
N CYS D 219 7.25 -1.57 6.68
CA CYS D 219 6.05 -2.21 6.17
C CYS D 219 5.29 -2.88 7.31
N ILE D 220 3.97 -2.92 7.16
CA ILE D 220 3.07 -3.55 8.13
C ILE D 220 2.38 -4.70 7.44
N ALA D 221 2.39 -5.86 8.08
CA ALA D 221 1.77 -7.07 7.53
C ALA D 221 0.28 -6.89 7.33
N HIS D 222 -0.45 -6.72 8.43
CA HIS D 222 -1.89 -6.52 8.35
C HIS D 222 -2.34 -5.88 9.65
N SER D 223 -3.03 -4.75 9.54
CA SER D 223 -3.64 -4.14 10.72
C SER D 223 -4.90 -4.89 11.10
N TYR D 224 -5.10 -5.07 12.40
CA TYR D 224 -6.27 -5.77 12.88
C TYR D 224 -6.96 -4.94 13.95
N LYS D 225 -8.28 -4.92 13.91
CA LYS D 225 -9.07 -4.29 14.95
C LYS D 225 -9.92 -5.34 15.63
N ILE D 226 -10.04 -5.22 16.95
CA ILE D 226 -10.87 -6.13 17.73
C ILE D 226 -11.33 -5.39 18.98
N TYR D 227 -12.57 -5.67 19.40
CA TYR D 227 -13.08 -5.08 20.62
C TYR D 227 -12.43 -5.73 21.84
N SER D 228 -12.52 -5.03 22.96
CA SER D 228 -12.06 -5.59 24.22
C SER D 228 -13.11 -6.45 24.88
N ASN D 229 -14.22 -6.73 24.20
CA ASN D 229 -15.28 -7.57 24.72
C ASN D 229 -15.44 -8.83 23.90
N ALA D 230 -14.43 -9.20 23.13
CA ALA D 230 -14.54 -10.31 22.20
C ALA D 230 -14.50 -11.63 22.95
N GLY D 231 -15.48 -12.49 22.68
CA GLY D 231 -15.43 -13.84 23.18
C GLY D 231 -14.40 -14.66 22.43
N GLU D 232 -14.07 -15.80 23.02
CA GLU D 232 -12.95 -16.61 22.54
C GLU D 232 -13.22 -17.19 21.15
N GLN D 233 -14.48 -17.47 20.83
CA GLN D 233 -14.83 -17.96 19.50
C GLN D 233 -14.59 -16.91 18.43
N SER D 234 -14.73 -15.64 18.79
CA SER D 234 -14.39 -14.54 17.90
C SER D 234 -13.02 -13.94 18.22
N PHE D 235 -12.28 -14.54 19.14
CA PHE D 235 -10.96 -14.05 19.48
C PHE D 235 -9.84 -14.92 18.93
N ASP D 236 -10.08 -16.23 18.83
CA ASP D 236 -9.05 -17.15 18.36
C ASP D 236 -8.79 -16.99 16.86
N LYS D 237 -9.75 -16.43 16.12
CA LYS D 237 -9.52 -16.07 14.73
C LYS D 237 -8.42 -15.04 14.59
N LEU D 238 -8.23 -14.19 15.60
CA LEU D 238 -7.16 -13.21 15.55
C LEU D 238 -5.79 -13.87 15.61
N LEU D 239 -5.60 -14.86 16.48
CA LEU D 239 -4.33 -15.57 16.46
C LEU D 239 -4.20 -16.50 15.26
N LYS D 240 -5.32 -17.00 14.73
CA LYS D 240 -5.23 -17.76 13.48
C LYS D 240 -4.80 -16.88 12.32
N LYS D 241 -5.15 -15.59 12.34
CA LYS D 241 -4.69 -14.69 11.30
C LYS D 241 -3.29 -14.17 11.57
N LEU D 242 -2.89 -14.06 12.83
CA LEU D 242 -1.53 -13.68 13.15
C LEU D 242 -0.54 -14.83 12.96
N THR D 243 -1.02 -16.07 12.95
CA THR D 243 -0.13 -17.21 12.76
C THR D 243 0.37 -17.29 11.33
N SER D 244 -0.38 -16.73 10.38
CA SER D 244 -0.06 -16.81 8.96
C SER D 244 1.02 -15.84 8.53
N HIS D 245 1.80 -15.30 9.47
CA HIS D 245 2.93 -14.45 9.17
C HIS D 245 4.16 -14.94 9.94
N LEU D 246 4.29 -16.26 10.05
CA LEU D 246 5.35 -16.88 10.82
C LEU D 246 6.31 -17.63 9.90
N PRO D 247 7.62 -17.51 10.13
CA PRO D 247 8.26 -16.62 11.11
C PRO D 247 8.60 -15.27 10.49
N LYS D 248 7.72 -14.80 9.61
CA LYS D 248 7.95 -13.54 8.92
C LYS D 248 7.78 -12.37 9.87
N ALA D 249 6.58 -12.23 10.44
CA ALA D 249 6.29 -11.18 11.41
C ALA D 249 6.43 -11.77 12.81
N ARG D 250 7.44 -11.30 13.53
CA ARG D 250 7.71 -11.78 14.88
C ARG D 250 7.26 -10.79 15.94
N VAL D 251 6.86 -9.59 15.57
CA VAL D 251 6.51 -8.55 16.52
C VAL D 251 5.11 -8.05 16.19
N VAL D 252 4.32 -7.77 17.23
CA VAL D 252 2.99 -7.21 17.09
C VAL D 252 2.98 -5.89 17.85
N ALA D 253 2.82 -4.79 17.14
CA ALA D 253 2.73 -3.47 17.76
C ALA D 253 1.30 -3.27 18.22
N CYS D 254 1.08 -3.41 19.52
CA CYS D 254 -0.26 -3.28 20.07
C CYS D 254 -0.49 -1.85 20.53
N PHE D 255 -1.65 -1.31 20.18
CA PHE D 255 -2.20 -0.16 20.87
C PHE D 255 -3.33 -0.53 21.79
N CYS D 256 -3.55 -1.82 21.99
CA CYS D 256 -4.75 -2.27 22.67
C CYS D 256 -4.69 -1.95 24.15
N GLU D 257 -5.87 -1.87 24.75
CA GLU D 257 -5.94 -1.69 26.19
C GLU D 257 -5.74 -3.03 26.89
N GLY D 258 -5.82 -3.00 28.22
CA GLY D 258 -5.24 -4.07 29.02
C GLY D 258 -5.98 -5.39 28.90
N MET D 259 -7.31 -5.35 28.88
CA MET D 259 -8.07 -6.58 28.76
C MET D 259 -7.91 -7.23 27.39
N THR D 260 -7.63 -6.45 26.35
CA THR D 260 -7.38 -7.05 25.04
C THR D 260 -6.05 -7.78 25.01
N VAL D 261 -5.02 -7.19 25.64
CA VAL D 261 -3.72 -7.85 25.71
C VAL D 261 -3.81 -9.09 26.57
N ARG D 262 -4.60 -9.04 27.65
CA ARG D 262 -4.78 -10.23 28.46
C ARG D 262 -5.58 -11.30 27.71
N GLY D 263 -6.52 -10.87 26.86
CA GLY D 263 -7.20 -11.84 26.02
C GLY D 263 -6.27 -12.50 25.02
N LEU D 264 -5.34 -11.71 24.46
CA LEU D 264 -4.31 -12.28 23.59
C LEU D 264 -3.44 -13.28 24.32
N LEU D 265 -3.07 -12.99 25.56
CA LEU D 265 -2.24 -13.93 26.30
C LEU D 265 -3.01 -15.18 26.67
N MET D 266 -4.30 -15.03 26.98
CA MET D 266 -5.17 -16.16 27.23
C MET D 266 -5.34 -17.04 26.00
N ALA D 267 -5.47 -16.45 24.84
CA ALA D 267 -5.56 -17.23 23.61
C ALA D 267 -4.23 -17.84 23.22
N MET D 268 -3.11 -17.19 23.55
CA MET D 268 -1.80 -17.80 23.33
C MET D 268 -1.60 -19.03 24.20
N ARG D 269 -2.11 -18.99 25.43
CA ARG D 269 -2.06 -20.21 26.22
C ARG D 269 -3.04 -21.26 25.70
N ARG D 270 -4.21 -20.84 25.24
CA ARG D 270 -5.20 -21.79 24.76
C ARG D 270 -4.96 -22.27 23.34
N LEU D 271 -3.81 -21.98 22.74
CA LEU D 271 -3.46 -22.55 21.46
C LEU D 271 -2.07 -23.16 21.45
N GLY D 272 -1.44 -23.29 22.61
CA GLY D 272 -0.10 -23.86 22.68
C GLY D 272 0.98 -23.00 22.07
N LEU D 273 0.73 -21.71 21.93
CA LEU D 273 1.68 -20.79 21.31
C LEU D 273 2.48 -20.02 22.33
N ALA D 274 2.80 -20.66 23.46
CA ALA D 274 3.56 -20.01 24.51
C ALA D 274 5.00 -19.78 24.07
N GLY D 275 5.49 -18.56 24.28
CA GLY D 275 6.83 -18.22 23.84
C GLY D 275 7.00 -18.18 22.35
N GLU D 276 5.93 -17.98 21.60
CA GLU D 276 6.03 -17.97 20.15
C GLU D 276 6.72 -16.72 19.65
N PHE D 277 6.16 -15.55 19.96
CA PHE D 277 6.69 -14.32 19.39
C PHE D 277 6.45 -13.14 20.31
N LEU D 278 7.35 -12.16 20.21
CA LEU D 278 7.29 -10.93 20.98
C LEU D 278 6.13 -10.06 20.51
N LEU D 279 5.69 -9.17 21.39
CA LEU D 279 4.68 -8.18 21.04
C LEU D 279 4.98 -6.89 21.80
N LEU D 280 4.87 -5.78 21.09
CA LEU D 280 5.10 -4.45 21.63
C LEU D 280 3.76 -3.79 21.93
N GLY D 281 3.68 -3.14 23.09
CA GLY D 281 2.44 -2.47 23.45
C GLY D 281 2.59 -1.01 23.79
N SER D 282 1.48 -0.27 23.74
CA SER D 282 1.42 1.09 24.24
C SER D 282 1.17 1.06 25.75
N ASP D 283 0.78 2.18 26.33
CA ASP D 283 0.59 2.27 27.77
C ASP D 283 -0.60 1.49 28.31
N GLY D 284 -1.32 0.73 27.47
CA GLY D 284 -2.44 -0.07 27.92
C GLY D 284 -2.07 -1.19 28.86
N TRP D 285 -0.83 -1.64 28.84
CA TRP D 285 -0.40 -2.67 29.80
C TRP D 285 1.00 -2.37 30.30
N ALA D 286 1.22 -1.12 30.67
CA ALA D 286 2.53 -0.64 31.09
C ALA D 286 2.99 -1.24 32.42
N ASP D 287 2.28 -0.93 33.51
CA ASP D 287 2.60 -1.48 34.81
C ASP D 287 1.53 -2.43 35.32
N ARG D 288 0.58 -2.81 34.48
CA ARG D 288 -0.56 -3.59 34.90
C ARG D 288 -0.13 -5.04 35.10
N TYR D 289 0.01 -5.46 36.36
CA TYR D 289 0.32 -6.85 36.62
C TYR D 289 -0.87 -7.74 36.38
N ASP D 290 -2.08 -7.20 36.53
CA ASP D 290 -3.29 -7.99 36.42
C ASP D 290 -3.56 -8.49 35.01
N VAL D 291 -3.03 -7.82 33.99
CA VAL D 291 -3.19 -8.33 32.63
C VAL D 291 -2.23 -9.46 32.34
N THR D 292 -1.23 -9.67 33.19
CA THR D 292 -0.26 -10.72 33.00
C THR D 292 -0.41 -11.86 33.99
N ASP D 293 -1.14 -11.65 35.07
CA ASP D 293 -1.23 -12.64 36.13
C ASP D 293 -2.05 -13.83 35.65
N GLY D 294 -1.53 -15.04 35.86
CA GLY D 294 -2.11 -16.25 35.33
C GLY D 294 -1.64 -16.62 33.94
N TYR D 295 -1.15 -15.65 33.17
CA TYR D 295 -0.79 -15.84 31.77
C TYR D 295 0.65 -15.43 31.51
N GLN D 296 1.45 -15.30 32.57
CA GLN D 296 2.72 -14.59 32.51
C GLN D 296 3.80 -15.31 31.72
N ARG D 297 3.67 -16.61 31.50
CA ARG D 297 4.67 -17.29 30.68
C ARG D 297 4.51 -16.96 29.21
N GLU D 298 3.31 -16.56 28.79
CA GLU D 298 3.07 -16.24 27.40
C GLU D 298 3.38 -14.80 27.05
N ALA D 299 3.86 -14.01 28.01
CA ALA D 299 4.17 -12.61 27.76
C ALA D 299 5.65 -12.30 27.94
N VAL D 300 6.49 -13.32 28.10
CA VAL D 300 7.89 -13.11 28.45
C VAL D 300 8.64 -12.44 27.31
N GLY D 301 9.56 -11.56 27.66
CA GLY D 301 10.25 -10.76 26.68
C GLY D 301 9.46 -9.62 26.09
N GLY D 302 8.24 -9.39 26.55
CA GLY D 302 7.39 -8.38 25.96
C GLY D 302 7.80 -6.98 26.40
N ILE D 303 8.02 -6.12 25.43
CA ILE D 303 8.41 -4.74 25.66
C ILE D 303 7.17 -3.86 25.52
N THR D 304 7.06 -2.85 26.38
CA THR D 304 5.99 -1.87 26.25
C THR D 304 6.52 -0.52 26.74
N ILE D 305 5.70 0.52 26.55
CA ILE D 305 6.08 1.86 26.97
C ILE D 305 5.18 2.26 28.12
N LYS D 306 5.47 3.43 28.70
CA LYS D 306 4.68 3.94 29.81
C LYS D 306 4.81 5.44 29.82
N LEU D 307 3.71 6.13 30.01
CA LEU D 307 3.77 7.54 30.34
C LEU D 307 4.38 7.68 31.74
N GLN D 308 5.50 8.40 31.81
CA GLN D 308 6.32 8.44 33.01
C GLN D 308 5.61 9.14 34.16
N SER D 309 5.59 8.50 35.33
CA SER D 309 5.06 9.12 36.51
C SER D 309 5.79 8.59 37.73
N PRO D 310 6.07 9.44 38.71
CA PRO D 310 6.70 8.96 39.94
C PRO D 310 5.70 8.37 40.91
N ASP D 311 6.16 8.07 42.11
CA ASP D 311 5.33 7.55 43.19
C ASP D 311 4.78 8.70 44.02
N VAL D 312 3.68 8.42 44.73
CA VAL D 312 3.07 9.36 45.67
C VAL D 312 3.23 8.79 47.06
N LYS D 313 4.04 9.45 47.89
CA LYS D 313 4.32 8.94 49.23
C LYS D 313 3.13 9.14 50.16
N TRP D 314 2.31 10.15 49.90
CA TRP D 314 1.14 10.44 50.74
C TRP D 314 0.16 9.30 50.71
N PHE D 315 -0.19 8.85 49.51
CA PHE D 315 -1.16 7.80 49.32
C PHE D 315 -0.66 6.45 49.80
N ASP D 316 0.66 6.26 49.85
CA ASP D 316 1.24 5.04 50.39
C ASP D 316 0.86 4.89 51.86
N ASP D 317 1.09 5.93 52.65
CA ASP D 317 0.82 5.84 54.07
C ASP D 317 -0.65 6.02 54.38
N TYR D 318 -1.39 6.72 53.53
CA TYR D 318 -2.81 6.86 53.77
C TYR D 318 -3.57 5.59 53.43
N TYR D 319 -3.21 4.94 52.33
CA TYR D 319 -4.03 3.89 51.77
C TYR D 319 -3.90 2.57 52.52
N LEU D 320 -2.72 2.30 53.09
CA LEU D 320 -2.57 1.07 53.85
C LEU D 320 -3.30 1.13 55.18
N LYS D 321 -3.58 2.32 55.68
CA LYS D 321 -4.27 2.50 56.95
C LYS D 321 -5.78 2.55 56.79
N LEU D 322 -6.31 1.99 55.71
CA LEU D 322 -7.73 2.01 55.45
C LEU D 322 -8.34 0.67 55.78
N ARG D 323 -9.35 0.68 56.64
CA ARG D 323 -9.99 -0.53 57.11
C ARG D 323 -11.46 -0.54 56.71
N PRO D 324 -12.04 -1.71 56.44
CA PRO D 324 -13.47 -1.76 56.13
C PRO D 324 -14.37 -1.42 57.31
N GLU D 325 -13.86 -1.49 58.54
CA GLU D 325 -14.63 -1.05 59.68
C GLU D 325 -14.48 0.44 59.96
N THR D 326 -13.70 1.16 59.16
CA THR D 326 -13.46 2.57 59.40
C THR D 326 -13.93 3.46 58.26
N ASN D 327 -13.78 3.01 57.02
CA ASN D 327 -14.04 3.85 55.85
C ASN D 327 -15.55 4.02 55.67
N HIS D 328 -16.04 5.22 55.96
CA HIS D 328 -17.47 5.48 55.99
C HIS D 328 -17.85 6.51 54.93
N ARG D 329 -17.13 6.54 53.83
CA ARG D 329 -17.46 7.43 52.73
C ARG D 329 -17.21 6.80 51.36
N ASN D 330 -17.01 5.49 51.32
CA ASN D 330 -16.70 4.79 50.06
C ASN D 330 -17.62 3.59 49.96
N PRO D 331 -18.55 3.58 49.01
CA PRO D 331 -19.52 2.49 48.95
C PRO D 331 -18.97 1.19 48.42
N TRP D 332 -17.86 1.21 47.70
CA TRP D 332 -17.35 0.00 47.08
C TRP D 332 -16.24 -0.65 47.87
N PHE D 333 -15.87 -0.09 49.02
CA PHE D 333 -14.71 -0.59 49.73
C PHE D 333 -14.98 -1.95 50.36
N GLN D 334 -16.24 -2.21 50.71
CA GLN D 334 -16.61 -3.52 51.22
C GLN D 334 -16.47 -4.59 50.13
N GLU D 335 -16.98 -4.31 48.92
CA GLU D 335 -16.87 -5.28 47.84
C GLU D 335 -15.43 -5.41 47.37
N PHE D 336 -14.63 -4.35 47.50
CA PHE D 336 -13.20 -4.44 47.29
C PHE D 336 -12.57 -5.43 48.25
N TRP D 337 -12.94 -5.31 49.53
CA TRP D 337 -12.42 -6.19 50.56
C TRP D 337 -12.88 -7.62 50.34
N GLN D 338 -14.09 -7.78 49.83
CA GLN D 338 -14.59 -9.10 49.47
C GLN D 338 -13.79 -9.70 48.33
N HIS D 339 -13.61 -8.93 47.25
CA HIS D 339 -13.11 -9.51 46.02
C HIS D 339 -11.61 -9.75 46.06
N ARG D 340 -10.82 -8.82 46.62
CA ARG D 340 -9.38 -9.04 46.54
C ARG D 340 -8.89 -10.07 47.54
N PHE D 341 -9.70 -10.43 48.54
CA PHE D 341 -9.31 -11.39 49.54
C PHE D 341 -10.11 -12.67 49.49
N GLN D 342 -11.20 -12.70 48.73
CA GLN D 342 -12.04 -13.88 48.48
C GLN D 342 -12.58 -14.48 49.77
N CYS D 343 -13.37 -13.69 50.46
CA CYS D 343 -13.95 -14.11 51.73
C CYS D 343 -15.24 -13.36 51.94
N ARG D 344 -16.03 -13.84 52.89
CA ARG D 344 -17.18 -13.09 53.35
C ARG D 344 -16.85 -12.40 54.66
N LEU D 345 -17.71 -11.45 55.03
CA LEU D 345 -17.64 -10.81 56.33
C LEU D 345 -18.93 -11.11 57.09
N GLU D 346 -18.78 -11.37 58.38
CA GLU D 346 -19.92 -11.81 59.17
C GLU D 346 -20.88 -10.66 59.44
N GLY D 347 -20.40 -9.61 60.11
CA GLY D 347 -21.27 -8.54 60.52
C GLY D 347 -21.37 -7.36 59.58
N PHE D 348 -20.49 -7.29 58.59
CA PHE D 348 -20.49 -6.15 57.68
C PHE D 348 -21.73 -6.18 56.79
N PRO D 349 -22.25 -5.00 56.41
CA PRO D 349 -23.53 -4.98 55.68
C PRO D 349 -23.46 -5.57 54.29
N GLN D 350 -22.34 -5.42 53.60
CA GLN D 350 -22.18 -6.01 52.28
C GLN D 350 -21.60 -7.40 52.49
N GLU D 351 -22.48 -8.41 52.40
CA GLU D 351 -22.06 -9.77 52.76
C GLU D 351 -21.22 -10.42 51.66
N ASN D 352 -21.82 -10.60 50.49
CA ASN D 352 -21.32 -11.47 49.41
C ASN D 352 -20.99 -12.86 49.97
N SER D 353 -22.07 -13.53 50.40
CA SER D 353 -21.97 -14.84 51.03
C SER D 353 -21.61 -15.96 50.06
N LYS D 354 -21.48 -15.66 48.76
CA LYS D 354 -20.96 -16.62 47.80
C LYS D 354 -19.53 -17.02 48.14
N TYR D 355 -18.75 -16.10 48.68
CA TYR D 355 -17.40 -16.43 49.13
C TYR D 355 -17.44 -17.16 50.45
N ASN D 356 -16.69 -18.25 50.56
CA ASN D 356 -16.47 -18.94 51.81
C ASN D 356 -15.15 -18.47 52.43
N LYS D 357 -14.72 -19.15 53.50
CA LYS D 357 -13.43 -18.96 54.17
C LYS D 357 -13.27 -17.51 54.66
N THR D 358 -14.09 -17.19 55.67
CA THR D 358 -14.23 -15.85 56.23
C THR D 358 -12.89 -15.27 56.68
N CYS D 359 -12.67 -14.00 56.32
CA CYS D 359 -11.37 -13.36 56.52
C CYS D 359 -11.00 -13.20 57.98
N ASN D 360 -9.71 -13.41 58.26
CA ASN D 360 -9.11 -13.03 59.53
C ASN D 360 -9.19 -11.52 59.70
N SER D 361 -9.26 -11.08 60.95
CA SER D 361 -9.27 -9.66 61.28
C SER D 361 -7.87 -9.07 61.36
N SER D 362 -6.85 -9.83 60.99
CA SER D 362 -5.47 -9.36 61.01
C SER D 362 -4.97 -8.99 59.63
N LEU D 363 -5.85 -8.90 58.65
CA LEU D 363 -5.41 -8.64 57.29
C LEU D 363 -5.07 -7.17 57.09
N THR D 364 -4.25 -6.93 56.08
CA THR D 364 -3.79 -5.59 55.75
C THR D 364 -3.79 -5.45 54.23
N LEU D 365 -3.44 -4.25 53.78
CA LEU D 365 -3.40 -3.96 52.35
C LEU D 365 -2.02 -4.08 51.76
N LYS D 366 -0.97 -4.00 52.57
CA LYS D 366 0.38 -3.91 52.04
C LYS D 366 0.88 -5.24 51.50
N THR D 367 0.23 -6.35 51.84
CA THR D 367 0.60 -7.64 51.27
C THR D 367 0.26 -7.65 49.79
N HIS D 368 1.29 -7.85 48.97
CA HIS D 368 1.22 -7.76 47.49
C HIS D 368 0.69 -6.40 47.04
N HIS D 369 1.11 -5.34 47.73
CA HIS D 369 0.69 -4.00 47.33
C HIS D 369 1.39 -3.62 46.04
N VAL D 370 0.60 -3.19 45.05
CA VAL D 370 1.13 -2.65 43.82
C VAL D 370 0.61 -1.22 43.70
N GLN D 371 1.52 -0.26 43.79
CA GLN D 371 1.16 1.13 43.62
C GLN D 371 0.80 1.40 42.17
N ASP D 372 -0.25 2.18 41.96
CA ASP D 372 -0.72 2.48 40.61
C ASP D 372 0.30 3.34 39.87
N SER D 373 0.27 3.23 38.54
CA SER D 373 1.23 3.94 37.70
C SER D 373 0.75 5.35 37.35
N LYS D 374 -0.53 5.53 37.09
CA LYS D 374 -1.02 6.80 36.58
C LYS D 374 -1.70 7.64 37.65
N MET D 375 -1.64 7.23 38.91
CA MET D 375 -2.45 7.92 39.90
C MET D 375 -1.86 9.23 40.37
N GLY D 376 -0.60 9.53 40.03
CA GLY D 376 -0.11 10.87 40.27
C GLY D 376 -0.75 11.88 39.35
N PHE D 377 -1.11 11.44 38.14
CA PHE D 377 -1.78 12.31 37.18
C PHE D 377 -3.17 12.69 37.66
N VAL D 378 -3.82 11.79 38.39
CA VAL D 378 -5.13 12.08 38.96
C VAL D 378 -5.03 13.23 39.95
N ILE D 379 -4.03 13.17 40.82
CA ILE D 379 -3.81 14.21 41.81
C ILE D 379 -3.41 15.50 41.12
N ASN D 380 -2.67 15.40 40.01
CA ASN D 380 -2.34 16.58 39.22
C ASN D 380 -3.59 17.22 38.64
N ALA D 381 -4.54 16.41 38.20
CA ALA D 381 -5.77 16.95 37.62
C ALA D 381 -6.64 17.62 38.68
N ILE D 382 -6.72 17.01 39.87
CA ILE D 382 -7.50 17.60 40.95
C ILE D 382 -6.88 18.91 41.42
N TYR D 383 -5.55 18.94 41.53
CA TYR D 383 -4.86 20.18 41.81
C TYR D 383 -5.05 21.19 40.70
N SER D 384 -5.19 20.75 39.45
CA SER D 384 -5.41 21.68 38.36
C SER D 384 -6.77 22.36 38.50
N MET D 385 -7.80 21.59 38.86
CA MET D 385 -9.11 22.18 39.17
C MET D 385 -9.02 23.13 40.35
N ALA D 386 -8.24 22.76 41.37
CA ALA D 386 -8.14 23.60 42.56
C ALA D 386 -7.45 24.92 42.26
N TYR D 387 -6.32 24.88 41.55
CA TYR D 387 -5.63 26.11 41.16
C TYR D 387 -6.43 26.92 40.16
N GLY D 388 -7.28 26.27 39.35
CA GLY D 388 -8.13 27.02 38.46
C GLY D 388 -9.19 27.81 39.20
N LEU D 389 -9.82 27.19 40.20
CA LEU D 389 -10.77 27.93 41.02
C LEU D 389 -10.07 28.99 41.87
N HIS D 390 -8.83 28.71 42.27
CA HIS D 390 -8.04 29.70 43.01
C HIS D 390 -7.74 30.91 42.16
N ASN D 391 -7.41 30.70 40.88
CA ASN D 391 -7.16 31.80 39.98
C ASN D 391 -8.44 32.54 39.61
N MET D 392 -9.58 31.84 39.59
CA MET D 392 -10.87 32.54 39.48
C MET D 392 -11.11 33.46 40.65
N GLN D 393 -10.80 33.00 41.87
CA GLN D 393 -10.94 33.84 43.05
C GLN D 393 -10.00 35.04 42.98
N MET D 394 -8.74 34.82 42.60
CA MET D 394 -7.79 35.91 42.53
C MET D 394 -8.09 36.86 41.38
N SER D 395 -8.83 36.43 40.36
CA SER D 395 -9.12 37.28 39.21
C SER D 395 -10.49 37.94 39.27
N LEU D 396 -11.41 37.46 40.11
CA LEU D 396 -12.75 38.04 40.11
C LEU D 396 -13.17 38.51 41.49
N CYS D 397 -12.72 37.84 42.53
CA CYS D 397 -13.11 38.18 43.90
C CYS D 397 -11.86 38.43 44.73
N PRO D 398 -11.20 39.58 44.52
CA PRO D 398 -9.85 39.76 45.10
C PRO D 398 -9.86 40.05 46.60
N GLY D 399 -10.85 40.80 47.07
CA GLY D 399 -10.83 41.28 48.43
C GLY D 399 -11.79 40.58 49.36
N TYR D 400 -11.96 39.27 49.19
CA TYR D 400 -12.85 38.52 50.06
C TYR D 400 -12.39 37.07 50.12
N ALA D 401 -12.38 36.53 51.34
CA ALA D 401 -12.06 35.13 51.56
C ALA D 401 -13.35 34.32 51.48
N GLY D 402 -13.49 33.52 50.43
CA GLY D 402 -14.67 32.73 50.21
C GLY D 402 -15.39 33.12 48.94
N LEU D 403 -16.48 32.42 48.68
CA LEU D 403 -17.32 32.71 47.53
C LEU D 403 -18.11 33.98 47.81
N CYS D 404 -17.80 35.03 47.06
CA CYS D 404 -18.59 36.25 47.08
C CYS D 404 -19.66 36.16 46.00
N ASP D 405 -20.31 37.27 45.70
CA ASP D 405 -21.44 37.28 44.78
C ASP D 405 -21.01 37.42 43.32
N ALA D 406 -19.72 37.27 43.04
CA ALA D 406 -19.25 37.20 41.66
C ALA D 406 -19.25 35.78 41.10
N MET D 407 -19.30 34.77 41.96
CA MET D 407 -19.33 33.38 41.53
C MET D 407 -20.64 32.71 41.93
N LYS D 408 -21.74 33.46 41.96
CA LYS D 408 -23.02 32.92 42.40
C LYS D 408 -24.07 33.15 41.32
N PRO D 409 -24.29 32.20 40.41
CA PRO D 409 -23.56 30.93 40.28
C PRO D 409 -22.27 31.09 39.50
N ILE D 410 -21.51 30.01 39.33
CA ILE D 410 -20.22 30.06 38.66
C ILE D 410 -20.45 29.91 37.17
N ASP D 411 -19.88 30.82 36.38
CA ASP D 411 -19.85 30.65 34.93
C ASP D 411 -18.75 29.66 34.58
N GLY D 412 -19.03 28.81 33.59
CA GLY D 412 -18.03 27.88 33.12
C GLY D 412 -17.05 28.47 32.13
N ARG D 413 -17.43 29.54 31.44
CA ARG D 413 -16.54 30.14 30.46
C ARG D 413 -15.40 30.89 31.13
N LYS D 414 -15.72 31.61 32.21
CA LYS D 414 -14.68 32.25 33.03
C LYS D 414 -13.78 31.19 33.66
N LEU D 415 -14.37 30.06 34.06
CA LEU D 415 -13.56 28.95 34.56
C LEU D 415 -12.67 28.38 33.48
N LEU D 416 -13.12 28.37 32.22
CA LEU D 416 -12.26 27.89 31.15
C LEU D 416 -11.12 28.85 30.89
N GLU D 417 -11.41 30.15 30.91
CA GLU D 417 -10.37 31.15 30.72
C GLU D 417 -9.36 31.14 31.86
N SER D 418 -9.81 30.78 33.06
CA SER D 418 -8.87 30.57 34.15
C SER D 418 -8.06 29.29 33.95
N LEU D 419 -8.71 28.22 33.52
CA LEU D 419 -8.06 26.92 33.48
C LEU D 419 -7.05 26.81 32.37
N MET D 420 -7.28 27.49 31.24
CA MET D 420 -6.33 27.41 30.14
C MET D 420 -5.01 28.10 30.44
N LYS D 421 -4.95 28.93 31.46
CA LYS D 421 -3.77 29.71 31.80
C LYS D 421 -3.28 29.38 33.20
N THR D 422 -3.19 28.10 33.52
CA THR D 422 -2.75 27.65 34.83
C THR D 422 -1.28 27.27 34.79
N ASN D 423 -0.52 27.80 35.74
CA ASN D 423 0.85 27.40 35.98
C ASN D 423 1.01 27.07 37.46
N PHE D 424 1.52 25.89 37.74
CA PHE D 424 1.78 25.47 39.11
C PHE D 424 2.81 24.34 39.07
N THR D 425 3.12 23.81 40.24
CA THR D 425 4.09 22.74 40.39
C THR D 425 3.38 21.42 40.65
N GLY D 426 3.84 20.37 39.99
CA GLY D 426 3.27 19.06 40.17
C GLY D 426 3.64 18.43 41.50
N VAL D 427 3.17 17.19 41.67
CA VAL D 427 3.50 16.45 42.88
C VAL D 427 4.96 16.00 42.89
N SER D 428 5.60 15.93 41.73
CA SER D 428 7.04 15.79 41.65
C SER D 428 7.72 17.14 41.42
N GLY D 429 7.02 18.23 41.75
CA GLY D 429 7.56 19.56 41.56
C GLY D 429 7.62 20.02 40.12
N ASP D 430 7.03 19.28 39.19
CA ASP D 430 7.14 19.62 37.79
C ASP D 430 6.17 20.74 37.42
N THR D 431 6.65 21.64 36.55
CA THR D 431 5.89 22.78 36.08
C THR D 431 4.77 22.28 35.19
N ILE D 432 3.55 22.29 35.72
CA ILE D 432 2.38 21.78 35.00
C ILE D 432 1.76 22.94 34.22
N LEU D 433 1.82 22.85 32.91
CA LEU D 433 1.24 23.85 32.02
C LEU D 433 1.04 23.16 30.69
N PHE D 434 0.36 23.85 29.78
CA PHE D 434 0.02 23.24 28.51
C PHE D 434 -0.17 24.31 27.44
N ASP D 435 -0.36 23.82 26.22
CA ASP D 435 -0.47 24.66 25.04
C ASP D 435 -1.85 25.30 24.90
N GLU D 436 -2.14 25.78 23.71
CA GLU D 436 -3.49 26.20 23.34
C GLU D 436 -4.37 25.03 22.93
N ASN D 437 -4.03 23.80 23.31
CA ASN D 437 -4.83 22.64 23.01
C ASN D 437 -5.16 21.80 24.23
N GLY D 438 -4.78 22.23 25.43
CA GLY D 438 -5.13 21.50 26.63
C GLY D 438 -4.34 20.21 26.81
N ASP D 439 -3.12 20.16 26.29
CA ASP D 439 -2.30 18.95 26.30
C ASP D 439 -1.01 19.23 27.07
N SER D 440 -0.92 18.74 28.28
CA SER D 440 0.29 18.99 29.07
C SER D 440 1.40 18.04 28.64
N PRO D 441 2.60 18.54 28.38
CA PRO D 441 3.68 17.66 27.93
C PRO D 441 4.28 16.87 29.06
N GLY D 442 4.76 15.67 28.72
CA GLY D 442 5.38 14.78 29.66
C GLY D 442 6.38 13.90 28.95
N ARG D 443 6.97 12.99 29.70
CA ARG D 443 7.99 12.09 29.19
C ARG D 443 7.54 10.65 29.35
N TYR D 444 8.36 9.72 28.88
CA TYR D 444 7.98 8.32 28.85
C TYR D 444 9.04 7.45 29.49
N GLU D 445 8.65 6.21 29.78
CA GLU D 445 9.56 5.17 30.21
C GLU D 445 9.21 3.89 29.47
N ILE D 446 10.22 3.07 29.22
CA ILE D 446 10.06 1.83 28.48
C ILE D 446 10.45 0.68 29.40
N MET D 447 9.58 -0.32 29.50
CA MET D 447 9.89 -1.49 30.30
C MET D 447 9.90 -2.75 29.45
N ASN D 448 10.29 -3.84 30.11
CA ASN D 448 10.31 -5.16 29.51
C ASN D 448 9.87 -6.16 30.57
N PHE D 449 9.12 -7.16 30.14
CA PHE D 449 8.58 -8.19 31.02
C PHE D 449 9.36 -9.47 30.76
N LYS D 450 10.26 -9.82 31.68
CA LYS D 450 11.17 -10.93 31.48
C LYS D 450 11.43 -11.63 32.80
N GLU D 451 12.15 -12.76 32.70
CA GLU D 451 12.38 -13.65 33.84
C GLU D 451 13.50 -13.09 34.70
N MET D 452 13.14 -12.44 35.81
CA MET D 452 14.15 -12.07 36.79
C MET D 452 14.65 -13.28 37.55
N GLY D 453 13.75 -13.95 38.27
CA GLY D 453 14.05 -15.20 38.92
C GLY D 453 13.23 -16.32 38.32
N LYS D 454 13.61 -17.55 38.67
CA LYS D 454 12.85 -18.71 38.22
C LYS D 454 11.51 -18.74 38.93
N ASP D 455 10.44 -18.82 38.13
CA ASP D 455 9.06 -18.58 38.55
C ASP D 455 8.93 -17.24 39.26
N TYR D 456 9.61 -16.23 38.72
CA TYR D 456 9.56 -14.87 39.25
C TYR D 456 9.72 -13.93 38.06
N PHE D 457 8.59 -13.49 37.52
CA PHE D 457 8.56 -12.63 36.35
C PHE D 457 8.24 -11.22 36.79
N ASP D 458 8.84 -10.24 36.11
CA ASP D 458 8.72 -8.87 36.59
C ASP D 458 8.91 -7.88 35.44
N TYR D 459 8.18 -6.78 35.51
CA TYR D 459 8.49 -5.62 34.71
C TYR D 459 9.82 -5.02 35.18
N ILE D 460 10.62 -4.53 34.24
CA ILE D 460 11.90 -3.93 34.58
C ILE D 460 12.16 -2.77 33.63
N ASN D 461 12.61 -1.64 34.20
CA ASN D 461 12.83 -0.43 33.42
C ASN D 461 13.98 -0.65 32.43
N VAL D 462 13.88 0.00 31.29
CA VAL D 462 14.91 -0.08 30.27
C VAL D 462 15.41 1.32 29.96
N GLY D 463 14.51 2.19 29.49
CA GLY D 463 14.94 3.51 29.11
C GLY D 463 13.77 4.44 28.90
N SER D 464 14.11 5.69 28.61
CA SER D 464 13.12 6.76 28.51
C SER D 464 13.02 7.25 27.07
N TRP D 465 12.23 8.31 26.88
CA TRP D 465 12.04 8.91 25.58
C TRP D 465 11.55 10.33 25.78
N ASP D 466 12.10 11.27 25.02
CA ASP D 466 11.66 12.66 25.07
C ASP D 466 12.10 13.33 23.79
N ASN D 467 11.13 13.75 22.98
CA ASN D 467 11.34 14.55 21.77
C ASN D 467 12.26 13.87 20.77
N GLY D 468 12.21 12.55 20.71
CA GLY D 468 13.07 11.78 19.84
C GLY D 468 14.32 11.26 20.51
N GLU D 469 14.69 11.78 21.68
CA GLU D 469 15.90 11.33 22.35
C GLU D 469 15.67 9.98 22.99
N LEU D 470 15.71 8.94 22.17
CA LEU D 470 15.43 7.57 22.62
C LEU D 470 16.69 6.99 23.25
N LYS D 471 16.72 6.96 24.58
CA LYS D 471 17.83 6.40 25.33
C LYS D 471 17.40 5.06 25.90
N MET D 472 18.09 3.99 25.54
CA MET D 472 17.74 2.66 26.05
C MET D 472 19.02 1.90 26.35
N ASP D 473 18.84 0.59 26.60
CA ASP D 473 19.94 -0.30 26.95
C ASP D 473 19.67 -1.62 26.22
N ASP D 474 20.49 -1.91 25.22
CA ASP D 474 20.23 -3.06 24.37
C ASP D 474 20.67 -4.36 25.05
N ASP D 475 21.73 -4.31 25.85
CA ASP D 475 22.19 -5.47 26.58
C ASP D 475 21.30 -5.81 27.77
N GLU D 476 20.48 -4.85 28.20
CA GLU D 476 19.46 -5.15 29.21
C GLU D 476 18.40 -6.09 28.65
N VAL D 477 18.10 -5.95 27.37
CA VAL D 477 17.05 -6.74 26.73
C VAL D 477 17.71 -7.96 26.11
N TRP D 478 17.16 -9.14 26.42
CA TRP D 478 17.57 -10.51 26.06
C TRP D 478 18.82 -10.97 26.78
N SER D 479 19.52 -10.05 27.47
CA SER D 479 20.87 -10.24 28.00
C SER D 479 21.82 -10.83 26.95
N LYS D 480 21.67 -10.38 25.70
CA LYS D 480 22.21 -11.08 24.55
C LYS D 480 22.09 -10.20 23.32
N LYS D 481 23.15 -10.10 22.52
CA LYS D 481 23.10 -9.32 21.30
C LYS D 481 22.57 -10.11 20.11
N SER D 482 22.27 -11.40 20.29
CA SER D 482 21.55 -12.19 19.31
C SER D 482 20.11 -12.28 19.79
N ASN D 483 19.25 -11.44 19.23
CA ASN D 483 17.91 -11.24 19.75
C ASN D 483 16.91 -12.20 19.10
N ILE D 484 15.63 -11.89 19.27
CA ILE D 484 14.57 -12.57 18.55
C ILE D 484 14.67 -12.21 17.06
N ILE D 485 14.03 -13.05 16.23
CA ILE D 485 14.10 -12.93 14.78
C ILE D 485 13.54 -11.59 14.34
N ARG D 486 14.35 -10.84 13.59
CA ARG D 486 13.92 -9.55 13.07
C ARG D 486 12.79 -9.76 12.07
N SER D 487 11.70 -9.02 12.26
CA SER D 487 10.54 -9.13 11.39
C SER D 487 10.88 -8.45 10.07
N VAL D 488 11.58 -9.19 9.22
CA VAL D 488 11.98 -8.74 7.90
C VAL D 488 11.48 -9.77 6.91
N CYS D 489 10.82 -9.31 5.85
CA CYS D 489 10.19 -10.24 4.93
C CYS D 489 11.21 -10.91 4.02
N SER D 490 11.91 -10.13 3.21
CA SER D 490 12.94 -10.64 2.33
C SER D 490 14.30 -10.28 2.90
N GLU D 491 15.19 -11.26 2.97
CA GLU D 491 16.49 -11.09 3.57
C GLU D 491 17.35 -10.13 2.74
N PRO D 492 18.24 -9.36 3.39
CA PRO D 492 19.07 -8.43 2.63
C PRO D 492 20.12 -9.14 1.80
N CYS D 493 19.69 -9.63 0.63
CA CYS D 493 20.52 -10.39 -0.29
C CYS D 493 21.42 -9.52 -1.15
N GLU D 494 21.49 -8.21 -0.87
CA GLU D 494 22.34 -7.33 -1.64
C GLU D 494 23.81 -7.64 -1.38
N LYS D 495 24.52 -8.05 -2.43
CA LYS D 495 25.93 -8.37 -2.35
C LYS D 495 26.74 -7.60 -3.38
N GLY D 496 26.21 -6.48 -3.86
CA GLY D 496 26.76 -5.79 -5.00
C GLY D 496 26.48 -6.44 -6.34
N GLN D 497 25.79 -7.58 -6.34
CA GLN D 497 25.54 -8.35 -7.56
C GLN D 497 24.10 -8.84 -7.69
N ILE D 498 23.31 -8.80 -6.64
CA ILE D 498 21.98 -9.40 -6.62
C ILE D 498 20.96 -8.26 -6.51
N LYS D 499 20.14 -8.08 -7.54
CA LYS D 499 19.20 -6.98 -7.53
C LYS D 499 17.98 -7.33 -6.68
N VAL D 500 17.08 -6.36 -6.56
CA VAL D 500 15.90 -6.44 -5.70
C VAL D 500 14.67 -6.20 -6.56
N ILE D 501 13.75 -7.15 -6.58
CA ILE D 501 12.51 -7.05 -7.36
C ILE D 501 11.34 -7.30 -6.45
N ARG D 502 10.46 -6.30 -6.32
CA ARG D 502 9.25 -6.42 -5.53
C ARG D 502 8.11 -6.94 -6.39
N LYS D 503 7.24 -7.74 -5.78
CA LYS D 503 6.10 -8.30 -6.50
C LYS D 503 4.95 -7.32 -6.68
N GLY D 504 5.02 -6.16 -6.03
CA GLY D 504 3.99 -5.15 -6.14
C GLY D 504 3.03 -5.08 -4.98
N GLU D 505 2.96 -6.12 -4.15
CA GLU D 505 2.02 -6.16 -3.05
C GLU D 505 2.49 -5.31 -1.87
N VAL D 506 3.61 -5.69 -1.27
CA VAL D 506 4.21 -4.97 -0.16
C VAL D 506 5.64 -4.63 -0.54
N SER D 507 6.05 -3.38 -0.31
CA SER D 507 7.38 -2.93 -0.69
C SER D 507 8.50 -3.53 0.18
N CYS D 508 8.27 -4.47 1.09
CA CYS D 508 9.33 -5.12 1.83
C CYS D 508 9.43 -6.61 1.55
N CYS D 509 8.46 -7.19 0.84
CA CYS D 509 8.52 -8.59 0.45
C CYS D 509 8.97 -8.67 -1.01
N TRP D 510 10.27 -8.55 -1.22
CA TRP D 510 10.81 -8.55 -2.56
C TRP D 510 11.41 -9.92 -2.91
N THR D 511 11.79 -10.05 -4.17
CA THR D 511 12.49 -11.21 -4.66
C THR D 511 13.91 -10.82 -5.04
N CYS D 512 14.83 -11.76 -4.85
CA CYS D 512 16.23 -11.55 -5.14
C CYS D 512 16.58 -12.16 -6.49
N THR D 513 17.41 -11.45 -7.26
CA THR D 513 17.80 -11.93 -8.56
C THR D 513 19.21 -11.44 -8.83
N PRO D 514 20.13 -12.32 -9.20
CA PRO D 514 21.46 -11.86 -9.62
C PRO D 514 21.41 -11.25 -11.01
N CYS D 515 22.32 -10.30 -11.24
CA CYS D 515 22.44 -9.65 -12.52
C CYS D 515 23.62 -10.21 -13.31
N LYS D 516 23.54 -10.08 -14.63
CA LYS D 516 24.49 -10.75 -15.50
C LYS D 516 25.84 -10.06 -15.49
N GLU D 517 26.83 -10.69 -16.11
CA GLU D 517 28.16 -10.14 -16.19
C GLU D 517 28.25 -8.96 -17.14
N ASN D 518 27.31 -8.85 -18.09
CA ASN D 518 27.16 -7.66 -18.91
C ASN D 518 26.42 -6.56 -18.15
N GLU D 519 25.80 -6.91 -17.04
CA GLU D 519 24.92 -6.03 -16.30
C GLU D 519 25.62 -5.50 -15.05
N TYR D 520 25.27 -4.29 -14.65
CA TYR D 520 25.77 -3.73 -13.41
C TYR D 520 24.62 -3.13 -12.63
N VAL D 521 24.79 -3.04 -11.32
CA VAL D 521 23.75 -2.50 -10.46
C VAL D 521 23.73 -0.99 -10.63
N PHE D 522 22.88 -0.50 -11.53
CA PHE D 522 22.70 0.94 -11.68
C PHE D 522 21.81 1.49 -10.59
N ASP D 523 20.96 0.64 -10.03
CA ASP D 523 19.94 1.01 -9.06
C ASP D 523 19.56 -0.26 -8.33
N GLU D 524 18.92 -0.10 -7.17
CA GLU D 524 18.53 -1.27 -6.40
C GLU D 524 17.41 -2.07 -7.03
N TYR D 525 16.78 -1.58 -8.09
CA TYR D 525 15.65 -2.24 -8.69
C TYR D 525 15.82 -2.52 -10.17
N THR D 526 16.96 -2.16 -10.75
CA THR D 526 17.23 -2.46 -12.15
C THR D 526 18.72 -2.61 -12.35
N CYS D 527 19.08 -3.39 -13.38
CA CYS D 527 20.47 -3.56 -13.78
C CYS D 527 20.64 -3.13 -15.21
N LYS D 528 21.42 -2.07 -15.40
CA LYS D 528 21.75 -1.54 -16.71
C LYS D 528 22.88 -2.37 -17.32
N ALA D 529 22.87 -2.48 -18.64
CA ALA D 529 23.97 -3.07 -19.38
C ALA D 529 24.97 -1.99 -19.75
N CYS D 530 26.24 -2.38 -19.87
CA CYS D 530 27.30 -1.43 -20.20
C CYS D 530 27.33 -1.18 -21.70
N GLN D 531 28.35 -0.46 -22.15
CA GLN D 531 28.50 -0.11 -23.56
C GLN D 531 29.20 -1.24 -24.30
N LEU D 532 29.63 -0.97 -25.53
CA LEU D 532 30.40 -1.93 -26.30
C LEU D 532 31.79 -2.07 -25.70
N GLY D 533 32.08 -3.25 -25.16
CA GLY D 533 33.39 -3.56 -24.64
C GLY D 533 33.68 -3.06 -23.24
N SER D 534 32.95 -2.05 -22.76
CA SER D 534 33.13 -1.58 -21.40
C SER D 534 32.59 -2.62 -20.43
N TRP D 535 33.33 -2.85 -19.35
CA TRP D 535 33.06 -3.98 -18.49
C TRP D 535 32.69 -3.52 -17.09
N PRO D 536 31.70 -4.15 -16.46
CA PRO D 536 31.30 -3.72 -15.11
C PRO D 536 32.34 -4.07 -14.06
N THR D 537 32.45 -3.20 -13.06
CA THR D 537 33.47 -3.35 -12.03
C THR D 537 33.04 -4.40 -11.00
N ASP D 538 33.75 -4.46 -9.88
CA ASP D 538 33.60 -5.57 -8.94
C ASP D 538 32.32 -5.48 -8.12
N ASP D 539 31.94 -4.29 -7.68
CA ASP D 539 30.66 -4.09 -7.01
C ASP D 539 29.55 -3.73 -8.00
N LEU D 540 29.84 -3.83 -9.30
CA LEU D 540 28.88 -3.63 -10.40
C LEU D 540 28.24 -2.24 -10.35
N THR D 541 29.06 -1.22 -10.28
CA THR D 541 28.57 0.15 -10.23
C THR D 541 28.94 0.96 -11.46
N GLY D 542 30.19 0.83 -11.93
CA GLY D 542 30.63 1.54 -13.11
C GLY D 542 31.15 0.60 -14.16
N CYS D 543 31.20 1.11 -15.39
CA CYS D 543 31.64 0.34 -16.55
C CYS D 543 33.10 0.66 -16.81
N ASP D 544 34.00 -0.17 -16.31
CA ASP D 544 35.42 -0.02 -16.59
C ASP D 544 35.74 -0.58 -17.97
N LEU D 545 36.98 -0.36 -18.40
CA LEU D 545 37.41 -0.81 -19.71
C LEU D 545 38.35 -2.01 -19.59
N ILE D 546 38.57 -2.66 -20.73
CA ILE D 546 39.51 -3.77 -20.84
C ILE D 546 40.52 -3.38 -21.93
N PRO D 547 41.82 -3.50 -21.68
CA PRO D 547 42.80 -3.05 -22.67
C PRO D 547 42.86 -3.95 -23.90
N VAL D 548 43.40 -3.39 -24.97
CA VAL D 548 43.54 -4.08 -26.25
C VAL D 548 44.68 -5.08 -26.15
N GLN D 549 44.79 -5.94 -27.16
CA GLN D 549 45.96 -6.78 -27.34
C GLN D 549 46.81 -6.11 -28.41
N TYR D 550 47.66 -5.19 -27.96
CA TYR D 550 48.45 -4.37 -28.89
C TYR D 550 49.55 -5.17 -29.55
N LEU D 551 50.23 -6.03 -28.78
CA LEU D 551 51.22 -7.01 -29.24
C LEU D 551 52.39 -6.33 -29.97
N ARG D 552 53.14 -5.55 -29.19
CA ARG D 552 54.38 -4.95 -29.68
C ARG D 552 55.57 -5.89 -29.54
N TRP D 553 55.74 -6.48 -28.35
CA TRP D 553 56.81 -7.45 -28.08
C TRP D 553 56.49 -8.83 -28.62
N GLY D 554 55.28 -9.05 -29.13
CA GLY D 554 54.94 -10.30 -29.76
C GLY D 554 54.50 -11.38 -28.81
N ASP D 555 53.47 -12.11 -29.18
CA ASP D 555 53.14 -13.35 -28.49
C ASP D 555 54.27 -14.36 -28.70
N PRO D 556 54.54 -15.22 -27.72
CA PRO D 556 55.78 -16.02 -27.77
C PRO D 556 55.82 -17.07 -28.85
N GLU D 557 54.68 -17.57 -29.31
CA GLU D 557 54.75 -18.48 -30.46
C GLU D 557 54.95 -17.71 -31.78
N PRO D 558 54.36 -16.52 -31.99
CA PRO D 558 54.86 -15.67 -33.09
C PRO D 558 56.28 -15.12 -32.90
N ILE D 559 56.86 -15.17 -31.70
CA ILE D 559 58.27 -14.80 -31.52
C ILE D 559 59.17 -15.79 -32.28
N ALA D 560 58.73 -17.04 -32.42
CA ALA D 560 59.44 -18.00 -33.27
C ALA D 560 59.43 -17.54 -34.74
N ALA D 561 58.31 -16.97 -35.19
CA ALA D 561 58.27 -16.44 -36.56
C ALA D 561 59.11 -15.18 -36.70
N VAL D 562 59.22 -14.40 -35.62
CA VAL D 562 60.08 -13.21 -35.64
C VAL D 562 61.55 -13.61 -35.74
N VAL D 563 61.96 -14.64 -35.00
CA VAL D 563 63.32 -15.16 -35.11
C VAL D 563 63.52 -15.85 -36.46
N PHE D 564 62.46 -16.40 -37.04
CA PHE D 564 62.54 -16.95 -38.39
C PHE D 564 62.78 -15.85 -39.42
N ALA D 565 62.15 -14.68 -39.24
CA ALA D 565 62.44 -13.55 -40.12
C ALA D 565 63.83 -12.99 -39.87
N CYS D 566 64.33 -13.09 -38.63
CA CYS D 566 65.73 -12.75 -38.35
C CYS D 566 66.69 -13.68 -39.10
N LEU D 567 66.35 -14.97 -39.16
CA LEU D 567 67.13 -15.92 -39.95
C LEU D 567 67.03 -15.63 -41.44
N GLY D 568 65.88 -15.12 -41.89
CA GLY D 568 65.77 -14.67 -43.26
C GLY D 568 66.67 -13.48 -43.55
N LEU D 569 66.77 -12.56 -42.60
CA LEU D 569 67.71 -11.44 -42.73
C LEU D 569 69.16 -11.92 -42.71
N LEU D 570 69.45 -12.96 -41.93
CA LEU D 570 70.80 -13.54 -41.90
C LEU D 570 71.12 -14.22 -43.22
N ALA D 571 70.15 -14.88 -43.83
CA ALA D 571 70.34 -15.46 -45.16
C ALA D 571 70.52 -14.38 -46.21
N THR D 572 69.81 -13.26 -46.07
CA THR D 572 70.01 -12.10 -46.95
C THR D 572 71.43 -11.56 -46.82
N LEU D 573 71.95 -11.50 -45.60
CA LEU D 573 73.34 -11.09 -45.39
C LEU D 573 74.32 -12.07 -45.99
N PHE D 574 74.05 -13.38 -45.84
CA PHE D 574 74.93 -14.40 -46.38
C PHE D 574 74.94 -14.42 -47.90
N VAL D 575 73.84 -14.02 -48.54
CA VAL D 575 73.83 -13.87 -49.99
C VAL D 575 74.54 -12.58 -50.41
N THR D 576 74.22 -11.45 -49.76
CA THR D 576 74.76 -10.16 -50.17
C THR D 576 76.25 -10.01 -49.86
N VAL D 577 76.79 -10.84 -48.96
CA VAL D 577 78.23 -10.79 -48.71
C VAL D 577 79.04 -11.34 -49.88
N VAL D 578 78.45 -12.19 -50.71
CA VAL D 578 79.14 -12.73 -51.88
C VAL D 578 78.49 -12.32 -53.18
N PHE D 579 77.40 -11.57 -53.15
CA PHE D 579 76.73 -11.11 -54.37
C PHE D 579 76.96 -9.63 -54.63
N ILE D 580 76.99 -8.81 -53.58
CA ILE D 580 77.12 -7.36 -53.77
C ILE D 580 78.57 -6.94 -53.78
N ILE D 581 79.38 -7.48 -52.88
CA ILE D 581 80.77 -7.04 -52.72
C ILE D 581 81.72 -7.90 -53.52
N TYR D 582 81.73 -9.21 -53.28
CA TYR D 582 82.62 -10.15 -53.97
C TYR D 582 82.01 -10.42 -55.34
N ARG D 583 82.39 -9.61 -56.32
CA ARG D 583 81.82 -9.65 -57.66
C ARG D 583 82.75 -10.36 -58.64
N ASP D 584 83.41 -11.42 -58.21
CA ASP D 584 84.21 -12.27 -59.09
C ASP D 584 83.37 -13.16 -60.00
N THR D 585 82.05 -13.19 -59.81
CA THR D 585 81.17 -14.00 -60.64
C THR D 585 81.05 -13.39 -62.04
N PRO D 586 81.42 -14.12 -63.10
CA PRO D 586 81.31 -13.55 -64.45
C PRO D 586 79.89 -13.46 -64.96
N VAL D 587 78.97 -14.26 -64.42
CA VAL D 587 77.61 -14.29 -64.95
C VAL D 587 76.83 -13.05 -64.53
N VAL D 588 77.13 -12.51 -63.33
CA VAL D 588 76.44 -11.32 -62.84
C VAL D 588 76.88 -10.09 -63.63
N LYS D 589 78.19 -9.94 -63.85
CA LYS D 589 78.66 -8.81 -64.65
C LYS D 589 78.40 -9.01 -66.14
N SER D 590 78.20 -10.26 -66.59
CA SER D 590 77.89 -10.49 -68.00
C SER D 590 76.45 -10.10 -68.30
N SER D 591 75.53 -10.43 -67.40
CA SER D 591 74.15 -9.97 -67.48
C SER D 591 74.04 -8.63 -66.77
N SER D 592 72.82 -8.17 -66.53
CA SER D 592 72.62 -6.92 -65.79
C SER D 592 72.71 -7.19 -64.30
N ARG D 593 73.53 -6.40 -63.61
CA ARG D 593 73.62 -6.48 -62.15
C ARG D 593 72.33 -5.98 -61.48
N GLU D 594 71.58 -5.13 -62.17
CA GLU D 594 70.33 -4.60 -61.63
C GLU D 594 69.26 -5.67 -61.48
N LEU D 595 69.37 -6.78 -62.21
CA LEU D 595 68.48 -7.93 -62.03
C LEU D 595 68.54 -8.45 -60.59
N CYS D 596 69.73 -8.93 -60.20
CA CYS D 596 69.94 -9.44 -58.84
C CYS D 596 69.85 -8.32 -57.81
N TYR D 597 70.14 -7.08 -58.20
CA TYR D 597 69.99 -5.96 -57.29
C TYR D 597 68.53 -5.73 -56.91
N ILE D 598 67.63 -5.76 -57.91
CA ILE D 598 66.21 -5.60 -57.63
C ILE D 598 65.66 -6.82 -56.90
N ILE D 599 66.21 -8.01 -57.18
CA ILE D 599 65.79 -9.21 -56.43
C ILE D 599 66.14 -9.08 -54.94
N LEU D 600 67.39 -8.69 -54.65
CA LEU D 600 67.81 -8.51 -53.26
C LEU D 600 67.07 -7.35 -52.60
N ALA D 601 66.74 -6.31 -53.38
CA ALA D 601 66.01 -5.16 -52.82
C ALA D 601 64.59 -5.55 -52.42
N GLY D 602 63.87 -6.24 -53.31
CA GLY D 602 62.52 -6.69 -52.98
C GLY D 602 62.50 -7.69 -51.83
N ILE D 603 63.49 -8.58 -51.78
CA ILE D 603 63.55 -9.58 -50.71
C ILE D 603 63.87 -8.93 -49.37
N CYS D 604 64.84 -8.01 -49.35
CA CYS D 604 65.21 -7.32 -48.12
C CYS D 604 64.09 -6.40 -47.63
N LEU D 605 63.34 -5.81 -48.55
CA LEU D 605 62.18 -5.01 -48.13
C LEU D 605 61.04 -5.89 -47.63
N GLY D 606 60.90 -7.09 -48.18
CA GLY D 606 59.93 -8.04 -47.62
C GLY D 606 60.28 -8.43 -46.19
N TYR D 607 61.54 -8.82 -45.95
CA TYR D 607 61.96 -9.17 -44.60
C TYR D 607 62.02 -7.96 -43.68
N LEU D 608 62.12 -6.74 -44.22
CA LEU D 608 62.03 -5.56 -43.37
C LEU D 608 60.58 -5.27 -42.97
N CYS D 609 59.64 -5.45 -43.91
CA CYS D 609 58.23 -5.24 -43.61
C CYS D 609 57.64 -6.35 -42.77
N THR D 610 58.32 -7.50 -42.64
CA THR D 610 57.93 -8.49 -41.64
C THR D 610 58.01 -7.91 -40.23
N PHE D 611 59.14 -7.28 -39.88
CA PHE D 611 59.31 -6.74 -38.54
C PHE D 611 58.50 -5.46 -38.33
N CYS D 612 57.98 -4.85 -39.40
CA CYS D 612 57.19 -3.64 -39.32
C CYS D 612 55.70 -3.93 -39.17
N LEU D 613 55.36 -5.06 -38.57
CA LEU D 613 53.98 -5.49 -38.40
C LEU D 613 53.57 -5.69 -36.95
N ILE D 614 54.49 -6.09 -36.08
CA ILE D 614 54.16 -6.36 -34.66
C ILE D 614 54.31 -5.03 -33.92
N ALA D 615 53.26 -4.21 -33.97
CA ALA D 615 53.30 -2.91 -33.36
C ALA D 615 51.89 -2.47 -32.98
N LYS D 616 51.83 -1.42 -32.18
CA LYS D 616 50.56 -0.75 -31.95
C LYS D 616 50.12 -0.06 -33.23
N PRO D 617 48.90 -0.29 -33.69
CA PRO D 617 48.47 0.32 -34.96
C PRO D 617 48.13 1.80 -34.83
N LYS D 618 49.14 2.66 -34.90
CA LYS D 618 48.93 4.10 -34.96
C LYS D 618 48.66 4.50 -36.41
N GLN D 619 48.66 5.81 -36.69
CA GLN D 619 48.38 6.26 -38.06
C GLN D 619 49.53 5.93 -38.99
N ILE D 620 50.75 6.35 -38.64
CA ILE D 620 51.92 6.05 -39.44
C ILE D 620 52.29 4.58 -39.34
N TYR D 621 51.90 3.90 -38.26
CA TYR D 621 52.17 2.47 -38.15
C TYR D 621 51.21 1.66 -39.02
N CYS D 622 49.94 2.10 -39.11
CA CYS D 622 49.04 1.52 -40.10
C CYS D 622 49.48 1.85 -41.51
N TYR D 623 50.10 3.01 -41.72
CA TYR D 623 50.65 3.33 -43.03
C TYR D 623 51.80 2.40 -43.39
N LEU D 624 52.66 2.09 -42.41
CA LEU D 624 53.77 1.18 -42.63
C LEU D 624 53.28 -0.25 -42.86
N GLN D 625 52.26 -0.68 -42.12
CA GLN D 625 51.73 -2.02 -42.33
C GLN D 625 50.95 -2.12 -43.65
N ARG D 626 50.28 -1.05 -44.07
CA ARG D 626 49.62 -1.05 -45.36
C ARG D 626 50.64 -1.05 -46.49
N ILE D 627 51.78 -0.39 -46.27
CA ILE D 627 52.90 -0.48 -47.21
C ILE D 627 53.41 -1.91 -47.28
N GLY D 628 53.65 -2.54 -46.12
CA GLY D 628 54.10 -3.91 -46.09
C GLY D 628 53.10 -4.94 -46.58
N ILE D 629 51.82 -4.56 -46.65
CA ILE D 629 50.78 -5.47 -47.08
C ILE D 629 50.48 -5.30 -48.56
N GLY D 630 50.66 -4.09 -49.08
CA GLY D 630 50.33 -3.87 -50.48
C GLY D 630 51.52 -3.73 -51.40
N LEU D 631 52.52 -2.95 -50.99
CA LEU D 631 53.65 -2.66 -51.85
C LEU D 631 54.79 -3.66 -51.68
N SER D 632 54.96 -4.19 -50.46
CA SER D 632 55.97 -5.22 -50.23
C SER D 632 55.66 -6.54 -50.91
N PRO D 633 54.39 -7.01 -51.02
CA PRO D 633 54.15 -8.10 -51.99
C PRO D 633 54.24 -7.64 -53.42
N ALA D 634 54.00 -6.36 -53.70
CA ALA D 634 54.18 -5.85 -55.05
C ALA D 634 55.65 -5.78 -55.41
N MET D 635 56.49 -5.22 -54.53
CA MET D 635 57.91 -5.12 -54.83
C MET D 635 58.64 -6.43 -54.61
N SER D 636 58.08 -7.35 -53.82
CA SER D 636 58.68 -8.67 -53.69
C SER D 636 58.52 -9.49 -54.97
N TYR D 637 57.47 -9.22 -55.74
CA TYR D 637 57.33 -9.83 -57.06
C TYR D 637 57.96 -8.99 -58.16
N SER D 638 58.04 -7.67 -57.97
CA SER D 638 58.79 -6.81 -58.87
C SER D 638 60.28 -7.09 -58.79
N ALA D 639 60.73 -7.64 -57.66
CA ALA D 639 62.05 -8.25 -57.55
C ALA D 639 62.23 -9.33 -58.61
N LEU D 640 61.32 -10.31 -58.65
CA LEU D 640 61.52 -11.50 -59.46
C LEU D 640 61.21 -11.26 -60.94
N VAL D 641 60.22 -10.41 -61.24
CA VAL D 641 59.62 -10.39 -62.57
C VAL D 641 60.56 -9.80 -63.63
N THR D 642 61.53 -8.97 -63.22
CA THR D 642 62.46 -8.38 -64.17
C THR D 642 63.37 -9.43 -64.78
N LYS D 643 64.04 -10.21 -63.93
CA LYS D 643 64.88 -11.31 -64.40
C LYS D 643 64.03 -12.47 -64.92
N THR D 644 62.77 -12.58 -64.47
CA THR D 644 61.89 -13.63 -64.96
C THR D 644 61.49 -13.40 -66.41
N ASN D 645 61.21 -12.15 -66.79
CA ASN D 645 60.79 -11.85 -68.15
C ASN D 645 61.86 -11.16 -68.96
N ARG D 646 63.10 -11.10 -68.46
CA ARG D 646 64.23 -10.77 -69.32
C ARG D 646 64.47 -11.87 -70.34
N ILE D 647 64.17 -13.13 -69.99
CA ILE D 647 64.32 -14.24 -70.91
C ILE D 647 63.18 -14.25 -71.94
N ALA D 648 62.10 -13.49 -71.69
CA ALA D 648 60.98 -13.47 -72.62
C ALA D 648 61.32 -12.76 -73.92
N ARG D 649 62.18 -11.74 -73.87
CA ARG D 649 62.58 -11.03 -75.08
C ARG D 649 63.51 -11.86 -75.96
N ILE D 650 64.17 -12.86 -75.39
CA ILE D 650 64.93 -13.82 -76.20
C ILE D 650 64.03 -14.97 -76.64
N LEU D 651 63.08 -15.38 -75.79
CA LEU D 651 62.22 -16.52 -76.07
C LEU D 651 61.20 -16.20 -77.16
N ALA D 652 60.32 -15.24 -76.90
CA ALA D 652 59.30 -14.87 -77.88
C ALA D 652 59.80 -13.89 -78.92
N GLY D 653 61.03 -13.38 -78.77
CA GLY D 653 61.50 -12.32 -79.65
C GLY D 653 62.30 -12.76 -80.85
N SER D 654 63.37 -13.53 -80.63
CA SER D 654 64.33 -13.77 -81.70
C SER D 654 64.11 -15.06 -82.47
N LYS D 655 64.23 -16.20 -81.81
CA LYS D 655 64.37 -17.46 -82.53
C LYS D 655 63.39 -18.53 -82.11
N LYS D 656 63.05 -18.61 -80.82
CA LYS D 656 62.26 -19.74 -80.32
C LYS D 656 60.79 -19.63 -80.74
N LYS D 657 60.11 -18.57 -80.31
CA LYS D 657 58.76 -18.28 -80.79
C LYS D 657 58.87 -17.21 -81.87
N ILE D 658 58.68 -17.62 -83.12
CA ILE D 658 58.83 -16.71 -84.25
C ILE D 658 57.59 -15.83 -84.34
N CYS D 659 57.80 -14.51 -84.26
CA CYS D 659 56.73 -13.54 -84.44
C CYS D 659 57.24 -12.43 -85.34
N THR D 660 56.33 -11.86 -86.13
CA THR D 660 56.70 -10.85 -87.13
C THR D 660 56.63 -9.43 -86.58
N LYS D 661 57.25 -9.23 -85.42
CA LYS D 661 57.39 -7.93 -84.77
C LYS D 661 58.47 -8.07 -83.70
N LYS D 662 59.07 -6.93 -83.34
CA LYS D 662 60.14 -6.89 -82.35
C LYS D 662 59.70 -5.97 -81.21
N PRO D 663 58.99 -6.50 -80.20
CA PRO D 663 58.48 -5.65 -79.10
C PRO D 663 59.53 -5.36 -78.03
N ARG D 664 60.65 -4.77 -78.46
CA ARG D 664 61.73 -4.37 -77.57
C ARG D 664 62.49 -3.23 -78.25
N PHE D 665 63.55 -2.77 -77.58
CA PHE D 665 64.39 -1.71 -78.08
C PHE D 665 65.77 -2.25 -78.46
N MET D 666 66.54 -1.41 -79.16
CA MET D 666 67.84 -1.81 -79.68
C MET D 666 68.97 -1.49 -78.70
N SER D 667 68.79 -1.87 -77.43
CA SER D 667 69.77 -1.72 -76.37
C SER D 667 69.36 -2.56 -75.17
N ALA D 668 70.29 -3.31 -74.59
CA ALA D 668 69.96 -4.13 -73.42
C ALA D 668 69.67 -3.27 -72.20
N CYS D 669 70.32 -2.11 -72.09
CA CYS D 669 69.94 -1.15 -71.06
C CYS D 669 68.53 -0.63 -71.31
N ALA D 670 68.17 -0.41 -72.57
CA ALA D 670 66.80 -0.03 -72.88
C ALA D 670 65.84 -1.19 -72.70
N GLN D 671 66.33 -2.43 -72.86
CA GLN D 671 65.52 -3.60 -72.50
C GLN D 671 65.23 -3.63 -71.00
N LEU D 672 66.21 -3.22 -70.19
CA LEU D 672 65.99 -3.11 -68.75
C LEU D 672 65.06 -1.94 -68.42
N VAL D 673 65.11 -0.88 -69.22
CA VAL D 673 64.13 0.22 -69.08
C VAL D 673 62.72 -0.27 -69.39
N ILE D 674 62.58 -1.13 -70.41
CA ILE D 674 61.29 -1.74 -70.74
C ILE D 674 60.82 -2.64 -69.60
N ALA D 675 61.74 -3.39 -69.00
CA ALA D 675 61.41 -4.20 -67.83
C ALA D 675 61.06 -3.35 -66.61
N PHE D 676 61.56 -2.11 -66.53
CA PHE D 676 61.23 -1.21 -65.44
C PHE D 676 59.80 -0.67 -65.46
N ILE D 677 59.03 -0.93 -66.53
CA ILE D 677 57.75 -0.27 -66.73
C ILE D 677 56.70 -0.80 -65.74
N LEU D 678 56.71 -2.11 -65.50
CA LEU D 678 55.63 -2.76 -64.74
C LEU D 678 55.69 -2.52 -63.24
N ILE D 679 56.55 -1.63 -62.75
CA ILE D 679 56.75 -1.48 -61.31
C ILE D 679 55.67 -0.60 -60.71
N CYS D 680 55.44 0.59 -61.27
CA CYS D 680 54.58 1.59 -60.65
C CYS D 680 53.10 1.38 -60.92
N ILE D 681 52.74 0.35 -61.68
CA ILE D 681 51.33 0.13 -62.03
C ILE D 681 50.54 -0.30 -60.78
N GLN D 682 51.12 -1.14 -59.95
CA GLN D 682 50.48 -1.48 -58.68
C GLN D 682 50.57 -0.33 -57.70
N LEU D 683 51.67 0.44 -57.75
CA LEU D 683 51.89 1.55 -56.83
C LEU D 683 50.86 2.66 -57.00
N GLY D 684 50.46 2.92 -58.26
CA GLY D 684 49.41 3.90 -58.49
C GLY D 684 48.06 3.47 -57.91
N ILE D 685 47.76 2.19 -58.00
CA ILE D 685 46.49 1.69 -57.48
C ILE D 685 46.49 1.67 -55.95
N ILE D 686 47.64 1.36 -55.34
CA ILE D 686 47.74 1.41 -53.89
C ILE D 686 47.71 2.86 -53.38
N VAL D 687 48.26 3.79 -54.17
CA VAL D 687 48.14 5.21 -53.83
C VAL D 687 46.69 5.67 -53.94
N ALA D 688 45.97 5.16 -54.93
CA ALA D 688 44.54 5.45 -55.05
C ALA D 688 43.75 4.87 -53.89
N LEU D 689 44.17 3.71 -53.37
CA LEU D 689 43.52 3.16 -52.19
C LEU D 689 43.87 3.95 -50.93
N PHE D 690 45.08 4.53 -50.89
CA PHE D 690 45.44 5.43 -49.79
C PHE D 690 44.59 6.69 -49.82
N ILE D 691 44.29 7.21 -51.02
CA ILE D 691 43.41 8.35 -51.15
C ILE D 691 41.98 7.97 -50.77
N MET D 692 41.51 6.82 -51.27
CA MET D 692 40.15 6.37 -50.98
C MET D 692 39.99 5.85 -49.56
N GLU D 693 41.08 5.51 -48.89
CA GLU D 693 41.01 5.11 -47.48
C GLU D 693 42.32 5.41 -46.77
N PRO D 694 42.31 6.27 -45.76
CA PRO D 694 43.53 6.54 -45.01
C PRO D 694 43.81 5.42 -44.01
N PRO D 695 45.08 5.09 -43.79
CA PRO D 695 45.41 4.09 -42.78
C PRO D 695 45.26 4.61 -41.35
N ASP D 696 44.20 4.16 -40.67
CA ASP D 696 43.85 4.65 -39.34
C ASP D 696 43.56 3.48 -38.43
N ILE D 697 43.44 3.77 -37.14
CA ILE D 697 43.25 2.74 -36.12
C ILE D 697 41.78 2.38 -36.01
N MET D 698 41.52 1.11 -35.69
CA MET D 698 40.18 0.61 -35.45
C MET D 698 40.21 -0.36 -34.28
N HIS D 699 39.14 -0.35 -33.48
CA HIS D 699 39.01 -1.30 -32.39
C HIS D 699 38.19 -2.51 -32.84
N ASP D 700 38.44 -3.64 -32.17
CA ASP D 700 37.69 -4.85 -32.42
C ASP D 700 37.16 -5.38 -31.10
N TYR D 701 35.97 -5.97 -31.16
CA TYR D 701 35.36 -6.61 -30.01
C TYR D 701 34.70 -7.89 -30.47
N PRO D 702 35.46 -9.00 -30.52
CA PRO D 702 34.88 -10.28 -30.90
C PRO D 702 33.92 -10.79 -29.85
N SER D 703 34.36 -10.77 -28.61
CA SER D 703 33.53 -11.06 -27.45
C SER D 703 33.31 -9.78 -26.67
N ILE D 704 32.64 -9.92 -25.53
CA ILE D 704 32.48 -8.77 -24.65
C ILE D 704 33.80 -8.48 -23.93
N ARG D 705 34.47 -9.53 -23.46
CA ARG D 705 35.76 -9.35 -22.81
C ARG D 705 36.89 -9.06 -23.78
N GLU D 706 36.84 -9.66 -24.97
CA GLU D 706 37.97 -9.61 -25.89
C GLU D 706 38.03 -8.24 -26.57
N VAL D 707 39.14 -7.53 -26.35
CA VAL D 707 39.33 -6.17 -26.83
C VAL D 707 40.59 -6.15 -27.69
N TYR D 708 40.50 -5.58 -28.88
CA TYR D 708 41.64 -5.51 -29.79
C TYR D 708 41.70 -4.13 -30.42
N LEU D 709 42.86 -3.82 -31.00
CA LEU D 709 43.07 -2.59 -31.75
C LEU D 709 43.72 -2.96 -33.08
N ILE D 710 43.05 -2.66 -34.18
CA ILE D 710 43.51 -3.03 -35.51
C ILE D 710 43.59 -1.79 -36.39
N CYS D 711 43.99 -2.01 -37.64
CA CYS D 711 43.91 -0.98 -38.65
C CYS D 711 42.59 -1.11 -39.42
N ASN D 712 42.23 -0.05 -40.11
CA ASN D 712 41.07 -0.08 -40.99
C ASN D 712 41.39 -0.91 -42.22
N THR D 713 41.07 -2.20 -42.16
CA THR D 713 41.41 -3.16 -43.20
C THR D 713 40.14 -3.65 -43.87
N THR D 714 40.07 -3.51 -45.19
CA THR D 714 38.98 -4.05 -45.99
C THR D 714 39.39 -5.42 -46.55
N ASN D 715 38.39 -6.17 -47.00
CA ASN D 715 38.65 -7.47 -47.62
C ASN D 715 39.35 -7.29 -48.96
N LEU D 716 38.94 -6.30 -49.74
CA LEU D 716 39.57 -6.04 -51.03
C LEU D 716 40.90 -5.30 -50.91
N GLY D 717 41.24 -4.80 -49.73
CA GLY D 717 42.47 -4.03 -49.55
C GLY D 717 43.73 -4.85 -49.70
N VAL D 718 43.65 -6.17 -49.51
CA VAL D 718 44.77 -7.06 -49.73
C VAL D 718 44.58 -7.87 -51.01
N VAL D 719 43.34 -8.07 -51.46
CA VAL D 719 43.09 -8.72 -52.74
C VAL D 719 43.54 -7.82 -53.88
N THR D 720 43.49 -6.50 -53.70
CA THR D 720 43.87 -5.55 -54.75
C THR D 720 45.37 -5.60 -55.10
N PRO D 721 46.32 -5.71 -54.15
CA PRO D 721 47.69 -6.07 -54.60
C PRO D 721 47.83 -7.52 -55.01
N LEU D 722 46.87 -8.38 -54.67
CA LEU D 722 46.93 -9.78 -55.08
C LEU D 722 46.22 -10.04 -56.40
N GLY D 723 45.22 -9.22 -56.75
CA GLY D 723 44.48 -9.46 -57.97
C GLY D 723 45.29 -9.20 -59.23
N TYR D 724 46.22 -8.24 -59.16
CA TYR D 724 47.13 -8.03 -60.27
C TYR D 724 48.26 -9.05 -60.26
N ASN D 725 48.74 -9.41 -59.07
CA ASN D 725 49.86 -10.36 -58.96
C ASN D 725 49.46 -11.79 -59.30
N GLY D 726 48.16 -12.10 -59.24
CA GLY D 726 47.74 -13.46 -59.57
C GLY D 726 47.81 -13.76 -61.05
N LEU D 727 47.42 -12.79 -61.88
CA LEU D 727 47.51 -12.97 -63.33
C LEU D 727 48.96 -12.94 -63.81
N LEU D 728 49.83 -12.24 -63.09
CA LEU D 728 51.25 -12.22 -63.41
C LEU D 728 51.91 -13.58 -63.21
N ILE D 729 51.35 -14.43 -62.34
CA ILE D 729 51.84 -15.79 -62.17
C ILE D 729 51.62 -16.59 -63.44
N LEU D 730 50.41 -16.53 -64.00
CA LEU D 730 50.14 -17.20 -65.27
C LEU D 730 50.88 -16.55 -66.43
N SER D 731 51.15 -15.25 -66.33
CA SER D 731 51.92 -14.55 -67.37
C SER D 731 53.37 -15.05 -67.39
N CYS D 732 54.00 -15.15 -66.23
CA CYS D 732 55.35 -15.68 -66.16
C CYS D 732 55.39 -17.19 -66.39
N THR D 733 54.27 -17.88 -66.17
CA THR D 733 54.19 -19.30 -66.51
C THR D 733 54.15 -19.49 -68.03
N PHE D 734 53.34 -18.68 -68.72
CA PHE D 734 53.32 -18.73 -70.18
C PHE D 734 54.62 -18.23 -70.79
N TYR D 735 55.29 -17.29 -70.12
CA TYR D 735 56.58 -16.81 -70.59
C TYR D 735 57.72 -17.74 -70.24
N ALA D 736 57.49 -18.72 -69.37
CA ALA D 736 58.52 -19.68 -69.00
C ALA D 736 57.94 -21.10 -68.96
N PHE D 737 57.13 -21.43 -69.96
CA PHE D 737 56.55 -22.78 -70.03
C PHE D 737 57.51 -23.77 -70.65
N LYS D 738 57.93 -23.52 -71.89
CA LYS D 738 58.86 -24.41 -72.57
C LYS D 738 60.30 -24.22 -72.10
N THR D 739 60.58 -23.19 -71.28
CA THR D 739 61.94 -22.95 -70.81
C THR D 739 62.40 -23.99 -69.80
N ARG D 740 61.48 -24.76 -69.21
CA ARG D 740 61.83 -25.85 -68.31
C ARG D 740 62.57 -26.98 -69.01
N ASN D 741 62.50 -27.05 -70.35
CA ASN D 741 63.28 -27.99 -71.13
C ASN D 741 64.33 -27.27 -72.00
N VAL D 742 64.67 -26.04 -71.64
CA VAL D 742 65.71 -25.27 -72.31
C VAL D 742 66.89 -25.16 -71.34
N PRO D 743 68.01 -25.84 -71.59
CA PRO D 743 69.14 -25.85 -70.64
C PRO D 743 70.00 -24.59 -70.72
N ALA D 744 69.46 -23.49 -70.23
CA ALA D 744 70.14 -22.20 -70.31
C ALA D 744 70.82 -21.88 -68.99
N ASN D 745 72.15 -21.66 -69.04
CA ASN D 745 72.96 -21.10 -67.95
C ASN D 745 72.91 -21.97 -66.69
N PHE D 746 73.46 -23.18 -66.84
CA PHE D 746 73.46 -24.22 -65.80
C PHE D 746 72.04 -24.58 -65.38
N ASN D 747 71.16 -24.77 -66.37
CA ASN D 747 69.75 -25.14 -66.19
C ASN D 747 69.01 -24.12 -65.33
N GLU D 748 69.27 -22.83 -65.58
CA GLU D 748 68.73 -21.76 -64.75
C GLU D 748 67.22 -21.64 -64.94
N ALA D 749 66.73 -21.85 -66.16
CA ALA D 749 65.31 -21.74 -66.42
C ALA D 749 64.53 -22.91 -65.81
N LYS D 750 65.19 -24.07 -65.65
CA LYS D 750 64.58 -25.18 -64.95
C LYS D 750 64.37 -24.85 -63.48
N TYR D 751 65.39 -24.30 -62.82
CA TYR D 751 65.24 -23.86 -61.45
C TYR D 751 64.30 -22.67 -61.33
N ILE D 752 64.16 -21.86 -62.38
CA ILE D 752 63.22 -20.73 -62.35
C ILE D 752 61.79 -21.23 -62.42
N ALA D 753 61.53 -22.22 -63.28
CA ALA D 753 60.20 -22.82 -63.35
C ALA D 753 59.87 -23.59 -62.08
N PHE D 754 60.87 -24.27 -61.51
CA PHE D 754 60.69 -24.94 -60.22
C PHE D 754 60.45 -23.92 -59.11
N THR D 755 61.07 -22.76 -59.20
CA THR D 755 60.90 -21.70 -58.23
C THR D 755 59.50 -21.12 -58.29
N MET D 756 59.00 -20.86 -59.51
CA MET D 756 57.65 -20.34 -59.67
C MET D 756 56.61 -21.39 -59.27
N TYR D 757 56.89 -22.66 -59.54
CA TYR D 757 56.02 -23.76 -59.13
C TYR D 757 55.96 -23.87 -57.61
N THR D 758 57.08 -23.65 -56.94
CA THR D 758 57.09 -23.62 -55.48
C THR D 758 56.39 -22.38 -54.95
N THR D 759 56.53 -21.26 -55.65
CA THR D 759 56.05 -19.97 -55.18
C THR D 759 54.53 -19.86 -55.24
N CYS D 760 53.92 -20.33 -56.33
CA CYS D 760 52.50 -20.09 -56.58
C CYS D 760 51.58 -20.80 -55.59
N ILE D 761 52.06 -21.86 -54.93
CA ILE D 761 51.21 -22.68 -54.09
C ILE D 761 50.76 -21.94 -52.83
N ILE D 762 51.70 -21.23 -52.18
CA ILE D 762 51.33 -20.52 -50.97
C ILE D 762 50.50 -19.27 -51.28
N TRP D 763 50.70 -18.66 -52.45
CA TRP D 763 49.82 -17.57 -52.85
C TRP D 763 48.42 -18.07 -53.18
N LEU D 764 48.30 -19.32 -53.64
CA LEU D 764 46.98 -19.94 -53.71
C LEU D 764 46.42 -20.20 -52.31
N ALA D 765 47.29 -20.60 -51.38
CA ALA D 765 46.83 -21.07 -50.08
C ALA D 765 46.50 -19.94 -49.12
N PHE D 766 46.96 -18.72 -49.39
CA PHE D 766 46.86 -17.66 -48.39
C PHE D 766 45.42 -17.22 -48.13
N VAL D 767 44.57 -17.22 -49.14
CA VAL D 767 43.24 -16.63 -49.06
C VAL D 767 42.31 -17.33 -48.05
N PRO D 768 42.13 -18.67 -48.05
CA PRO D 768 41.25 -19.23 -47.01
C PRO D 768 41.92 -19.30 -45.65
N ILE D 769 43.25 -19.40 -45.59
CA ILE D 769 43.91 -19.47 -44.29
C ILE D 769 43.97 -18.09 -43.63
N TYR D 770 43.83 -17.01 -44.39
CA TYR D 770 43.72 -15.68 -43.80
C TYR D 770 42.27 -15.32 -43.51
N PHE D 771 41.35 -15.65 -44.42
CA PHE D 771 39.96 -15.27 -44.19
C PHE D 771 39.30 -16.13 -43.12
N GLY D 772 39.69 -17.40 -43.02
CA GLY D 772 39.07 -18.28 -42.04
C GLY D 772 39.60 -18.11 -40.64
N SER D 773 40.83 -17.60 -40.51
CA SER D 773 41.43 -17.45 -39.19
C SER D 773 40.83 -16.24 -38.47
N ASN D 774 41.10 -16.18 -37.16
CA ASN D 774 40.60 -15.10 -36.32
C ASN D 774 41.66 -14.04 -36.01
N TYR D 775 42.90 -14.24 -36.44
CA TYR D 775 43.93 -13.24 -36.24
C TYR D 775 44.55 -12.74 -37.54
N LYS D 776 44.86 -13.66 -38.47
CA LYS D 776 45.38 -13.45 -39.85
C LYS D 776 46.54 -12.45 -39.92
N ILE D 777 47.30 -12.28 -38.84
CA ILE D 777 48.32 -11.24 -38.84
C ILE D 777 49.69 -11.89 -38.72
N ILE D 778 49.73 -13.06 -38.08
CA ILE D 778 50.96 -13.84 -38.07
C ILE D 778 50.97 -14.76 -39.28
N THR D 779 49.77 -15.10 -39.76
CA THR D 779 49.61 -15.72 -41.07
C THR D 779 50.15 -14.80 -42.16
N MET D 780 50.00 -13.48 -41.98
CA MET D 780 50.48 -12.53 -42.97
C MET D 780 52.00 -12.55 -43.10
N CYS D 781 52.71 -12.36 -41.99
CA CYS D 781 54.16 -12.37 -42.03
C CYS D 781 54.71 -13.76 -42.33
N PHE D 782 53.98 -14.79 -41.90
CA PHE D 782 54.30 -16.16 -42.28
C PHE D 782 54.25 -16.35 -43.79
N SER D 783 53.22 -15.78 -44.43
CA SER D 783 53.09 -15.87 -45.88
C SER D 783 54.16 -15.05 -46.59
N VAL D 784 54.51 -13.88 -46.02
CA VAL D 784 55.54 -13.05 -46.61
C VAL D 784 56.89 -13.76 -46.58
N SER D 785 57.25 -14.34 -45.43
CA SER D 785 58.53 -15.03 -45.33
C SER D 785 58.53 -16.34 -46.12
N LEU D 786 57.38 -17.00 -46.25
CA LEU D 786 57.30 -18.19 -47.08
C LEU D 786 57.43 -17.84 -48.57
N SER D 787 56.91 -16.67 -48.97
CA SER D 787 57.09 -16.24 -50.35
C SER D 787 58.51 -15.79 -50.61
N ALA D 788 59.19 -15.27 -49.60
CA ALA D 788 60.53 -14.75 -49.79
C ALA D 788 61.62 -15.80 -49.63
N THR D 789 61.33 -16.93 -48.98
CA THR D 789 62.37 -17.92 -48.71
C THR D 789 62.77 -18.69 -49.96
N VAL D 790 61.80 -19.30 -50.64
CA VAL D 790 62.11 -20.28 -51.68
C VAL D 790 62.64 -19.62 -52.93
N ALA D 791 62.29 -18.35 -53.16
CA ALA D 791 62.75 -17.62 -54.34
C ALA D 791 64.24 -17.38 -54.32
N LEU D 792 64.83 -17.29 -53.13
CA LEU D 792 66.28 -17.21 -52.97
C LEU D 792 66.91 -18.56 -52.73
N GLY D 793 66.17 -19.49 -52.11
CA GLY D 793 66.72 -20.80 -51.83
C GLY D 793 66.89 -21.67 -53.06
N CYS D 794 66.04 -21.47 -54.07
CA CYS D 794 66.11 -22.28 -55.28
C CYS D 794 66.83 -21.59 -56.42
N MET D 795 67.25 -20.34 -56.26
CA MET D 795 67.89 -19.58 -57.32
C MET D 795 69.34 -19.22 -57.01
N PHE D 796 69.61 -18.74 -55.80
CA PHE D 796 70.92 -18.16 -55.52
C PHE D 796 71.94 -19.21 -55.10
N VAL D 797 71.51 -20.24 -54.36
CA VAL D 797 72.43 -21.25 -53.84
C VAL D 797 73.01 -22.13 -54.95
N PRO D 798 72.25 -22.67 -55.93
CA PRO D 798 72.92 -23.40 -57.02
C PRO D 798 73.66 -22.49 -57.99
N LYS D 799 73.30 -21.21 -58.09
CA LYS D 799 74.01 -20.34 -59.01
C LYS D 799 75.38 -19.94 -58.45
N VAL D 800 75.46 -19.68 -57.15
CA VAL D 800 76.72 -19.24 -56.55
C VAL D 800 77.59 -20.42 -56.13
N TYR D 801 76.99 -21.47 -55.58
CA TYR D 801 77.79 -22.56 -55.04
C TYR D 801 78.42 -23.43 -56.13
N ILE D 802 77.81 -23.50 -57.31
CA ILE D 802 78.38 -24.31 -58.38
C ILE D 802 79.58 -23.64 -59.02
N ILE D 803 79.71 -22.32 -58.90
CA ILE D 803 80.86 -21.60 -59.43
C ILE D 803 81.84 -21.21 -58.32
N LEU D 804 81.80 -21.90 -57.19
CA LEU D 804 82.72 -21.65 -56.09
C LEU D 804 84.12 -22.13 -56.46
C1 NAG E . -11.77 -1.65 -21.04
C2 NAG E . -11.02 -2.96 -21.25
C3 NAG E . -11.63 -3.73 -22.43
C4 NAG E . -13.13 -3.89 -22.26
C5 NAG E . -13.78 -2.53 -21.99
C6 NAG E . -15.25 -2.63 -21.68
C7 NAG E . -8.65 -3.58 -21.09
C8 NAG E . -7.24 -3.18 -21.40
N2 NAG E . -9.61 -2.73 -21.47
O3 NAG E . -11.02 -5.01 -22.54
O4 NAG E . -13.69 -4.44 -23.44
O5 NAG E . -13.16 -1.91 -20.85
O6 NAG E . -15.64 -1.69 -20.69
O7 NAG E . -8.91 -4.65 -20.54
C1 NAG F . -45.07 -9.81 5.65
C2 NAG F . -46.46 -10.31 5.26
C3 NAG F . -46.83 -11.56 6.06
C4 NAG F . -45.73 -12.62 5.92
C5 NAG F . -44.39 -12.03 6.30
C6 NAG F . -43.24 -12.99 6.10
C7 NAG F . -48.15 -8.74 4.45
C8 NAG F . -49.14 -7.68 4.83
N2 NAG F . -47.46 -9.28 5.46
O3 NAG F . -48.07 -12.07 5.60
O4 NAG F . -46.04 -13.73 6.75
O5 NAG F . -44.11 -10.88 5.49
O6 NAG F . -41.98 -12.33 6.28
O7 NAG F . -47.97 -9.08 3.28
C01 QUS G . -25.61 10.25 4.34
C02 QUS G . -26.40 11.09 3.35
C03 QUS G . -26.65 12.46 3.95
C04 QUS G . -27.54 13.78 2.07
C05 QUS G . -25.82 14.98 1.59
NP3 QUS G . -27.67 10.47 3.07
N14 QUS G . -26.56 13.45 2.90
N15 QUS G . -27.09 14.73 1.26
O16 QUS G . -25.77 9.00 4.37
O17 QUS G . -24.81 10.79 5.13
O18 QUS G . -28.64 13.31 2.06
O19 QUS G . -25.13 15.77 1.05
O20 QUS G . -25.50 14.19 2.61
C1 NAG H . 20.53 -2.83 12.35
C2 NAG H . 21.23 -2.23 11.13
C3 NAG H . 22.68 -1.90 11.48
C4 NAG H . 22.76 -1.03 12.71
C5 NAG H . 21.98 -1.67 13.87
C6 NAG H . 21.90 -0.79 15.09
C7 NAG H . 21.12 -2.75 8.73
C8 NAG H . 21.05 -3.83 7.69
N2 NAG H . 21.17 -3.15 10.00
O3 NAG H . 23.30 -1.23 10.38
O4 NAG H . 24.11 -0.87 13.12
O5 NAG H . 20.62 -1.92 13.45
O6 NAG H . 20.63 -0.90 15.73
O7 NAG H . 21.14 -1.56 8.43
C1 NAG I . 4.04 30.32 35.10
C2 NAG I . 4.77 31.15 36.17
C3 NAG I . 4.65 32.64 35.83
C4 NAG I . 5.15 32.91 34.42
C5 NAG I . 4.39 32.03 33.43
C6 NAG I . 4.89 32.15 32.02
C7 NAG I . 4.95 30.32 38.46
C8 NAG I . 4.24 30.12 39.77
N2 NAG I . 4.23 30.89 37.49
O3 NAG I . 5.42 33.39 36.77
O4 NAG I . 4.93 34.28 34.09
O5 NAG I . 4.56 30.64 33.80
O6 NAG I . 4.30 31.18 31.17
O7 NAG I . 6.11 29.98 38.29
C01 QUS J . -5.67 5.48 26.98
C02 QUS J . -5.15 4.70 28.18
C03 QUS J . -6.33 4.05 28.88
C04 QUS J . -5.21 2.54 30.47
C05 QUS J . -5.54 0.64 29.51
NP3 QUS J . -4.48 5.59 29.11
N14 QUS J . -5.88 2.76 29.36
N15 QUS J . -4.98 1.23 30.56
O16 QUS J . -5.06 6.49 26.58
O17 QUS J . -6.71 5.10 26.38
O18 QUS J . -4.85 3.36 31.24
O19 QUS J . -5.52 -0.52 29.28
O20 QUS J . -6.10 1.59 28.75
#